data_6RJ1
#
_entry.id   6RJ1
#
_cell.length_a   97.796
_cell.length_b   114.434
_cell.length_c   165.054
_cell.angle_alpha   90.00
_cell.angle_beta   90.00
_cell.angle_gamma   90.00
#
_symmetry.space_group_name_H-M   'P 21 21 21'
#
loop_
_entity.id
_entity.type
_entity.pdbx_description
1 polymer 'Mgp-operon protein 3'
2 water water
#
_entity_poly.entity_id   1
_entity_poly.type   'polypeptide(L)'
_entity_poly.pdbx_seq_one_letter_code
;SLANTYLLQDHNTLTPYTPFTTPLNGGLDVVRAAHLHPSYELVDWKRVGDTKLVALVRSALVRVKFQDTTSSDQSNTNQN
ALSFDTQESQKALNGSQSGSSDTSGSNSQDFASYVLIFKAAPRATWVFERKIKLALPYVKQESQGSGDQGSNGKGSLYKT
LQDLLVEQPVTPYTPNAGLARVNGVAQDTVHFGSGQESSWNSQRSQKGLKNNPGPKAVTGFKLDKGRAYRKLNESWPVYE
PLDSTKEGKGKDESSWKNSEKTTAENDAPLVGMVGSGAAGSASSLQGNGSNSSGLKSLLRSAPVSVPPSSTSNQTLSLSN
PAPVGPQAVVSQPAGGATAAVSVNRTASDTATFSKYLNTAQALHQMGVIVPGLEKWGGNNGTGVVASRQDATSTNLPHAA
GASQTGLGTGSPREPALTATSQRAVTVVAGPLRAGNSSETDALPNVITQLYHTSTAQLAYLNGQIVVMGSDRVPSLWYWV
VGEDQESGKATWWAKTELNWGTDKQKQFVENQLGFKDDSNSDSKNSNLKAQGLTQPAYLIAGLDVVADHLVFAAFKAGAV
GYDMTTDSSASTYNQALAWSTTAGLDSDGGYKALVENTAGLNGPINGLFTLLDTFAYVTPVSGMKGGSQNNEEVQTTYPV
KSDQKATAKIASLINASPLNSYGDDGVTVFDALGLNFNFKLNEERLPSRTDQLLVYGIVNESELKSARENAQSTSDDNSN
TKVKWTNTASHYLPVPYYYSANFPEAGNRRRAEQRNGVKISTLESQATDGFANSLLNFGTGLKAGVDPAPVARGHKPNYS
AVLLVRGGVVRLNFNPDTDKLLDSTDKNSEPISFSYTPFGSAESAVDLTTLKDVTYIAESGLWFYTFDNGEKPTYDGKQQ
QVKNRKGYAVITVSRTGIEFNEDANTTTLSQAPAALAVQNGIASSQDDLTGILPLSDEFSAVITKDQTWTGKVDIYKNTN
GLFEKDDQLSENVKRR
;
_entity_poly.pdbx_strand_id   A,B
#
# COMPACT_ATOMS: atom_id res chain seq x y z
N SER A 1 -5.05 -27.73 50.34
CA SER A 1 -5.63 -27.90 51.67
C SER A 1 -6.69 -26.82 51.94
N LEU A 2 -7.66 -27.10 52.82
CA LEU A 2 -8.68 -26.13 53.20
C LEU A 2 -8.08 -25.03 54.07
N ALA A 3 -7.08 -25.40 54.90
CA ALA A 3 -6.36 -24.50 55.80
C ALA A 3 -5.57 -23.43 55.03
N ASN A 4 -5.31 -23.66 53.72
CA ASN A 4 -4.61 -22.71 52.88
C ASN A 4 -5.50 -21.46 52.58
N THR A 5 -4.85 -20.32 52.30
CA THR A 5 -5.52 -19.03 52.02
C THR A 5 -4.86 -18.37 50.84
N TYR A 6 -5.64 -17.58 50.08
CA TYR A 6 -5.18 -16.82 48.91
C TYR A 6 -5.37 -15.34 49.20
N LEU A 7 -4.31 -14.54 49.05
CA LEU A 7 -4.35 -13.11 49.32
C LEU A 7 -4.79 -12.33 48.09
N LEU A 8 -5.85 -11.51 48.23
CA LEU A 8 -6.35 -10.67 47.14
C LEU A 8 -6.33 -9.20 47.53
N GLN A 9 -5.90 -8.34 46.60
CA GLN A 9 -5.84 -6.90 46.82
C GLN A 9 -7.13 -6.20 46.42
N ASP A 10 -7.49 -5.17 47.21
CA ASP A 10 -8.58 -4.21 46.98
C ASP A 10 -8.03 -2.89 47.53
N HIS A 11 -7.44 -2.09 46.62
N HIS A 11 -7.42 -2.09 46.63
CA HIS A 11 -6.76 -0.81 46.84
CA HIS A 11 -6.79 -0.79 46.86
C HIS A 11 -5.62 -0.94 47.89
C HIS A 11 -5.63 -0.88 47.88
N ASN A 12 -5.90 -0.68 49.20
CA ASN A 12 -4.87 -0.76 50.25
C ASN A 12 -5.05 -1.96 51.18
N THR A 13 -6.07 -2.78 50.90
CA THR A 13 -6.41 -3.95 51.70
C THR A 13 -6.04 -5.25 50.99
N LEU A 14 -5.34 -6.15 51.72
CA LEU A 14 -4.96 -7.48 51.28
C LEU A 14 -5.82 -8.43 52.11
N THR A 15 -6.85 -9.04 51.48
CA THR A 15 -7.80 -9.91 52.17
C THR A 15 -7.51 -11.42 51.94
N PRO A 16 -7.53 -12.24 53.01
CA PRO A 16 -7.31 -13.70 52.80
C PRO A 16 -8.60 -14.42 52.42
N TYR A 17 -8.59 -15.11 51.29
CA TYR A 17 -9.73 -15.86 50.80
C TYR A 17 -9.50 -17.35 51.02
N THR A 18 -10.55 -18.07 51.46
CA THR A 18 -10.48 -19.50 51.70
C THR A 18 -10.78 -20.26 50.41
N PRO A 19 -10.44 -21.58 50.29
CA PRO A 19 -10.82 -22.32 49.07
C PRO A 19 -12.35 -22.57 48.97
N PHE A 20 -13.15 -21.95 49.88
CA PHE A 20 -14.60 -21.94 49.86
C PHE A 20 -15.07 -20.68 49.10
N THR A 21 -14.11 -19.85 48.62
CA THR A 21 -14.22 -18.60 47.84
C THR A 21 -14.67 -17.39 48.70
N THR A 22 -14.72 -17.56 50.04
CA THR A 22 -15.14 -16.49 50.94
C THR A 22 -13.96 -15.89 51.73
N PRO A 23 -13.98 -14.56 51.99
CA PRO A 23 -12.90 -13.97 52.80
C PRO A 23 -12.93 -14.45 54.24
N LEU A 24 -11.75 -14.76 54.79
CA LEU A 24 -11.58 -15.26 56.15
C LEU A 24 -11.79 -14.14 57.18
N ASN A 25 -11.30 -12.92 56.86
CA ASN A 25 -11.42 -11.72 57.68
C ASN A 25 -11.46 -10.47 56.79
N GLY A 26 -11.68 -9.30 57.40
CA GLY A 26 -11.76 -8.00 56.74
C GLY A 26 -10.55 -7.55 55.95
N GLY A 27 -9.45 -8.31 56.05
CA GLY A 27 -8.21 -8.02 55.36
C GLY A 27 -7.30 -7.04 56.07
N LEU A 28 -6.08 -6.92 55.57
CA LEU A 28 -5.09 -6.02 56.16
C LEU A 28 -5.00 -4.69 55.39
N ASP A 29 -5.32 -3.55 56.07
CA ASP A 29 -5.18 -2.23 55.46
C ASP A 29 -3.74 -1.83 55.71
N VAL A 30 -2.91 -2.11 54.71
CA VAL A 30 -1.46 -1.90 54.69
C VAL A 30 -1.06 -0.49 55.16
N VAL A 31 -1.76 0.56 54.68
CA VAL A 31 -1.49 1.96 55.01
C VAL A 31 -1.84 2.28 56.48
N ARG A 32 -3.05 1.89 56.94
N ARG A 32 -3.05 1.89 56.94
CA ARG A 32 -3.51 2.09 58.31
CA ARG A 32 -3.51 2.09 58.32
C ARG A 32 -2.63 1.33 59.30
C ARG A 32 -2.66 1.31 59.32
N ALA A 33 -2.31 0.05 59.00
CA ALA A 33 -1.49 -0.84 59.85
C ALA A 33 -0.05 -0.37 60.01
N ALA A 34 0.51 0.28 58.97
CA ALA A 34 1.88 0.80 59.00
C ALA A 34 1.98 2.18 59.66
N HIS A 35 0.82 2.72 60.12
CA HIS A 35 0.68 4.03 60.76
C HIS A 35 1.11 5.14 59.80
N LEU A 36 0.62 5.04 58.56
CA LEU A 36 0.92 5.97 57.48
C LEU A 36 -0.26 6.87 57.15
N HIS A 37 0.05 8.05 56.59
CA HIS A 37 -0.89 9.07 56.17
C HIS A 37 -1.88 8.53 55.12
N PRO A 38 -3.18 8.96 55.15
CA PRO A 38 -4.16 8.47 54.16
C PRO A 38 -3.80 8.63 52.68
N SER A 39 -2.89 9.55 52.32
CA SER A 39 -2.44 9.76 50.93
C SER A 39 -1.63 8.59 50.36
N TYR A 40 -1.12 7.70 51.25
CA TYR A 40 -0.36 6.54 50.83
C TYR A 40 -1.23 5.53 50.11
N GLU A 41 -0.66 4.94 49.07
CA GLU A 41 -1.33 4.01 48.18
C GLU A 41 -0.42 2.78 47.98
N LEU A 42 -1.00 1.56 48.13
CA LEU A 42 -0.28 0.31 47.95
C LEU A 42 -0.08 0.08 46.45
N VAL A 43 1.19 -0.01 46.01
CA VAL A 43 1.63 -0.15 44.60
C VAL A 43 1.97 -1.58 44.24
N ASP A 44 2.66 -2.29 45.12
CA ASP A 44 3.09 -3.68 44.91
C ASP A 44 3.27 -4.35 46.25
N TRP A 45 3.19 -5.67 46.27
CA TRP A 45 3.33 -6.47 47.49
C TRP A 45 3.73 -7.90 47.11
N LYS A 46 4.48 -8.57 47.98
CA LYS A 46 4.93 -9.94 47.76
C LYS A 46 4.85 -10.71 49.08
N ARG A 47 4.35 -11.95 49.02
CA ARG A 47 4.31 -12.84 50.18
C ARG A 47 5.67 -13.56 50.15
N VAL A 48 6.44 -13.50 51.25
CA VAL A 48 7.76 -14.10 51.34
C VAL A 48 7.72 -15.30 52.28
N GLY A 49 7.79 -16.48 51.70
CA GLY A 49 7.71 -17.73 52.46
C GLY A 49 6.33 -17.86 53.04
N ASP A 50 6.25 -18.18 54.34
CA ASP A 50 4.98 -18.37 55.04
C ASP A 50 4.78 -17.40 56.25
N THR A 51 5.85 -16.74 56.73
CA THR A 51 5.75 -15.84 57.88
C THR A 51 6.01 -14.35 57.52
N LYS A 52 6.22 -14.03 56.23
CA LYS A 52 6.52 -12.66 55.81
C LYS A 52 5.67 -12.12 54.65
N LEU A 53 5.37 -10.82 54.71
CA LEU A 53 4.65 -10.07 53.70
C LEU A 53 5.32 -8.71 53.54
N VAL A 54 5.80 -8.43 52.34
CA VAL A 54 6.50 -7.20 51.97
C VAL A 54 5.56 -6.35 51.10
N ALA A 55 5.42 -5.05 51.41
CA ALA A 55 4.56 -4.14 50.65
C ALA A 55 5.33 -2.88 50.22
N LEU A 56 4.86 -2.21 49.16
CA LEU A 56 5.43 -0.98 48.61
C LEU A 56 4.33 0.08 48.55
N VAL A 57 4.56 1.21 49.22
CA VAL A 57 3.58 2.30 49.28
C VAL A 57 4.19 3.64 48.89
N ARG A 58 3.40 4.49 48.23
CA ARG A 58 3.80 5.83 47.81
C ARG A 58 2.67 6.83 48.05
N SER A 59 3.00 8.12 48.16
CA SER A 59 2.01 9.18 48.38
C SER A 59 2.07 10.21 47.28
N ALA A 60 0.88 10.69 46.83
CA ALA A 60 0.75 11.73 45.80
C ALA A 60 1.14 13.12 46.36
N LEU A 61 1.50 13.16 47.65
CA LEU A 61 1.91 14.39 48.31
C LEU A 61 3.42 14.54 48.34
N VAL A 62 4.17 13.54 47.80
CA VAL A 62 5.63 13.60 47.75
C VAL A 62 6.08 14.74 46.83
N ARG A 63 7.05 15.56 47.28
CA ARG A 63 7.58 16.67 46.50
C ARG A 63 9.10 16.64 46.49
N VAL A 64 9.71 16.68 45.30
CA VAL A 64 11.16 16.61 45.16
C VAL A 64 11.71 17.90 44.53
N LYS A 65 12.87 18.37 45.02
CA LYS A 65 13.55 19.53 44.48
C LYS A 65 15.00 19.19 44.10
N PHE A 66 15.48 19.82 43.03
CA PHE A 66 16.85 19.70 42.57
C PHE A 66 17.50 21.07 42.68
N GLN A 67 18.61 21.16 43.42
CA GLN A 67 19.31 22.44 43.58
C GLN A 67 20.26 22.67 42.42
N ASP A 68 19.87 23.56 41.50
CA ASP A 68 20.64 23.93 40.32
C ASP A 68 20.96 25.41 40.40
N THR A 69 22.26 25.72 40.31
CA THR A 69 22.97 27.02 40.34
C THR A 69 24.38 26.69 40.83
N THR A 70 24.44 26.03 42.01
CA THR A 70 25.59 25.60 42.81
C THR A 70 26.46 26.85 43.15
N SER A 71 25.94 27.61 44.14
CA SER A 71 26.50 28.86 44.67
C SER A 71 27.83 28.69 45.42
N SER A 72 28.63 29.78 45.49
CA SER A 72 29.95 29.89 46.14
C SER A 72 31.00 28.90 45.56
N ASP A 73 32.11 28.66 46.30
CA ASP A 73 33.16 27.71 45.91
C ASP A 73 33.82 27.05 47.14
N GLN A 74 32.97 26.48 48.03
CA GLN A 74 33.29 25.75 49.26
C GLN A 74 32.01 25.12 49.85
N SER A 75 31.30 25.87 50.74
CA SER A 75 30.05 25.49 51.44
C SER A 75 30.22 24.18 52.28
N ASN A 76 29.22 23.28 52.27
CA ASN A 76 29.28 21.99 52.98
C ASN A 76 30.05 21.00 52.10
N THR A 77 29.96 21.18 50.76
CA THR A 77 30.59 20.40 49.68
C THR A 77 30.15 18.91 49.66
N ASN A 78 29.37 18.44 50.67
CA ASN A 78 28.91 17.06 50.74
C ASN A 78 27.37 16.93 50.88
N GLN A 79 26.64 17.95 50.39
CA GLN A 79 25.18 17.98 50.43
C GLN A 79 24.58 17.51 49.11
N ASN A 80 23.54 16.66 49.19
CA ASN A 80 22.84 16.12 48.03
C ASN A 80 22.01 17.22 47.36
N ALA A 81 22.14 17.36 46.03
CA ALA A 81 21.42 18.35 45.22
C ALA A 81 19.95 18.00 45.16
N LEU A 82 19.66 16.70 45.34
CA LEU A 82 18.34 16.09 45.38
C LEU A 82 17.88 16.02 46.83
N SER A 83 16.66 16.52 47.09
CA SER A 83 16.04 16.52 48.43
C SER A 83 14.52 16.58 48.33
N PHE A 84 13.84 16.21 49.42
CA PHE A 84 12.40 16.27 49.48
C PHE A 84 11.98 17.69 49.88
N ASP A 85 11.04 18.28 49.13
CA ASP A 85 10.51 19.62 49.38
C ASP A 85 9.31 19.55 50.33
N THR A 86 9.61 19.50 51.65
CA THR A 86 8.65 19.43 52.76
C THR A 86 7.64 20.60 52.72
N GLN A 87 8.12 21.81 52.34
CA GLN A 87 7.31 23.02 52.22
C GLN A 87 6.24 22.89 51.13
N GLU A 88 6.60 22.32 49.96
CA GLU A 88 5.69 22.09 48.84
C GLU A 88 4.69 20.98 49.17
N SER A 89 5.15 19.93 49.90
CA SER A 89 4.33 18.80 50.32
C SER A 89 3.23 19.26 51.28
N GLN A 90 3.55 20.22 52.17
CA GLN A 90 2.60 20.83 53.10
C GLN A 90 1.66 21.73 52.31
N LYS A 91 2.19 22.42 51.29
CA LYS A 91 1.43 23.32 50.41
C LYS A 91 0.37 22.53 49.64
N ALA A 92 0.76 21.35 49.12
CA ALA A 92 -0.10 20.43 48.38
C ALA A 92 -1.16 19.80 49.26
N LEU A 93 -0.88 19.61 50.57
CA LEU A 93 -1.81 19.04 51.55
C LEU A 93 -3.04 19.93 51.69
N ASN A 94 -2.83 21.27 51.70
CA ASN A 94 -3.84 22.32 51.78
C ASN A 94 -4.77 22.36 50.54
N GLY A 95 -4.42 21.62 49.49
CA GLY A 95 -5.17 21.48 48.26
C GLY A 95 -5.13 22.73 47.41
N SER A 106 -0.87 15.37 61.80
CA SER A 106 -0.47 16.78 61.77
C SER A 106 1.06 17.00 61.85
N ASN A 107 1.86 15.92 61.66
CA ASN A 107 3.33 15.96 61.73
C ASN A 107 4.01 16.23 60.38
N SER A 108 5.06 17.09 60.39
CA SER A 108 5.87 17.44 59.22
C SER A 108 6.54 16.17 58.66
N GLN A 109 6.36 15.94 57.35
CA GLN A 109 6.87 14.76 56.64
C GLN A 109 7.12 15.05 55.18
N ASP A 110 8.05 14.29 54.60
CA ASP A 110 8.45 14.36 53.19
C ASP A 110 7.57 13.51 52.27
N PHE A 111 6.72 12.62 52.84
CA PHE A 111 5.82 11.69 52.15
C PHE A 111 6.57 10.75 51.18
N ALA A 112 7.80 10.34 51.59
CA ALA A 112 8.65 9.42 50.84
C ALA A 112 8.00 8.06 50.73
N SER A 113 8.37 7.29 49.71
CA SER A 113 7.86 5.94 49.53
C SER A 113 8.49 4.99 50.55
N TYR A 114 7.73 3.96 50.94
CA TYR A 114 8.20 2.98 51.92
C TYR A 114 8.01 1.56 51.45
N VAL A 115 8.90 0.69 51.94
CA VAL A 115 8.83 -0.76 51.79
C VAL A 115 8.41 -1.17 53.19
N LEU A 116 7.25 -1.83 53.32
CA LEU A 116 6.71 -2.25 54.61
C LEU A 116 6.90 -3.74 54.80
N ILE A 117 7.33 -4.14 56.01
CA ILE A 117 7.56 -5.53 56.37
C ILE A 117 6.52 -5.93 57.42
N PHE A 118 5.84 -7.06 57.18
CA PHE A 118 4.82 -7.60 58.05
C PHE A 118 5.18 -9.03 58.42
N LYS A 119 4.84 -9.44 59.64
CA LYS A 119 5.07 -10.79 60.14
C LYS A 119 3.73 -11.47 60.29
N ALA A 120 3.67 -12.79 60.03
CA ALA A 120 2.43 -13.54 60.16
C ALA A 120 2.00 -13.65 61.61
N ALA A 121 0.69 -13.61 61.84
CA ALA A 121 0.07 -13.72 63.16
C ALA A 121 -1.09 -14.73 63.11
N PRO A 122 -1.61 -15.27 64.25
CA PRO A 122 -2.69 -16.26 64.17
C PRO A 122 -3.98 -15.80 63.47
N ARG A 123 -4.83 -16.76 63.06
CA ARG A 123 -6.10 -16.55 62.35
C ARG A 123 -5.91 -15.86 60.98
N ALA A 124 -4.76 -16.15 60.32
CA ALA A 124 -4.32 -15.61 59.03
C ALA A 124 -4.33 -14.07 59.00
N THR A 125 -3.66 -13.49 60.01
CA THR A 125 -3.53 -12.04 60.17
C THR A 125 -2.07 -11.62 60.06
N TRP A 126 -1.82 -10.31 59.92
CA TRP A 126 -0.48 -9.76 59.77
C TRP A 126 -0.21 -8.65 60.77
N VAL A 127 0.98 -8.67 61.38
CA VAL A 127 1.45 -7.68 62.35
C VAL A 127 2.54 -6.86 61.65
N PHE A 128 2.50 -5.53 61.80
CA PHE A 128 3.50 -4.63 61.21
C PHE A 128 4.83 -4.77 61.95
N GLU A 129 5.92 -5.04 61.21
CA GLU A 129 7.26 -5.16 61.80
C GLU A 129 8.01 -3.85 61.70
N ARG A 130 8.33 -3.41 60.46
CA ARG A 130 9.09 -2.20 60.20
C ARG A 130 8.87 -1.63 58.80
N LYS A 131 9.33 -0.38 58.58
CA LYS A 131 9.30 0.32 57.30
C LYS A 131 10.68 0.83 56.91
N ILE A 132 11.04 0.67 55.63
CA ILE A 132 12.33 1.11 55.08
C ILE A 132 12.05 2.24 54.09
N LYS A 133 12.58 3.44 54.39
CA LYS A 133 12.42 4.63 53.57
C LYS A 133 13.23 4.50 52.28
N LEU A 134 12.64 4.93 51.16
CA LEU A 134 13.31 4.88 49.87
C LEU A 134 13.85 6.27 49.59
N ALA A 135 15.06 6.52 50.08
CA ALA A 135 15.72 7.79 49.95
C ALA A 135 16.16 8.09 48.52
N LEU A 136 16.12 9.39 48.15
CA LEU A 136 16.53 9.92 46.86
C LEU A 136 17.98 9.46 46.54
N PRO A 137 18.36 9.24 45.25
CA PRO A 137 19.76 8.88 44.95
C PRO A 137 20.71 10.04 45.31
N TYR A 138 22.01 9.75 45.44
CA TYR A 138 22.95 10.82 45.79
C TYR A 138 23.60 11.47 44.57
N VAL A 139 23.65 12.81 44.59
CA VAL A 139 24.31 13.66 43.58
C VAL A 139 24.82 14.92 44.30
N LYS A 140 26.14 15.07 44.35
CA LYS A 140 26.80 16.14 45.09
C LYS A 140 26.66 17.50 44.40
N GLN A 141 26.17 18.51 45.16
CA GLN A 141 26.03 19.89 44.70
C GLN A 141 27.45 20.42 44.54
N GLU A 142 27.80 20.85 43.33
CA GLU A 142 29.17 21.20 42.99
C GLU A 142 29.66 22.53 43.60
N SER A 143 29.82 23.61 42.79
CA SER A 143 30.35 24.97 43.05
C SER A 143 31.40 25.25 41.98
N GLN A 144 31.84 24.17 41.28
CA GLN A 144 32.84 24.14 40.21
C GLN A 144 32.27 24.63 38.86
N GLY A 145 31.89 25.91 38.82
CA GLY A 145 31.32 26.57 37.65
C GLY A 145 30.84 27.98 37.94
N LYS A 154 37.63 14.34 35.48
CA LYS A 154 36.62 13.88 36.44
C LYS A 154 35.20 14.24 35.97
N GLY A 155 34.42 13.20 35.64
CA GLY A 155 33.04 13.35 35.18
C GLY A 155 32.08 13.81 36.26
N SER A 156 31.04 14.54 35.85
CA SER A 156 30.03 15.08 36.78
C SER A 156 28.59 14.78 36.38
N LEU A 157 27.92 13.95 37.18
CA LEU A 157 26.50 13.62 37.01
C LEU A 157 25.68 14.88 37.28
N TYR A 158 26.10 15.71 38.26
CA TYR A 158 25.47 16.97 38.60
C TYR A 158 25.33 17.88 37.37
N LYS A 159 26.42 18.02 36.58
CA LYS A 159 26.45 18.83 35.38
C LYS A 159 25.44 18.35 34.34
N THR A 160 25.29 17.02 34.19
CA THR A 160 24.33 16.39 33.27
C THR A 160 22.91 16.72 33.69
N LEU A 161 22.61 16.59 35.00
CA LEU A 161 21.27 16.82 35.56
C LEU A 161 20.82 18.27 35.45
N GLN A 162 21.76 19.20 35.45
CA GLN A 162 21.48 20.63 35.31
C GLN A 162 20.89 20.95 33.95
N ASP A 163 21.34 20.24 32.90
CA ASP A 163 20.90 20.44 31.53
C ASP A 163 19.99 19.35 31.01
N LEU A 164 19.77 18.28 31.80
CA LEU A 164 18.92 17.15 31.40
C LEU A 164 17.50 17.55 31.06
N LEU A 165 17.04 17.06 29.92
CA LEU A 165 15.71 17.24 29.36
C LEU A 165 15.00 15.89 29.35
N VAL A 166 13.78 15.82 29.90
CA VAL A 166 12.98 14.58 29.91
C VAL A 166 11.67 14.85 29.16
N GLU A 167 11.34 13.96 28.24
CA GLU A 167 10.11 14.04 27.45
C GLU A 167 8.89 13.76 28.34
N GLN A 168 7.77 14.47 28.08
CA GLN A 168 6.52 14.22 28.80
C GLN A 168 6.09 12.75 28.55
N PRO A 169 5.52 12.03 29.53
CA PRO A 169 5.20 10.62 29.29
C PRO A 169 4.25 10.36 28.13
N VAL A 170 4.45 9.24 27.44
CA VAL A 170 3.61 8.83 26.33
C VAL A 170 2.38 8.19 26.95
N THR A 171 1.20 8.69 26.63
CA THR A 171 -0.04 8.17 27.19
C THR A 171 -0.67 7.18 26.20
N PRO A 172 -1.64 6.33 26.63
CA PRO A 172 -2.29 5.44 25.66
C PRO A 172 -3.06 6.18 24.55
N TYR A 173 -3.22 7.51 24.65
CA TYR A 173 -3.93 8.35 23.68
C TYR A 173 -3.00 9.19 22.80
N THR A 174 -1.66 8.99 22.94
CA THR A 174 -0.66 9.68 22.15
C THR A 174 -0.72 9.14 20.72
N PRO A 175 -1.12 9.96 19.72
CA PRO A 175 -1.17 9.44 18.34
C PRO A 175 0.20 9.42 17.67
N ASN A 176 0.34 8.63 16.59
CA ASN A 176 1.56 8.50 15.79
C ASN A 176 2.16 9.86 15.36
N ALA A 177 1.32 10.80 14.86
CA ALA A 177 1.75 12.15 14.45
C ALA A 177 2.25 12.98 15.65
N GLY A 178 1.73 12.67 16.83
CA GLY A 178 2.15 13.29 18.08
C GLY A 178 3.59 12.93 18.40
N LEU A 179 4.05 11.73 18.00
CA LEU A 179 5.44 11.31 18.21
C LEU A 179 6.39 11.89 17.15
N ALA A 180 5.87 12.23 15.96
CA ALA A 180 6.62 12.75 14.81
C ALA A 180 7.22 14.15 15.02
N ARG A 181 8.55 14.25 14.93
CA ARG A 181 9.32 15.49 15.09
C ARG A 181 10.00 15.78 13.75
N VAL A 182 10.01 17.06 13.31
CA VAL A 182 10.66 17.47 12.05
C VAL A 182 12.13 17.04 12.05
N ASN A 183 12.55 16.39 10.95
CA ASN A 183 13.91 15.90 10.75
C ASN A 183 14.98 16.95 10.96
N GLY A 184 16.07 16.53 11.57
CA GLY A 184 17.25 17.35 11.77
C GLY A 184 18.01 17.51 10.47
N VAL A 185 19.07 18.33 10.51
CA VAL A 185 19.93 18.64 9.38
C VAL A 185 20.71 17.40 8.90
N ALA A 186 20.98 17.28 7.57
CA ALA A 186 21.74 16.17 6.98
C ALA A 186 23.20 16.25 7.41
N GLN A 187 23.91 15.12 7.53
CA GLN A 187 25.30 15.16 7.98
C GLN A 187 26.25 15.90 7.02
N ASP A 188 25.96 16.01 5.70
CA ASP A 188 26.83 16.76 4.76
C ASP A 188 26.82 18.26 5.05
N THR A 189 25.67 18.80 5.50
CA THR A 189 25.50 20.21 5.88
C THR A 189 26.26 20.47 7.18
N VAL A 190 26.20 19.53 8.14
CA VAL A 190 26.90 19.64 9.43
C VAL A 190 28.42 19.83 9.26
N HIS A 191 29.05 19.02 8.40
CA HIS A 191 30.50 19.03 8.23
C HIS A 191 31.02 19.92 7.13
N PHE A 192 30.20 20.25 6.13
CA PHE A 192 30.65 21.07 5.01
C PHE A 192 30.00 22.46 4.94
N GLY A 193 28.89 22.65 5.67
CA GLY A 193 28.17 23.92 5.70
C GLY A 193 27.28 24.11 4.48
N SER A 194 26.17 24.85 4.66
CA SER A 194 25.20 25.15 3.59
C SER A 194 25.88 25.72 2.34
N GLY A 195 25.64 25.07 1.21
CA GLY A 195 26.20 25.45 -0.08
C GLY A 195 27.47 24.72 -0.52
N GLN A 196 28.21 24.15 0.45
CA GLN A 196 29.46 23.44 0.19
C GLN A 196 29.33 21.91 0.34
N GLU A 197 28.09 21.42 0.42
CA GLU A 197 27.77 19.99 0.59
C GLU A 197 28.27 19.11 -0.55
N SER A 198 28.40 19.68 -1.77
CA SER A 198 28.85 19.01 -3.00
C SER A 198 30.28 18.45 -2.93
N SER A 199 31.09 18.89 -1.95
CA SER A 199 32.48 18.45 -1.78
C SER A 199 32.62 17.25 -0.85
N TRP A 200 31.48 16.56 -0.56
CA TRP A 200 31.38 15.38 0.31
C TRP A 200 32.29 14.24 -0.18
N ASN A 201 32.08 13.72 -1.40
CA ASN A 201 32.84 12.61 -2.00
C ASN A 201 34.36 12.78 -2.00
N SER A 202 34.85 14.01 -2.17
CA SER A 202 36.29 14.28 -2.23
C SER A 202 36.95 14.59 -0.88
N GLN A 203 36.17 15.09 0.10
CA GLN A 203 36.72 15.48 1.40
C GLN A 203 36.22 14.66 2.60
N ARG A 204 35.28 13.70 2.40
CA ARG A 204 34.76 12.83 3.46
C ARG A 204 35.87 12.08 4.21
N SER A 205 36.90 11.63 3.46
CA SER A 205 38.07 10.90 3.91
C SER A 205 38.83 11.64 5.03
N GLN A 206 39.05 12.97 4.83
CA GLN A 206 39.75 13.83 5.80
C GLN A 206 38.81 14.45 6.86
N LYS A 207 37.61 13.89 7.01
CA LYS A 207 36.61 14.36 7.99
C LYS A 207 36.14 13.20 8.89
N GLY A 208 36.76 12.03 8.74
CA GLY A 208 36.45 10.84 9.51
C GLY A 208 35.20 10.13 9.02
N LEU A 209 34.90 10.30 7.72
CA LEU A 209 33.74 9.76 7.03
C LEU A 209 34.15 9.05 5.73
N LYS A 210 35.35 8.42 5.72
CA LYS A 210 35.87 7.65 4.58
C LYS A 210 34.84 6.63 4.13
N ASN A 211 34.54 6.63 2.82
CA ASN A 211 33.61 5.74 2.12
C ASN A 211 32.17 5.79 2.66
N ASN A 212 31.80 6.85 3.42
CA ASN A 212 30.44 6.98 3.94
C ASN A 212 29.54 7.36 2.77
N PRO A 213 28.55 6.49 2.42
CA PRO A 213 27.69 6.78 1.26
C PRO A 213 26.43 7.59 1.56
N GLY A 214 26.27 8.05 2.81
CA GLY A 214 25.07 8.78 3.21
C GLY A 214 25.26 10.23 3.58
N PRO A 215 25.54 11.15 2.62
CA PRO A 215 25.68 12.57 2.98
C PRO A 215 24.36 13.18 3.49
N LYS A 216 23.23 12.63 3.02
CA LYS A 216 21.88 13.09 3.35
C LYS A 216 21.30 12.44 4.60
N ALA A 217 22.08 11.59 5.30
CA ALA A 217 21.64 10.92 6.53
C ALA A 217 21.35 11.96 7.63
N VAL A 218 20.13 11.90 8.18
CA VAL A 218 19.62 12.84 9.18
C VAL A 218 20.34 12.64 10.53
N THR A 219 20.84 13.76 11.09
CA THR A 219 21.58 13.84 12.35
C THR A 219 20.71 13.86 13.61
N GLY A 220 19.40 14.00 13.46
CA GLY A 220 18.49 14.03 14.59
C GLY A 220 17.12 14.58 14.30
N PHE A 221 16.55 15.27 15.29
CA PHE A 221 15.21 15.83 15.19
C PHE A 221 15.12 17.19 15.88
N LYS A 222 14.32 18.10 15.28
CA LYS A 222 14.05 19.45 15.77
C LYS A 222 13.33 19.44 17.13
N LEU A 223 13.82 20.26 18.08
CA LEU A 223 13.26 20.36 19.44
C LEU A 223 12.44 21.64 19.68
N ASP A 224 12.25 22.47 18.63
CA ASP A 224 11.50 23.73 18.69
C ASP A 224 9.97 23.57 18.83
N LYS A 225 9.42 22.47 18.31
CA LYS A 225 7.99 22.14 18.33
C LYS A 225 7.78 20.74 18.88
N GLY A 226 6.52 20.42 19.19
CA GLY A 226 6.10 19.10 19.67
C GLY A 226 5.96 18.89 21.15
N ARG A 227 5.87 17.59 21.53
CA ARG A 227 5.76 17.09 22.91
C ARG A 227 6.81 17.74 23.79
N ALA A 228 6.43 18.10 25.01
CA ALA A 228 7.31 18.78 25.94
C ALA A 228 8.51 17.97 26.40
N TYR A 229 9.66 18.64 26.45
CA TYR A 229 10.92 18.19 26.99
C TYR A 229 11.15 19.17 28.11
N ARG A 230 11.32 18.67 29.33
CA ARG A 230 11.48 19.59 30.45
C ARG A 230 12.68 19.26 31.32
N LYS A 231 13.20 20.30 32.00
CA LYS A 231 14.29 20.18 32.95
C LYS A 231 13.72 19.61 34.27
N LEU A 232 14.60 19.09 35.13
CA LEU A 232 14.25 18.45 36.39
C LEU A 232 13.28 19.27 37.27
N ASN A 233 13.49 20.59 37.38
CA ASN A 233 12.66 21.49 38.17
C ASN A 233 11.48 22.11 37.38
N GLU A 234 11.42 21.82 36.07
CA GLU A 234 10.33 22.26 35.21
C GLU A 234 9.20 21.26 35.32
N SER A 235 7.99 21.61 34.84
CA SER A 235 6.86 20.70 34.85
C SER A 235 6.40 20.38 33.44
N TRP A 236 5.95 19.13 33.23
CA TRP A 236 5.39 18.71 31.96
C TRP A 236 3.96 19.25 31.90
N PRO A 237 3.41 19.59 30.71
CA PRO A 237 2.00 20.00 30.67
C PRO A 237 1.10 18.76 30.60
N VAL A 238 -0.17 18.91 30.99
CA VAL A 238 -1.17 17.83 30.93
C VAL A 238 -1.55 17.64 29.45
N TYR A 239 -1.40 18.70 28.65
CA TYR A 239 -1.69 18.76 27.23
C TYR A 239 -0.52 18.24 26.40
N GLU A 240 -0.85 17.59 25.28
CA GLU A 240 0.11 17.04 24.32
C GLU A 240 -0.43 17.21 22.89
N PRO A 241 0.44 17.54 21.89
CA PRO A 241 -0.07 17.78 20.54
C PRO A 241 -0.53 16.55 19.75
N LEU A 242 -1.46 16.76 18.81
CA LEU A 242 -1.97 15.72 17.92
C LEU A 242 -0.94 15.43 16.84
N ASP A 243 -0.19 16.47 16.43
CA ASP A 243 0.87 16.43 15.43
C ASP A 243 2.03 17.30 15.93
N SER A 244 3.15 16.66 16.29
CA SER A 244 4.34 17.34 16.80
C SER A 244 5.17 18.04 15.71
N THR A 245 4.78 17.86 14.44
CA THR A 245 5.38 18.48 13.28
C THR A 245 4.72 19.85 13.07
N LYS A 246 3.53 20.05 13.69
CA LYS A 246 2.73 21.27 13.55
C LYS A 246 2.54 22.05 14.85
N GLU A 247 2.23 21.36 15.96
CA GLU A 247 1.97 22.01 17.25
C GLU A 247 2.94 21.59 18.35
N GLY A 248 2.82 22.22 19.51
CA GLY A 248 3.70 22.00 20.66
C GLY A 248 4.88 22.95 20.63
N LYS A 249 5.61 23.04 21.75
CA LYS A 249 6.79 23.92 21.85
C LYS A 249 8.10 23.16 22.15
N GLY A 250 8.04 21.83 22.18
CA GLY A 250 9.18 20.98 22.43
C GLY A 250 9.87 21.31 23.74
N LYS A 251 11.16 21.68 23.67
CA LYS A 251 11.95 22.05 24.85
C LYS A 251 11.74 23.48 25.29
N ASP A 252 11.14 24.31 24.43
CA ASP A 252 10.89 25.72 24.67
C ASP A 252 9.79 25.96 25.73
N GLU A 253 10.19 25.83 27.01
CA GLU A 253 9.35 26.01 28.20
C GLU A 253 8.85 27.46 28.30
N SER A 254 9.72 28.45 27.97
CA SER A 254 9.39 29.88 28.01
C SER A 254 8.20 30.23 27.11
N SER A 255 8.25 29.77 25.82
CA SER A 255 7.16 29.99 24.87
C SER A 255 5.86 29.32 25.33
N TRP A 256 5.97 28.14 25.98
CA TRP A 256 4.82 27.43 26.53
C TRP A 256 4.19 28.27 27.63
N LYS A 257 4.98 28.62 28.68
CA LYS A 257 4.59 29.41 29.83
C LYS A 257 3.97 30.77 29.43
N ASN A 258 4.64 31.49 28.52
CA ASN A 258 4.21 32.83 28.08
C ASN A 258 2.99 32.88 27.19
N SER A 259 2.79 31.87 26.31
CA SER A 259 1.64 31.92 25.38
C SER A 259 0.92 30.60 25.12
N GLU A 260 1.65 29.59 24.58
CA GLU A 260 1.12 28.29 24.17
C GLU A 260 0.35 27.50 25.25
N LYS A 261 0.55 27.81 26.54
CA LYS A 261 -0.18 27.18 27.64
C LYS A 261 -1.67 27.53 27.50
N THR A 262 -1.99 28.85 27.41
CA THR A 262 -3.36 29.36 27.25
C THR A 262 -4.03 28.85 25.98
N THR A 263 -3.23 28.67 24.89
CA THR A 263 -3.69 28.14 23.60
C THR A 263 -4.21 26.72 23.80
N ALA A 264 -3.40 25.85 24.44
CA ALA A 264 -3.72 24.46 24.74
C ALA A 264 -4.88 24.35 25.73
N GLU A 265 -4.94 25.25 26.73
CA GLU A 265 -6.00 25.29 27.76
C GLU A 265 -7.38 25.51 27.13
N ASN A 266 -7.46 26.41 26.14
CA ASN A 266 -8.70 26.74 25.42
C ASN A 266 -9.10 25.64 24.44
N ASP A 267 -8.12 25.07 23.72
CA ASP A 267 -8.33 24.00 22.73
C ASP A 267 -8.69 22.66 23.35
N ALA A 268 -8.04 22.32 24.48
CA ALA A 268 -8.23 21.04 25.16
C ALA A 268 -8.59 21.17 26.66
N PRO A 269 -9.77 21.73 27.02
CA PRO A 269 -10.09 21.83 28.46
C PRO A 269 -10.50 20.49 29.09
N LEU A 270 -10.32 20.38 30.41
CA LEU A 270 -10.70 19.21 31.19
C LEU A 270 -12.24 19.19 31.35
N VAL A 271 -12.83 18.00 31.58
CA VAL A 271 -14.28 17.81 31.77
C VAL A 271 -14.78 18.70 32.93
N GLY A 272 -15.86 19.43 32.67
CA GLY A 272 -16.49 20.34 33.62
C GLY A 272 -16.39 21.80 33.18
N ALA A 351 -13.37 24.31 22.48
CA ALA A 351 -13.09 22.98 23.03
C ALA A 351 -13.17 21.90 21.92
N THR A 352 -12.53 22.20 20.77
CA THR A 352 -12.52 21.36 19.57
C THR A 352 -11.52 20.21 19.60
N PHE A 353 -10.42 20.36 20.36
CA PHE A 353 -9.32 19.37 20.47
C PHE A 353 -8.74 19.14 19.05
N SER A 354 -8.47 20.26 18.35
CA SER A 354 -7.96 20.30 16.99
C SER A 354 -6.43 20.43 16.93
N LYS A 355 -5.79 20.82 18.06
CA LYS A 355 -4.34 20.99 18.14
C LYS A 355 -3.71 20.14 19.25
N TYR A 356 -4.36 20.09 20.42
CA TYR A 356 -3.88 19.37 21.61
C TYR A 356 -4.93 18.43 22.23
N LEU A 357 -4.43 17.44 22.99
CA LEU A 357 -5.23 16.49 23.75
C LEU A 357 -4.98 16.73 25.24
N ASN A 358 -6.02 16.59 26.06
CA ASN A 358 -5.91 16.71 27.51
C ASN A 358 -5.84 15.26 28.01
N THR A 359 -4.65 14.84 28.43
CA THR A 359 -4.43 13.45 28.87
C THR A 359 -4.23 13.33 30.38
N ALA A 360 -4.88 14.23 31.15
CA ALA A 360 -4.82 14.27 32.61
C ALA A 360 -5.14 12.94 33.29
N GLN A 361 -6.26 12.30 32.91
CA GLN A 361 -6.72 11.03 33.49
C GLN A 361 -5.86 9.84 33.08
N ALA A 362 -5.21 9.94 31.90
CA ALA A 362 -4.31 8.92 31.39
C ALA A 362 -3.02 8.95 32.22
N LEU A 363 -2.51 10.17 32.51
CA LEU A 363 -1.31 10.38 33.32
C LEU A 363 -1.49 9.93 34.76
N HIS A 364 -2.61 10.32 35.41
CA HIS A 364 -2.94 9.92 36.78
C HIS A 364 -2.88 8.38 36.93
N GLN A 365 -3.40 7.66 35.92
CA GLN A 365 -3.46 6.20 35.81
C GLN A 365 -2.08 5.58 35.61
N MET A 366 -1.12 6.34 35.05
CA MET A 366 0.28 5.92 34.81
C MET A 366 1.17 6.12 36.05
N GLY A 367 0.60 6.73 37.09
CA GLY A 367 1.32 7.00 38.34
C GLY A 367 1.93 8.39 38.36
N VAL A 368 1.46 9.27 37.47
CA VAL A 368 1.92 10.65 37.42
C VAL A 368 1.03 11.43 38.38
N ILE A 369 1.63 12.27 39.25
CA ILE A 369 0.88 13.09 40.21
C ILE A 369 0.13 14.19 39.44
N VAL A 370 -1.19 14.04 39.34
CA VAL A 370 -2.06 15.02 38.70
C VAL A 370 -2.95 15.65 39.79
N PRO A 371 -2.53 16.78 40.39
CA PRO A 371 -3.34 17.39 41.46
C PRO A 371 -4.76 17.74 41.02
N GLY A 372 -5.73 17.39 41.87
CA GLY A 372 -7.15 17.59 41.62
C GLY A 372 -7.82 16.34 41.08
N LEU A 373 -7.00 15.32 40.78
CA LEU A 373 -7.40 14.01 40.26
C LEU A 373 -7.02 12.86 41.22
N GLU A 374 -6.45 13.19 42.39
CA GLU A 374 -6.05 12.21 43.41
C GLU A 374 -7.26 11.69 44.21
N LYS A 375 -7.20 10.40 44.62
CA LYS A 375 -8.21 9.62 45.37
C LYS A 375 -8.88 10.34 46.57
N TRP A 376 -8.08 10.96 47.43
CA TRP A 376 -8.54 11.68 48.63
C TRP A 376 -9.12 13.06 48.33
N THR A 440 -5.30 27.08 35.61
CA THR A 440 -5.30 25.74 36.23
C THR A 440 -3.92 25.38 36.83
N ASP A 441 -3.94 24.51 37.87
CA ASP A 441 -2.77 24.04 38.60
C ASP A 441 -1.82 23.25 37.69
N ALA A 442 -0.54 23.65 37.69
CA ALA A 442 0.51 22.95 36.95
C ALA A 442 0.88 21.68 37.74
N LEU A 443 1.34 20.64 37.03
CA LEU A 443 1.76 19.37 37.65
C LEU A 443 3.04 19.58 38.44
N PRO A 444 3.36 18.75 39.46
CA PRO A 444 4.67 18.88 40.13
C PRO A 444 5.86 18.59 39.18
N ASN A 445 7.07 19.01 39.59
CA ASN A 445 8.38 18.87 38.89
C ASN A 445 8.56 17.51 38.18
N VAL A 446 9.42 17.48 37.15
CA VAL A 446 9.81 16.26 36.44
C VAL A 446 10.49 15.32 37.46
N ILE A 447 11.36 15.90 38.33
CA ILE A 447 12.10 15.16 39.36
C ILE A 447 11.16 14.50 40.39
N THR A 448 10.04 15.16 40.74
CA THR A 448 9.03 14.63 41.65
C THR A 448 8.32 13.45 40.97
N GLN A 449 7.93 13.63 39.68
CA GLN A 449 7.25 12.62 38.87
C GLN A 449 8.12 11.41 38.69
N LEU A 450 9.44 11.63 38.52
CA LEU A 450 10.40 10.54 38.38
C LEU A 450 10.54 9.78 39.70
N TYR A 451 10.48 10.49 40.85
CA TYR A 451 10.54 9.80 42.14
C TYR A 451 9.30 8.94 42.37
N HIS A 452 8.09 9.54 42.23
CA HIS A 452 6.80 8.87 42.41
C HIS A 452 6.63 7.66 41.49
N THR A 453 7.02 7.77 40.21
CA THR A 453 6.92 6.65 39.27
C THR A 453 8.01 5.58 39.50
N SER A 454 9.20 5.96 40.01
CA SER A 454 10.31 5.02 40.25
C SER A 454 10.03 4.01 41.39
N THR A 455 9.09 4.33 42.29
CA THR A 455 8.73 3.46 43.41
C THR A 455 7.47 2.70 43.00
N ALA A 456 7.64 1.77 42.02
CA ALA A 456 6.53 1.03 41.41
C ALA A 456 6.52 -0.50 41.61
N GLN A 457 7.69 -1.17 41.53
CA GLN A 457 7.75 -2.63 41.62
C GLN A 457 8.82 -3.11 42.59
N LEU A 458 8.54 -4.16 43.37
CA LEU A 458 9.53 -4.69 44.31
C LEU A 458 9.79 -6.20 44.17
N ALA A 459 10.86 -6.65 44.85
CA ALA A 459 11.33 -8.03 44.95
C ALA A 459 12.15 -8.18 46.22
N TYR A 460 11.99 -9.33 46.91
CA TYR A 460 12.72 -9.63 48.12
C TYR A 460 13.66 -10.81 47.85
N LEU A 461 14.93 -10.65 48.22
CA LEU A 461 15.95 -11.68 48.07
C LEU A 461 16.93 -11.70 49.24
N ASN A 462 16.73 -12.65 50.17
CA ASN A 462 17.58 -12.88 51.34
C ASN A 462 17.97 -11.59 52.09
N GLY A 463 16.97 -10.95 52.72
CA GLY A 463 17.15 -9.73 53.51
C GLY A 463 17.34 -8.46 52.72
N GLN A 464 17.33 -8.57 51.38
CA GLN A 464 17.50 -7.43 50.49
C GLN A 464 16.23 -7.19 49.71
N ILE A 465 15.83 -5.92 49.61
CA ILE A 465 14.64 -5.51 48.86
C ILE A 465 15.10 -4.68 47.69
N VAL A 466 14.64 -5.04 46.49
CA VAL A 466 14.93 -4.34 45.26
C VAL A 466 13.66 -3.65 44.79
N VAL A 467 13.74 -2.35 44.51
CA VAL A 467 12.61 -1.54 44.03
C VAL A 467 12.99 -0.92 42.69
N MET A 468 12.12 -1.04 41.69
CA MET A 468 12.32 -0.50 40.34
C MET A 468 11.08 0.27 39.88
N GLY A 469 11.27 1.08 38.83
CA GLY A 469 10.24 1.95 38.26
C GLY A 469 9.17 1.24 37.46
N SER A 470 8.23 2.01 36.90
CA SER A 470 7.12 1.48 36.12
C SER A 470 7.49 1.20 34.67
N ASP A 471 6.61 0.51 33.96
CA ASP A 471 6.77 0.17 32.54
C ASP A 471 6.24 1.26 31.60
N ARG A 472 5.60 2.30 32.15
CA ARG A 472 5.02 3.32 31.30
C ARG A 472 5.73 4.67 31.36
N VAL A 473 6.58 4.91 32.38
CA VAL A 473 7.37 6.14 32.51
C VAL A 473 8.84 5.73 32.73
N PRO A 474 9.84 6.35 32.02
CA PRO A 474 11.25 5.96 32.25
C PRO A 474 11.73 6.30 33.66
N SER A 475 12.57 5.43 34.22
CA SER A 475 13.13 5.58 35.55
C SER A 475 14.65 5.67 35.48
N LEU A 476 15.23 6.64 36.19
CA LEU A 476 16.65 6.94 36.21
C LEU A 476 17.42 6.26 37.34
N TRP A 477 16.70 5.64 38.28
CA TRP A 477 17.32 4.99 39.43
C TRP A 477 16.52 3.79 39.94
N TYR A 478 17.12 3.00 40.86
CA TYR A 478 16.50 1.81 41.44
C TYR A 478 17.04 1.59 42.85
N TRP A 479 16.32 0.85 43.68
CA TRP A 479 16.74 0.61 45.06
C TRP A 479 17.20 -0.81 45.32
N VAL A 480 18.19 -0.95 46.20
CA VAL A 480 18.70 -2.19 46.77
C VAL A 480 18.87 -1.79 48.26
N VAL A 481 17.89 -2.19 49.09
CA VAL A 481 17.88 -1.83 50.50
C VAL A 481 17.90 -3.05 51.39
N GLY A 482 18.45 -2.89 52.59
CA GLY A 482 18.48 -3.94 53.59
C GLY A 482 17.20 -3.92 54.39
N GLU A 483 16.70 -5.10 54.77
CA GLU A 483 15.50 -5.25 55.57
C GLU A 483 15.72 -4.57 56.94
N ASP A 484 16.92 -4.76 57.50
CA ASP A 484 17.40 -4.23 58.77
C ASP A 484 17.56 -2.69 58.79
N GLN A 485 17.80 -2.07 57.61
CA GLN A 485 18.01 -0.61 57.46
C GLN A 485 16.75 0.22 57.74
N GLU A 486 16.93 1.50 58.12
CA GLU A 486 15.84 2.45 58.39
C GLU A 486 15.44 3.14 57.08
N SER A 487 16.43 3.32 56.20
CA SER A 487 16.29 3.96 54.88
C SER A 487 17.40 3.48 53.95
N GLY A 488 17.30 3.84 52.68
CA GLY A 488 18.28 3.49 51.67
C GLY A 488 18.18 4.35 50.43
N LYS A 489 19.31 4.89 49.98
CA LYS A 489 19.41 5.73 48.77
C LYS A 489 19.32 4.85 47.55
N ALA A 490 18.83 5.41 46.43
CA ALA A 490 18.72 4.70 45.17
C ALA A 490 20.07 4.67 44.45
N THR A 491 20.23 3.71 43.54
CA THR A 491 21.40 3.56 42.68
C THR A 491 21.01 4.12 41.32
N TRP A 492 21.88 4.95 40.73
CA TRP A 492 21.64 5.53 39.41
C TRP A 492 21.80 4.48 38.33
N TRP A 493 20.90 4.47 37.32
CA TRP A 493 21.03 3.56 36.18
C TRP A 493 22.26 3.94 35.34
N ALA A 494 22.58 5.25 35.25
CA ALA A 494 23.74 5.81 34.55
C ALA A 494 25.05 5.34 35.15
N LYS A 495 25.02 4.87 36.40
CA LYS A 495 26.19 4.34 37.13
C LYS A 495 26.13 2.80 37.19
N THR A 496 25.15 2.18 36.48
CA THR A 496 25.00 0.72 36.40
C THR A 496 25.27 0.28 34.96
N GLU A 497 26.49 -0.19 34.71
CA GLU A 497 26.96 -0.68 33.43
C GLU A 497 26.41 -2.09 33.22
N LEU A 498 25.68 -2.27 32.12
CA LEU A 498 25.08 -3.56 31.78
C LEU A 498 25.79 -4.17 30.58
N ASN A 499 25.65 -5.49 30.42
CA ASN A 499 26.18 -6.20 29.29
C ASN A 499 25.09 -6.11 28.22
N TRP A 500 25.44 -5.56 27.06
CA TRP A 500 24.52 -5.34 25.94
C TRP A 500 24.59 -6.50 24.92
N GLY A 501 25.40 -7.50 25.25
CA GLY A 501 25.60 -8.68 24.43
C GLY A 501 27.01 -8.76 23.89
N THR A 502 27.43 -7.67 23.24
CA THR A 502 28.77 -7.48 22.67
C THR A 502 29.28 -6.10 23.10
N ASP A 503 30.60 -5.88 23.04
CA ASP A 503 31.17 -4.57 23.38
C ASP A 503 30.74 -3.53 22.34
N LYS A 504 30.55 -3.98 21.08
CA LYS A 504 30.08 -3.14 19.99
C LYS A 504 28.64 -2.66 20.28
N GLN A 505 27.80 -3.54 20.85
CA GLN A 505 26.43 -3.21 21.20
C GLN A 505 26.33 -2.15 22.29
N LYS A 506 27.30 -2.14 23.24
CA LYS A 506 27.39 -1.12 24.30
C LYS A 506 27.77 0.21 23.64
N GLN A 507 28.83 0.17 22.78
CA GLN A 507 29.39 1.29 22.03
C GLN A 507 28.29 2.03 21.25
N PHE A 508 27.38 1.27 20.59
CA PHE A 508 26.25 1.83 19.86
C PHE A 508 25.37 2.72 20.73
N VAL A 509 24.99 2.23 21.92
CA VAL A 509 24.13 2.95 22.87
C VAL A 509 24.86 4.16 23.42
N GLU A 510 26.08 3.93 23.95
CA GLU A 510 26.94 4.95 24.58
C GLU A 510 27.40 6.04 23.65
N ASN A 511 27.66 5.74 22.36
CA ASN A 511 28.11 6.75 21.41
C ASN A 511 27.02 7.75 21.07
N GLN A 512 25.76 7.31 21.13
CA GLN A 512 24.63 8.18 20.84
C GLN A 512 24.24 9.02 22.07
N LEU A 513 24.83 8.75 23.26
CA LEU A 513 24.54 9.48 24.50
C LEU A 513 24.96 10.94 24.42
N GLY A 514 25.98 11.21 23.63
CA GLY A 514 26.49 12.57 23.45
C GLY A 514 27.87 12.63 22.84
N PHE A 515 28.42 13.84 22.83
CA PHE A 515 29.74 14.14 22.27
C PHE A 515 30.86 14.11 23.31
N LYS A 516 31.95 13.44 22.95
CA LYS A 516 33.14 13.32 23.75
C LYS A 516 34.37 13.45 22.83
N ASP A 517 35.32 14.31 23.22
CA ASP A 517 36.57 14.53 22.50
C ASP A 517 37.64 15.02 23.46
N ASP A 518 38.89 14.62 23.22
CA ASP A 518 40.04 15.01 24.06
C ASP A 518 40.23 16.54 24.07
N SER A 519 39.96 17.21 22.93
CA SER A 519 40.07 18.66 22.75
C SER A 519 38.97 19.45 23.46
N ASN A 520 37.86 18.78 23.83
CA ASN A 520 36.76 19.45 24.51
C ASN A 520 36.83 19.27 26.01
N SER A 521 36.72 20.39 26.73
CA SER A 521 36.68 20.45 28.19
C SER A 521 35.78 21.61 28.62
N ASP A 522 34.68 21.82 27.86
CA ASP A 522 33.69 22.86 28.10
C ASP A 522 32.65 22.31 29.06
N SER A 523 32.41 23.02 30.17
CA SER A 523 31.45 22.63 31.21
C SER A 523 30.01 22.49 30.72
N LYS A 524 29.63 23.21 29.64
CA LYS A 524 28.29 23.15 29.06
C LYS A 524 28.06 21.92 28.16
N ASN A 525 29.14 21.17 27.83
CA ASN A 525 29.09 19.89 27.11
C ASN A 525 28.92 18.86 28.23
N SER A 526 27.72 18.89 28.83
CA SER A 526 27.30 18.13 30.00
C SER A 526 26.72 16.74 29.74
N ASN A 527 26.56 16.30 28.48
CA ASN A 527 26.02 14.96 28.13
C ASN A 527 26.69 13.81 28.88
N LEU A 528 25.95 12.69 29.08
CA LEU A 528 26.40 11.50 29.80
C LEU A 528 27.72 10.89 29.31
N LYS A 529 27.97 10.85 27.97
CA LYS A 529 29.21 10.26 27.43
C LYS A 529 30.45 11.03 27.89
N ALA A 530 30.39 12.38 27.82
CA ALA A 530 31.45 13.29 28.23
C ALA A 530 31.74 13.16 29.73
N GLN A 531 30.72 12.78 30.53
CA GLN A 531 30.85 12.62 31.98
C GLN A 531 31.27 11.20 32.40
N GLY A 532 31.42 10.32 31.41
CA GLY A 532 31.84 8.93 31.61
C GLY A 532 30.76 8.06 32.21
N LEU A 533 29.50 8.44 31.99
CA LEU A 533 28.36 7.69 32.48
C LEU A 533 27.74 6.82 31.38
N THR A 534 26.89 5.85 31.76
CA THR A 534 26.31 4.92 30.79
C THR A 534 24.80 5.25 30.62
N GLN A 535 24.02 4.28 30.04
CA GLN A 535 22.60 4.40 29.79
C GLN A 535 21.85 4.84 31.06
N PRO A 536 21.15 6.01 31.02
CA PRO A 536 20.52 6.53 32.22
C PRO A 536 19.10 6.06 32.56
N ALA A 537 18.30 5.66 31.56
CA ALA A 537 16.91 5.34 31.81
C ALA A 537 16.42 4.05 31.19
N TYR A 538 15.41 3.47 31.85
CA TYR A 538 14.75 2.23 31.44
C TYR A 538 13.26 2.28 31.70
N LEU A 539 12.47 1.56 30.86
CA LEU A 539 11.02 1.34 30.99
C LEU A 539 10.86 -0.12 31.42
N ILE A 540 10.92 -0.33 32.75
CA ILE A 540 10.97 -1.60 33.46
C ILE A 540 9.73 -2.47 33.27
N ALA A 541 9.89 -3.62 32.59
CA ALA A 541 8.81 -4.59 32.38
C ALA A 541 8.51 -5.37 33.67
N GLY A 542 9.49 -5.43 34.57
CA GLY A 542 9.36 -6.11 35.84
C GLY A 542 10.61 -6.77 36.35
N LEU A 543 10.49 -7.35 37.55
CA LEU A 543 11.53 -8.10 38.26
C LEU A 543 10.96 -9.24 39.09
N ASP A 544 11.72 -10.33 39.22
CA ASP A 544 11.32 -11.49 40.00
C ASP A 544 12.55 -12.23 40.55
N VAL A 545 12.34 -13.04 41.60
CA VAL A 545 13.42 -13.83 42.19
C VAL A 545 13.22 -15.32 41.85
N VAL A 546 14.32 -16.01 41.55
CA VAL A 546 14.35 -17.43 41.18
C VAL A 546 15.75 -17.98 41.42
N ALA A 547 15.85 -19.17 42.06
CA ALA A 547 17.12 -19.84 42.38
C ALA A 547 18.15 -18.90 43.04
N ASP A 548 17.70 -18.16 44.10
CA ASP A 548 18.47 -17.18 44.89
C ASP A 548 19.08 -16.03 44.04
N HIS A 549 18.45 -15.73 42.90
CA HIS A 549 18.89 -14.70 41.97
C HIS A 549 17.73 -13.82 41.53
N LEU A 550 18.05 -12.57 41.19
CA LEU A 550 17.08 -11.61 40.68
C LEU A 550 17.10 -11.62 39.15
N VAL A 551 15.92 -11.67 38.55
CA VAL A 551 15.74 -11.62 37.11
C VAL A 551 14.94 -10.35 36.79
N PHE A 552 15.35 -9.62 35.75
CA PHE A 552 14.67 -8.39 35.33
C PHE A 552 14.65 -8.27 33.80
N ALA A 553 13.77 -7.40 33.31
CA ALA A 553 13.60 -7.06 31.90
C ALA A 553 13.04 -5.66 31.82
N ALA A 554 13.53 -4.90 30.84
CA ALA A 554 13.13 -3.52 30.63
C ALA A 554 13.41 -3.12 29.19
N PHE A 555 12.75 -2.05 28.73
CA PHE A 555 13.06 -1.50 27.43
C PHE A 555 14.00 -0.36 27.72
N LYS A 556 15.04 -0.21 26.90
CA LYS A 556 15.98 0.89 27.03
C LYS A 556 15.24 2.13 26.57
N ALA A 557 15.14 3.15 27.43
CA ALA A 557 14.50 4.40 27.07
C ALA A 557 15.47 5.18 26.17
N GLY A 558 14.93 5.95 25.22
CA GLY A 558 15.76 6.73 24.30
C GLY A 558 16.55 7.79 25.03
N ALA A 559 17.90 7.74 24.95
CA ALA A 559 18.76 8.72 25.61
C ALA A 559 19.81 9.21 24.62
N VAL A 560 19.66 10.46 24.21
CA VAL A 560 20.51 11.08 23.19
C VAL A 560 21.05 12.45 23.64
N GLY A 561 21.82 13.09 22.76
CA GLY A 561 22.37 14.41 23.01
C GLY A 561 21.54 15.50 22.36
N TYR A 562 21.77 16.76 22.77
CA TYR A 562 21.10 17.92 22.19
C TYR A 562 22.02 19.14 22.24
N ASP A 563 22.00 19.97 21.19
CA ASP A 563 22.86 21.14 21.11
C ASP A 563 22.37 22.29 21.96
N MET A 564 23.23 22.74 22.89
CA MET A 564 23.00 23.85 23.84
C MET A 564 23.28 25.23 23.23
N THR A 565 23.80 25.27 21.97
CA THR A 565 24.19 26.50 21.27
C THR A 565 23.08 27.58 21.25
N THR A 566 23.54 28.83 21.31
CA THR A 566 22.77 30.08 21.28
C THR A 566 22.79 30.63 19.84
N ASP A 567 23.70 30.08 19.00
CA ASP A 567 23.86 30.46 17.59
C ASP A 567 22.64 29.98 16.81
N SER A 568 21.69 30.90 16.54
CA SER A 568 20.43 30.65 15.82
C SER A 568 20.64 30.08 14.43
N SER A 569 21.76 30.43 13.78
CA SER A 569 22.10 29.98 12.44
C SER A 569 22.97 28.70 12.41
N ALA A 570 23.27 28.10 13.59
CA ALA A 570 24.06 26.87 13.67
C ALA A 570 23.27 25.71 13.08
N SER A 571 23.97 24.80 12.39
CA SER A 571 23.42 23.64 11.71
C SER A 571 22.51 22.83 12.61
N THR A 572 23.02 22.43 13.79
CA THR A 572 22.29 21.59 14.74
C THR A 572 21.67 22.39 15.89
N TYR A 573 21.41 23.70 15.67
CA TYR A 573 20.77 24.57 16.66
C TYR A 573 19.33 24.14 16.89
N ASN A 574 18.91 24.05 18.17
CA ASN A 574 17.55 23.67 18.61
C ASN A 574 17.18 22.25 18.18
N GLN A 575 18.17 21.34 18.06
CA GLN A 575 17.89 19.97 17.66
C GLN A 575 18.61 18.92 18.53
N ALA A 576 18.01 17.71 18.58
CA ALA A 576 18.54 16.56 19.27
C ALA A 576 19.44 15.83 18.26
N LEU A 577 20.46 15.12 18.75
CA LEU A 577 21.39 14.41 17.88
C LEU A 577 21.24 12.92 18.07
N ALA A 578 20.52 12.29 17.12
CA ALA A 578 20.17 10.87 17.10
C ALA A 578 20.12 10.38 15.67
N TRP A 579 20.47 9.10 15.44
CA TRP A 579 20.46 8.53 14.11
C TRP A 579 20.18 7.03 14.14
N SER A 580 19.72 6.49 12.99
CA SER A 580 19.43 5.08 12.79
C SER A 580 20.73 4.25 12.86
N THR A 581 20.71 3.17 13.66
CA THR A 581 21.87 2.29 13.83
C THR A 581 21.63 0.90 13.25
N THR A 582 20.73 0.79 12.26
CA THR A 582 20.41 -0.47 11.60
C THR A 582 21.61 -0.99 10.83
N ALA A 583 21.91 -2.29 10.97
CA ALA A 583 22.99 -2.99 10.30
C ALA A 583 22.85 -2.83 8.79
N GLY A 584 23.97 -2.61 8.10
CA GLY A 584 24.01 -2.44 6.65
C GLY A 584 23.45 -3.59 5.85
N LEU A 585 23.04 -3.33 4.59
CA LEU A 585 22.49 -4.34 3.69
C LEU A 585 23.51 -5.44 3.36
N ASP A 586 24.79 -5.06 3.36
CA ASP A 586 25.95 -5.89 3.07
C ASP A 586 26.55 -6.57 4.32
N SER A 587 25.81 -6.61 5.45
CA SER A 587 26.30 -7.25 6.66
C SER A 587 26.51 -8.73 6.44
N ASP A 588 27.51 -9.31 7.14
CA ASP A 588 27.78 -10.74 7.08
C ASP A 588 26.68 -11.50 7.83
N GLY A 589 26.50 -12.77 7.48
CA GLY A 589 25.47 -13.63 8.05
C GLY A 589 25.66 -14.00 9.51
N GLY A 590 24.56 -14.31 10.16
CA GLY A 590 24.55 -14.74 11.55
C GLY A 590 24.18 -13.62 12.49
N TYR A 591 23.68 -13.98 13.69
CA TYR A 591 23.30 -13.00 14.69
C TYR A 591 24.44 -12.08 15.09
N LYS A 592 25.61 -12.64 15.47
CA LYS A 592 26.76 -11.85 15.93
C LYS A 592 27.28 -10.88 14.89
N ALA A 593 27.37 -11.29 13.61
CA ALA A 593 27.86 -10.41 12.56
C ALA A 593 26.93 -9.23 12.35
N LEU A 594 25.61 -9.46 12.43
CA LEU A 594 24.57 -8.44 12.26
C LEU A 594 24.60 -7.40 13.37
N VAL A 595 24.70 -7.85 14.63
CA VAL A 595 24.69 -6.96 15.79
C VAL A 595 26.03 -6.21 15.93
N GLU A 596 27.13 -6.79 15.42
CA GLU A 596 28.45 -6.14 15.47
C GLU A 596 28.72 -5.29 14.22
N ASN A 597 27.76 -5.23 13.27
CA ASN A 597 27.90 -4.41 12.04
C ASN A 597 28.11 -2.95 12.41
N THR A 598 29.07 -2.33 11.74
CA THR A 598 29.55 -0.97 12.00
C THR A 598 28.57 0.16 11.55
N ALA A 599 27.56 -0.14 10.71
CA ALA A 599 26.62 0.89 10.23
C ALA A 599 25.97 1.71 11.34
N GLY A 600 26.37 2.97 11.41
CA GLY A 600 25.86 3.95 12.37
C GLY A 600 26.49 3.94 13.75
N LEU A 601 27.65 3.25 13.91
CA LEU A 601 28.36 3.13 15.18
C LEU A 601 28.70 4.45 15.82
N ASN A 602 29.32 5.37 15.06
CA ASN A 602 29.75 6.67 15.57
C ASN A 602 28.90 7.85 15.11
N GLY A 603 28.12 7.68 14.04
CA GLY A 603 27.29 8.74 13.49
C GLY A 603 26.33 8.26 12.43
N PRO A 604 25.57 9.18 11.79
CA PRO A 604 24.59 8.75 10.78
C PRO A 604 25.15 8.07 9.52
N ILE A 605 24.31 7.27 8.84
CA ILE A 605 24.64 6.53 7.61
C ILE A 605 23.38 6.19 6.82
N ASN A 606 22.32 5.76 7.51
CA ASN A 606 21.06 5.32 6.92
C ASN A 606 20.18 6.48 6.47
N GLY A 607 19.44 6.19 5.41
CA GLY A 607 18.51 7.09 4.76
C GLY A 607 18.02 6.44 3.49
N LEU A 608 17.29 7.19 2.65
CA LEU A 608 16.78 6.63 1.39
C LEU A 608 17.89 6.46 0.36
N PHE A 609 18.12 5.20 -0.05
CA PHE A 609 19.08 4.82 -1.08
C PHE A 609 18.29 4.25 -2.26
N THR A 610 18.28 4.97 -3.40
CA THR A 610 17.52 4.55 -4.58
C THR A 610 18.40 3.75 -5.53
N LEU A 611 18.36 2.42 -5.35
CA LEU A 611 19.08 1.46 -6.19
C LEU A 611 18.20 1.30 -7.44
N LEU A 612 18.63 1.87 -8.59
CA LEU A 612 17.95 1.89 -9.91
C LEU A 612 16.43 2.31 -9.84
N ASP A 613 15.53 1.42 -9.39
CA ASP A 613 14.07 1.65 -9.25
C ASP A 613 13.51 0.80 -8.06
N THR A 614 14.39 0.53 -7.07
CA THR A 614 14.13 -0.20 -5.84
C THR A 614 14.84 0.50 -4.69
N PHE A 615 14.06 1.05 -3.76
CA PHE A 615 14.59 1.77 -2.61
C PHE A 615 14.85 0.86 -1.41
N ALA A 616 15.57 1.40 -0.42
CA ALA A 616 15.92 0.80 0.87
C ALA A 616 16.24 1.94 1.82
N TYR A 617 15.92 1.79 3.10
CA TYR A 617 16.20 2.84 4.08
C TYR A 617 17.51 2.58 4.86
N VAL A 618 18.28 1.57 4.45
CA VAL A 618 19.56 1.17 5.05
C VAL A 618 20.69 1.32 4.04
N THR A 619 21.93 1.49 4.54
CA THR A 619 23.14 1.65 3.73
C THR A 619 23.50 0.37 2.96
N PRO A 620 23.86 0.48 1.67
CA PRO A 620 24.26 -0.71 0.92
C PRO A 620 25.71 -1.13 1.19
N VAL A 621 26.52 -0.24 1.82
CA VAL A 621 27.91 -0.51 2.21
C VAL A 621 28.15 -0.15 3.69
N SER A 622 28.83 -1.04 4.42
CA SER A 622 29.15 -0.91 5.84
C SER A 622 30.38 -1.76 6.20
N GLY A 623 30.92 -1.54 7.38
CA GLY A 623 32.05 -2.28 7.92
C GLY A 623 33.32 -2.14 7.13
N MET A 624 33.85 -3.26 6.67
CA MET A 624 35.09 -3.32 5.88
C MET A 624 34.81 -3.67 4.42
N LYS A 625 33.64 -3.25 3.92
CA LYS A 625 33.21 -3.51 2.55
C LYS A 625 33.13 -2.23 1.68
N GLY A 626 33.84 -1.19 2.11
CA GLY A 626 33.90 0.10 1.43
C GLY A 626 35.01 0.22 0.42
N GLY A 627 34.96 1.30 -0.36
CA GLY A 627 35.92 1.59 -1.42
C GLY A 627 35.60 0.79 -2.67
N SER A 628 36.24 1.15 -3.80
CA SER A 628 36.03 0.45 -5.06
C SER A 628 36.26 -1.06 -4.95
N GLN A 629 37.30 -1.47 -4.19
CA GLN A 629 37.66 -2.88 -4.01
C GLN A 629 36.83 -3.59 -2.95
N ASN A 630 35.96 -2.86 -2.24
CA ASN A 630 35.07 -3.36 -1.18
C ASN A 630 35.83 -4.02 -0.02
N ASN A 631 36.99 -3.44 0.34
CA ASN A 631 37.87 -3.94 1.40
C ASN A 631 38.17 -2.89 2.47
N GLU A 632 37.89 -1.61 2.16
CA GLU A 632 38.14 -0.46 3.03
C GLU A 632 37.02 -0.25 4.06
N GLU A 633 37.32 0.52 5.11
CA GLU A 633 36.43 0.84 6.21
C GLU A 633 35.40 1.90 5.82
N VAL A 634 34.11 1.64 6.11
CA VAL A 634 33.05 2.61 5.88
C VAL A 634 32.91 3.35 7.19
N GLN A 635 33.53 4.53 7.25
CA GLN A 635 33.61 5.36 8.44
C GLN A 635 32.37 6.15 8.73
N THR A 636 32.18 6.40 10.01
CA THR A 636 31.06 7.10 10.61
C THR A 636 31.64 7.98 11.74
N THR A 637 31.08 9.19 11.94
CA THR A 637 31.58 10.10 12.98
C THR A 637 30.40 10.88 13.58
N TYR A 638 30.56 11.38 14.82
CA TYR A 638 29.53 12.15 15.53
C TYR A 638 29.18 13.47 14.77
N PRO A 639 27.88 13.87 14.72
CA PRO A 639 27.50 15.10 13.99
C PRO A 639 27.91 16.44 14.64
N VAL A 640 29.22 16.70 14.71
CA VAL A 640 29.84 17.93 15.22
C VAL A 640 31.00 18.25 14.27
N LYS A 641 30.96 19.45 13.61
CA LYS A 641 31.98 19.93 12.67
C LYS A 641 33.35 19.97 13.37
N SER A 642 34.40 19.47 12.70
CA SER A 642 35.78 19.39 13.20
C SER A 642 36.27 20.65 13.93
N ASP A 643 36.03 21.85 13.34
CA ASP A 643 36.44 23.13 13.94
C ASP A 643 35.66 23.48 15.22
N GLN A 644 34.44 22.92 15.40
CA GLN A 644 33.60 23.15 16.57
C GLN A 644 33.77 22.11 17.70
N LYS A 645 34.66 21.12 17.51
CA LYS A 645 34.90 20.04 18.47
C LYS A 645 35.38 20.53 19.85
N ALA A 646 36.26 21.52 19.90
CA ALA A 646 36.79 22.06 21.16
C ALA A 646 35.78 22.93 21.91
N THR A 647 34.84 23.57 21.18
CA THR A 647 33.87 24.52 21.71
C THR A 647 32.41 23.98 21.79
N ALA A 648 32.19 22.71 21.38
CA ALA A 648 30.87 22.05 21.36
C ALA A 648 30.26 21.90 22.74
N LYS A 649 28.93 22.11 22.83
CA LYS A 649 28.14 22.04 24.06
C LYS A 649 26.94 21.13 23.85
N ILE A 650 27.12 19.81 24.04
CA ILE A 650 26.07 18.81 23.87
C ILE A 650 25.62 18.30 25.26
N ALA A 651 24.34 18.48 25.58
CA ALA A 651 23.74 18.04 26.84
C ALA A 651 22.93 16.77 26.62
N SER A 652 22.39 16.17 27.69
CA SER A 652 21.62 14.91 27.61
C SER A 652 20.12 15.12 27.57
N LEU A 653 19.43 14.24 26.83
CA LEU A 653 17.99 14.26 26.66
C LEU A 653 17.44 12.82 26.77
N ILE A 654 16.39 12.61 27.58
CA ILE A 654 15.72 11.32 27.75
C ILE A 654 14.31 11.35 27.18
N ASN A 655 14.02 10.38 26.30
CA ASN A 655 12.75 10.12 25.63
C ASN A 655 11.94 9.15 26.48
N ALA A 656 10.64 9.41 26.60
CA ALA A 656 9.72 8.60 27.38
C ALA A 656 9.25 7.33 26.61
N SER A 657 10.14 6.74 25.77
CA SER A 657 9.86 5.59 24.91
C SER A 657 11.15 4.82 24.50
N PRO A 658 11.06 3.62 23.85
CA PRO A 658 12.28 2.91 23.44
C PRO A 658 12.98 3.47 22.20
N LEU A 659 12.54 4.65 21.68
CA LEU A 659 13.14 5.28 20.50
C LEU A 659 14.14 6.37 20.83
N ASN A 660 15.28 6.37 20.09
CA ASN A 660 16.33 7.39 20.19
C ASN A 660 15.96 8.59 19.33
N SER A 661 15.50 8.33 18.09
CA SER A 661 15.10 9.37 17.14
C SER A 661 13.60 9.38 16.90
N TYR A 662 13.03 10.61 16.84
CA TYR A 662 11.63 10.87 16.56
C TYR A 662 11.49 11.56 15.21
N GLY A 663 12.57 11.54 14.42
CA GLY A 663 12.63 12.15 13.10
C GLY A 663 11.57 11.59 12.18
N ASP A 664 10.65 12.46 11.75
CA ASP A 664 9.51 12.15 10.89
C ASP A 664 9.99 11.77 9.48
N ASP A 665 10.47 10.53 9.36
CA ASP A 665 11.04 9.96 8.14
C ASP A 665 10.72 8.45 8.06
N GLY A 666 10.97 7.88 6.88
CA GLY A 666 10.77 6.47 6.61
C GLY A 666 11.69 5.55 7.37
N VAL A 667 12.97 5.94 7.53
CA VAL A 667 13.99 5.13 8.21
C VAL A 667 13.58 4.82 9.67
N THR A 668 13.08 5.83 10.40
CA THR A 668 12.63 5.70 11.79
C THR A 668 11.40 4.76 11.89
N VAL A 669 10.50 4.82 10.88
CA VAL A 669 9.32 3.95 10.75
C VAL A 669 9.80 2.50 10.54
N PHE A 670 10.76 2.32 9.63
CA PHE A 670 11.36 1.01 9.30
C PHE A 670 12.08 0.39 10.50
N ASP A 671 12.76 1.22 11.28
CA ASP A 671 13.50 0.81 12.47
C ASP A 671 12.59 0.43 13.62
N ALA A 672 11.46 1.11 13.76
CA ALA A 672 10.52 0.85 14.85
C ALA A 672 9.62 -0.33 14.56
N LEU A 673 9.30 -0.56 13.29
CA LEU A 673 8.40 -1.62 12.86
C LEU A 673 9.11 -2.89 12.39
N GLY A 674 10.45 -2.87 12.38
CA GLY A 674 11.29 -3.99 11.98
C GLY A 674 11.11 -4.40 10.54
N LEU A 675 11.17 -3.42 9.64
CA LEU A 675 10.94 -3.61 8.21
C LEU A 675 12.20 -3.60 7.34
N ASN A 676 13.38 -3.51 7.97
CA ASN A 676 14.65 -3.52 7.27
C ASN A 676 15.14 -4.96 7.13
N PHE A 677 15.21 -5.44 5.89
CA PHE A 677 15.64 -6.79 5.55
C PHE A 677 16.68 -6.71 4.46
N ASN A 678 17.64 -7.65 4.46
CA ASN A 678 18.68 -7.70 3.43
C ASN A 678 18.10 -8.24 2.12
N PHE A 679 18.77 -7.97 0.99
CA PHE A 679 18.33 -8.45 -0.32
C PHE A 679 19.00 -9.78 -0.67
N LYS A 680 18.87 -10.75 0.25
CA LYS A 680 19.41 -12.10 0.17
C LYS A 680 18.26 -13.12 0.17
N LEU A 681 18.42 -14.27 -0.54
CA LEU A 681 17.37 -15.30 -0.58
C LEU A 681 17.05 -15.84 0.82
N ASN A 682 18.11 -16.00 1.66
CA ASN A 682 18.01 -16.33 3.09
C ASN A 682 17.79 -14.99 3.79
N GLU A 683 16.59 -14.41 3.59
CA GLU A 683 16.21 -13.09 4.09
C GLU A 683 16.33 -13.00 5.61
N GLU A 684 17.15 -12.05 6.06
CA GLU A 684 17.41 -11.77 7.46
C GLU A 684 17.02 -10.34 7.80
N ARG A 685 16.36 -10.15 8.96
CA ARG A 685 15.97 -8.84 9.43
C ARG A 685 17.19 -8.16 9.99
N LEU A 686 17.45 -6.93 9.51
CA LEU A 686 18.59 -6.12 9.94
C LEU A 686 18.25 -5.44 11.26
N PRO A 687 19.03 -5.71 12.32
CA PRO A 687 18.68 -5.13 13.63
C PRO A 687 19.19 -3.72 13.87
N SER A 688 18.41 -2.97 14.68
CA SER A 688 18.78 -1.66 15.16
C SER A 688 19.57 -1.94 16.44
N ARG A 689 20.52 -1.06 16.77
CA ARG A 689 21.30 -1.25 17.97
C ARG A 689 21.00 -0.15 19.00
N THR A 690 19.97 0.69 18.74
CA THR A 690 19.57 1.80 19.61
C THR A 690 18.05 1.96 19.78
N ASP A 691 17.27 1.44 18.83
CA ASP A 691 15.82 1.58 18.87
C ASP A 691 15.10 0.27 19.16
N GLN A 692 14.04 0.33 20.01
CA GLN A 692 13.18 -0.79 20.44
C GLN A 692 14.01 -1.91 21.06
N LEU A 693 14.95 -1.52 21.95
CA LEU A 693 15.87 -2.43 22.59
C LEU A 693 15.41 -2.95 23.94
N LEU A 694 15.17 -4.27 24.02
CA LEU A 694 14.83 -4.93 25.28
C LEU A 694 16.13 -5.36 25.95
N VAL A 695 16.27 -5.00 27.21
CA VAL A 695 17.39 -5.29 28.09
C VAL A 695 16.85 -6.27 29.14
N TYR A 696 17.57 -7.36 29.36
CA TYR A 696 17.16 -8.41 30.32
C TYR A 696 18.40 -9.03 30.95
N GLY A 697 18.21 -9.72 32.07
CA GLY A 697 19.32 -10.38 32.74
C GLY A 697 19.02 -10.98 34.08
N ILE A 698 19.99 -11.73 34.59
CA ILE A 698 20.02 -12.39 35.90
C ILE A 698 21.13 -11.71 36.72
N VAL A 699 20.83 -11.38 37.99
CA VAL A 699 21.77 -10.68 38.85
C VAL A 699 21.84 -11.37 40.24
N ASN A 700 23.08 -11.66 40.69
CA ASN A 700 23.37 -12.31 41.97
C ASN A 700 23.53 -11.33 43.12
N GLU A 701 23.56 -11.86 44.38
CA GLU A 701 23.70 -11.10 45.63
C GLU A 701 24.89 -10.15 45.65
N SER A 702 26.08 -10.57 45.14
CA SER A 702 27.27 -9.71 45.13
C SER A 702 27.10 -8.54 44.15
N GLU A 703 26.40 -8.77 43.02
CA GLU A 703 26.11 -7.72 42.03
C GLU A 703 25.11 -6.73 42.63
N LEU A 704 24.14 -7.24 43.41
CA LEU A 704 23.16 -6.42 44.11
C LEU A 704 23.80 -5.64 45.25
N LYS A 705 24.77 -6.25 45.95
CA LYS A 705 25.51 -5.64 47.06
C LYS A 705 26.35 -4.47 46.57
N SER A 706 26.90 -4.56 45.33
CA SER A 706 27.68 -3.50 44.70
C SER A 706 26.81 -2.29 44.42
N ALA A 707 25.54 -2.53 44.02
CA ALA A 707 24.57 -1.47 43.74
C ALA A 707 24.17 -0.75 45.03
N ARG A 708 24.05 -1.48 46.16
CA ARG A 708 23.73 -0.91 47.47
C ARG A 708 24.91 -0.06 47.96
N GLU A 709 26.15 -0.59 47.82
CA GLU A 709 27.38 0.07 48.22
C GLU A 709 27.61 1.33 47.40
N ASN A 710 27.38 1.26 46.07
CA ASN A 710 27.49 2.39 45.14
C ASN A 710 26.49 3.50 45.49
N ALA A 711 25.29 3.13 45.97
CA ALA A 711 24.25 4.08 46.38
C ALA A 711 24.60 4.79 47.70
N GLN A 712 25.20 4.04 48.66
CA GLN A 712 25.57 4.53 49.99
C GLN A 712 26.81 5.41 50.02
N SER A 713 27.59 5.44 48.92
CA SER A 713 28.80 6.25 48.79
C SER A 713 28.42 7.74 48.68
N THR A 714 29.05 8.57 49.54
CA THR A 714 28.83 10.01 49.64
C THR A 714 29.96 10.80 48.98
N SER A 715 29.73 11.21 47.73
CA SER A 715 30.64 11.98 46.86
C SER A 715 32.04 11.35 46.76
N ASP A 716 32.94 11.71 47.70
CA ASP A 716 34.32 11.26 47.88
C ASP A 716 35.02 10.79 46.57
N ASP A 717 35.58 9.56 46.59
CA ASP A 717 36.36 8.92 45.53
C ASP A 717 35.60 7.84 44.73
N ASN A 718 34.33 7.55 45.10
CA ASN A 718 33.53 6.54 44.39
C ASN A 718 32.33 7.18 43.66
N SER A 719 32.49 8.45 43.24
CA SER A 719 31.51 9.26 42.51
C SER A 719 31.39 8.84 41.03
N ASN A 720 32.50 8.34 40.45
CA ASN A 720 32.56 7.90 39.05
C ASN A 720 32.64 6.36 38.91
N THR A 721 32.64 5.65 40.06
CA THR A 721 32.68 4.19 40.10
C THR A 721 31.33 3.61 39.64
N LYS A 722 31.39 2.60 38.76
CA LYS A 722 30.26 1.95 38.13
C LYS A 722 29.97 0.55 38.71
N VAL A 723 28.70 0.15 38.68
CA VAL A 723 28.20 -1.15 39.11
C VAL A 723 28.25 -1.99 37.82
N LYS A 724 28.77 -3.21 37.89
CA LYS A 724 28.86 -4.07 36.71
C LYS A 724 28.01 -5.33 36.81
N TRP A 725 26.94 -5.39 35.99
CA TRP A 725 26.03 -6.53 35.89
C TRP A 725 26.37 -7.17 34.54
N THR A 726 27.22 -8.19 34.55
CA THR A 726 27.73 -8.84 33.34
C THR A 726 26.81 -9.94 32.76
N ASN A 727 25.89 -10.49 33.57
CA ASN A 727 24.98 -11.54 33.08
C ASN A 727 23.66 -10.95 32.60
N THR A 728 23.77 -10.01 31.66
CA THR A 728 22.65 -9.33 31.03
C THR A 728 22.87 -9.33 29.52
N ALA A 729 21.82 -9.00 28.76
CA ALA A 729 21.86 -8.90 27.30
C ALA A 729 20.80 -7.93 26.80
N SER A 730 20.96 -7.52 25.54
CA SER A 730 20.02 -6.64 24.87
C SER A 730 19.57 -7.29 23.58
N HIS A 731 18.34 -7.02 23.19
CA HIS A 731 17.76 -7.58 21.99
C HIS A 731 16.83 -6.58 21.32
N TYR A 732 16.91 -6.53 20.00
CA TYR A 732 16.06 -5.68 19.18
C TYR A 732 14.68 -6.32 19.12
N LEU A 733 13.69 -5.59 19.63
CA LEU A 733 12.31 -6.05 19.71
C LEU A 733 11.36 -4.95 19.21
N PRO A 734 11.18 -4.84 17.86
CA PRO A 734 10.30 -3.80 17.33
C PRO A 734 8.82 -4.11 17.47
N VAL A 735 7.92 -3.12 17.28
CA VAL A 735 6.47 -3.36 17.29
C VAL A 735 6.09 -4.14 16.02
N PRO A 736 5.02 -4.96 16.04
CA PRO A 736 4.63 -5.64 14.80
C PRO A 736 4.26 -4.60 13.75
N TYR A 737 4.81 -4.74 12.54
CA TYR A 737 4.53 -3.83 11.42
C TYR A 737 3.06 -3.89 11.06
N TYR A 738 2.44 -5.06 11.25
CA TYR A 738 1.03 -5.33 10.93
C TYR A 738 0.06 -4.67 11.93
N TYR A 739 0.60 -3.93 12.93
CA TYR A 739 -0.19 -3.17 13.88
C TYR A 739 -0.52 -1.82 13.24
N SER A 740 0.14 -1.54 12.10
CA SER A 740 -0.05 -0.34 11.29
C SER A 740 -0.81 -0.70 10.03
N ALA A 741 -1.81 0.10 9.68
CA ALA A 741 -2.66 -0.11 8.51
C ALA A 741 -1.90 0.06 7.20
N ASN A 742 -1.05 1.11 7.11
CA ASN A 742 -0.29 1.43 5.90
C ASN A 742 1.22 1.22 6.06
N PHE A 743 1.63 0.05 6.61
CA PHE A 743 3.05 -0.25 6.79
C PHE A 743 3.79 -0.28 5.43
N PRO A 744 4.93 0.43 5.32
CA PRO A 744 5.63 0.45 4.02
C PRO A 744 6.47 -0.80 3.73
N GLU A 745 6.99 -0.91 2.49
CA GLU A 745 7.81 -2.03 2.07
C GLU A 745 8.87 -1.57 1.07
N ALA A 746 10.13 -1.94 1.34
CA ALA A 746 11.27 -1.57 0.49
C ALA A 746 11.53 -2.58 -0.63
N GLY A 747 11.77 -2.05 -1.83
CA GLY A 747 12.05 -2.84 -3.03
C GLY A 747 10.97 -2.78 -4.10
N ASN A 748 10.00 -1.86 -3.95
CA ASN A 748 8.86 -1.70 -4.85
C ASN A 748 9.19 -0.96 -6.16
N ARG A 749 8.35 0.02 -6.54
CA ARG A 749 8.42 0.81 -7.78
C ARG A 749 8.14 2.31 -7.55
N ARG A 750 8.61 2.86 -6.39
CA ARG A 750 8.44 4.24 -5.90
C ARG A 750 6.99 4.50 -5.41
N ARG A 751 5.98 4.07 -6.22
CA ARG A 751 4.52 4.19 -6.04
C ARG A 751 4.04 5.60 -6.44
N GLY A 757 6.03 8.47 0.14
CA GLY A 757 6.81 7.90 1.24
C GLY A 757 6.08 7.96 2.56
N VAL A 758 6.20 6.87 3.37
CA VAL A 758 5.55 6.82 4.67
C VAL A 758 6.52 7.22 5.77
N LYS A 759 6.18 8.29 6.48
CA LYS A 759 6.90 8.82 7.63
C LYS A 759 6.02 8.58 8.89
N ILE A 760 6.48 9.00 10.07
CA ILE A 760 5.75 8.79 11.33
C ILE A 760 4.37 9.46 11.31
N SER A 761 4.32 10.73 10.90
CA SER A 761 3.10 11.53 10.83
C SER A 761 2.04 10.94 9.88
N THR A 762 2.46 10.20 8.83
CA THR A 762 1.50 9.60 7.87
C THR A 762 1.15 8.14 8.22
N LEU A 763 1.87 7.52 9.19
CA LEU A 763 1.64 6.17 9.67
C LEU A 763 0.29 6.12 10.41
N GLU A 764 -0.57 5.15 10.00
CA GLU A 764 -1.92 4.92 10.50
C GLU A 764 -1.93 3.72 11.44
N SER A 765 -2.39 3.91 12.69
CA SER A 765 -2.45 2.82 13.64
C SER A 765 -3.75 2.04 13.54
N GLN A 766 -3.65 0.70 13.51
CA GLN A 766 -4.80 -0.21 13.52
C GLN A 766 -4.73 -1.16 14.75
N ALA A 767 -3.85 -0.81 15.71
CA ALA A 767 -3.62 -1.52 16.97
C ALA A 767 -4.84 -1.44 17.89
N THR A 768 -5.13 -2.55 18.59
CA THR A 768 -6.26 -2.65 19.52
C THR A 768 -5.78 -3.12 20.90
N ASP A 769 -4.48 -2.96 21.20
CA ASP A 769 -3.85 -3.41 22.44
C ASP A 769 -3.74 -2.30 23.51
N GLY A 770 -4.56 -1.27 23.39
CA GLY A 770 -4.63 -0.18 24.35
C GLY A 770 -3.80 1.05 24.05
N PHE A 771 -3.24 1.15 22.83
CA PHE A 771 -2.41 2.30 22.44
C PHE A 771 -2.89 2.92 21.15
N ALA A 772 -3.01 4.26 21.10
CA ALA A 772 -3.42 5.00 19.90
C ALA A 772 -2.28 5.00 18.86
N ASN A 773 -1.03 4.75 19.31
CA ASN A 773 0.15 4.68 18.44
C ASN A 773 0.45 3.22 18.07
N SER A 774 1.15 3.02 16.94
CA SER A 774 1.58 1.71 16.43
C SER A 774 3.08 1.78 16.14
N LEU A 775 3.78 2.63 16.91
CA LEU A 775 5.19 2.97 16.74
C LEU A 775 6.07 2.50 17.88
N LEU A 776 5.60 2.64 19.13
CA LEU A 776 6.39 2.35 20.32
C LEU A 776 6.07 1.02 20.95
N ASN A 777 7.12 0.26 21.27
CA ASN A 777 6.95 -1.02 21.93
C ASN A 777 6.82 -0.83 23.44
N PHE A 778 6.16 -1.78 24.09
CA PHE A 778 5.89 -1.74 25.52
C PHE A 778 6.03 -3.16 26.07
N GLY A 779 6.59 -3.27 27.27
CA GLY A 779 6.79 -4.55 27.94
C GLY A 779 6.26 -4.53 29.35
N THR A 780 5.55 -5.59 29.74
CA THR A 780 4.92 -5.69 31.05
C THR A 780 4.85 -7.14 31.56
N GLY A 781 4.71 -7.27 32.87
CA GLY A 781 4.49 -8.53 33.56
C GLY A 781 5.61 -9.53 33.55
N LEU A 782 6.82 -9.13 33.96
CA LEU A 782 7.91 -10.11 34.04
C LEU A 782 7.65 -11.05 35.22
N LYS A 783 7.63 -12.36 34.95
CA LYS A 783 7.44 -13.39 35.96
C LYS A 783 8.34 -14.58 35.65
N ALA A 784 9.12 -14.98 36.65
CA ALA A 784 10.00 -16.14 36.56
C ALA A 784 9.25 -17.39 36.96
N GLY A 785 9.78 -18.53 36.57
CA GLY A 785 9.18 -19.82 36.89
C GLY A 785 10.10 -21.00 36.71
N VAL A 786 10.16 -21.90 37.71
CA VAL A 786 10.97 -23.13 37.68
C VAL A 786 10.13 -24.21 36.98
N ASP A 787 10.66 -24.74 35.87
CA ASP A 787 10.03 -25.80 35.06
C ASP A 787 9.76 -27.05 35.93
N PRO A 788 8.50 -27.52 36.04
CA PRO A 788 8.23 -28.69 36.89
C PRO A 788 8.74 -30.02 36.32
N ALA A 789 8.90 -30.08 34.98
CA ALA A 789 9.37 -31.26 34.24
C ALA A 789 10.75 -31.73 34.72
N PRO A 790 10.98 -33.05 34.89
CA PRO A 790 12.29 -33.51 35.36
C PRO A 790 13.40 -33.38 34.32
N VAL A 791 14.61 -33.03 34.79
CA VAL A 791 15.80 -32.90 33.93
C VAL A 791 16.74 -34.10 34.13
N ALA A 792 17.77 -34.23 33.26
CA ALA A 792 18.76 -35.31 33.29
C ALA A 792 19.52 -35.38 34.62
N ARG A 793 20.06 -36.59 34.94
CA ARG A 793 20.84 -36.85 36.15
C ARG A 793 22.05 -35.91 36.26
N GLY A 794 22.17 -35.25 37.41
CA GLY A 794 23.25 -34.34 37.73
C GLY A 794 23.10 -32.91 37.24
N HIS A 795 21.87 -32.53 36.83
CA HIS A 795 21.58 -31.18 36.33
C HIS A 795 20.48 -30.53 37.16
N LYS A 796 20.63 -29.24 37.45
CA LYS A 796 19.67 -28.44 38.22
C LYS A 796 18.37 -28.21 37.44
N PRO A 797 17.19 -28.05 38.11
CA PRO A 797 15.94 -27.82 37.36
C PRO A 797 15.92 -26.48 36.62
N ASN A 798 15.50 -26.49 35.35
CA ASN A 798 15.43 -25.31 34.48
C ASN A 798 14.44 -24.25 34.95
N TYR A 799 14.73 -23.00 34.60
CA TYR A 799 13.88 -21.87 34.91
C TYR A 799 13.93 -20.81 33.83
N SER A 800 12.79 -20.16 33.62
CA SER A 800 12.63 -19.12 32.62
C SER A 800 11.78 -18.00 33.15
N ALA A 801 11.89 -16.84 32.54
CA ALA A 801 11.06 -15.69 32.88
C ALA A 801 10.31 -15.32 31.63
N VAL A 802 9.05 -14.95 31.79
CA VAL A 802 8.28 -14.53 30.62
C VAL A 802 7.72 -13.14 30.84
N LEU A 803 7.43 -12.45 29.74
CA LEU A 803 6.83 -11.11 29.75
C LEU A 803 6.05 -10.89 28.47
N LEU A 804 5.05 -10.01 28.56
CA LEU A 804 4.20 -9.67 27.44
C LEU A 804 4.65 -8.34 26.85
N VAL A 805 4.75 -8.31 25.52
CA VAL A 805 5.13 -7.13 24.72
C VAL A 805 4.05 -6.92 23.65
N ARG A 806 4.10 -5.80 22.91
CA ARG A 806 3.14 -5.55 21.85
C ARG A 806 3.34 -6.57 20.73
N GLY A 807 2.29 -7.35 20.49
CA GLY A 807 2.27 -8.37 19.45
C GLY A 807 2.62 -9.79 19.82
N GLY A 808 3.21 -10.00 20.99
CA GLY A 808 3.59 -11.34 21.40
C GLY A 808 4.18 -11.51 22.78
N VAL A 809 4.59 -12.75 23.10
CA VAL A 809 5.20 -13.13 24.35
C VAL A 809 6.71 -13.33 24.18
N VAL A 810 7.49 -12.86 25.16
CA VAL A 810 8.94 -13.05 25.14
C VAL A 810 9.34 -13.91 26.33
N ARG A 811 10.12 -14.96 26.04
CA ARG A 811 10.63 -15.91 27.01
C ARG A 811 12.14 -15.70 27.15
N LEU A 812 12.59 -15.67 28.41
CA LEU A 812 14.00 -15.50 28.76
C LEU A 812 14.50 -16.77 29.41
N ASN A 813 15.49 -17.41 28.79
CA ASN A 813 16.05 -18.69 29.21
C ASN A 813 17.40 -18.56 29.90
N PHE A 814 17.59 -19.36 30.97
CA PHE A 814 18.80 -19.35 31.80
C PHE A 814 19.38 -20.74 31.99
N ASN A 815 20.70 -20.80 32.28
CA ASN A 815 21.42 -22.04 32.58
C ASN A 815 21.31 -22.26 34.10
N PRO A 816 20.57 -23.29 34.57
CA PRO A 816 20.41 -23.48 36.02
C PRO A 816 21.64 -24.00 36.76
N ASP A 817 22.61 -24.59 36.02
CA ASP A 817 23.83 -25.14 36.60
C ASP A 817 24.85 -24.04 36.93
N THR A 818 24.74 -22.85 36.29
CA THR A 818 25.65 -21.71 36.48
C THR A 818 24.94 -20.43 36.93
N ASP A 819 23.59 -20.38 36.80
CA ASP A 819 22.73 -19.23 37.13
C ASP A 819 23.13 -18.01 36.30
N LYS A 820 23.30 -18.26 34.99
CA LYS A 820 23.68 -17.31 33.96
C LYS A 820 22.69 -17.42 32.79
N LEU A 821 22.79 -16.53 31.79
CA LEU A 821 21.95 -16.53 30.59
C LEU A 821 22.26 -17.79 29.75
N LEU A 822 21.23 -18.43 29.16
CA LEU A 822 21.41 -19.64 28.34
C LEU A 822 22.13 -19.31 27.02
N ASP A 823 23.34 -19.88 26.85
CA ASP A 823 24.22 -19.65 25.72
C ASP A 823 24.63 -20.95 25.00
N SER A 824 25.14 -20.81 23.75
CA SER A 824 25.63 -21.91 22.92
C SER A 824 27.03 -21.56 22.36
N THR A 825 27.73 -22.56 21.78
CA THR A 825 29.07 -22.40 21.17
C THR A 825 29.03 -21.48 19.93
N ASP A 826 28.10 -21.76 18.98
CA ASP A 826 27.92 -21.03 17.72
C ASP A 826 27.45 -19.58 17.88
N LYS A 827 28.19 -18.65 17.22
CA LYS A 827 27.94 -17.20 17.21
C LYS A 827 27.00 -16.76 16.06
N ASN A 828 26.89 -17.61 15.01
CA ASN A 828 26.01 -17.41 13.85
C ASN A 828 24.57 -17.68 14.27
N SER A 829 24.39 -18.57 15.27
CA SER A 829 23.10 -18.96 15.83
C SER A 829 22.52 -17.80 16.63
N GLU A 830 21.18 -17.61 16.53
CA GLU A 830 20.47 -16.60 17.30
C GLU A 830 20.58 -16.93 18.80
N PRO A 831 20.62 -15.94 19.73
CA PRO A 831 20.77 -16.27 21.15
C PRO A 831 19.62 -17.13 21.64
N ILE A 832 19.97 -18.22 22.33
CA ILE A 832 18.98 -19.16 22.85
C ILE A 832 18.39 -18.66 24.20
N SER A 833 18.90 -17.52 24.73
CA SER A 833 18.46 -16.86 25.98
C SER A 833 17.22 -15.98 25.76
N PHE A 834 16.96 -15.61 24.49
CA PHE A 834 15.81 -14.77 24.12
C PHE A 834 14.96 -15.45 23.05
N SER A 835 13.63 -15.35 23.21
CA SER A 835 12.63 -15.87 22.29
C SER A 835 11.39 -14.97 22.27
N TYR A 836 10.90 -14.66 21.07
CA TYR A 836 9.68 -13.86 20.88
C TYR A 836 8.73 -14.65 19.99
N THR A 837 7.53 -14.95 20.50
CA THR A 837 6.50 -15.67 19.76
C THR A 837 5.30 -14.75 19.59
N PRO A 838 4.92 -14.38 18.35
CA PRO A 838 3.77 -13.48 18.17
C PRO A 838 2.46 -14.12 18.59
N PHE A 839 1.61 -13.37 19.31
CA PHE A 839 0.32 -13.93 19.70
C PHE A 839 -0.78 -13.61 18.66
N GLY A 840 -1.89 -14.33 18.73
CA GLY A 840 -3.01 -14.19 17.80
C GLY A 840 -3.80 -12.90 17.92
N SER A 841 -4.80 -12.75 17.04
CA SER A 841 -5.69 -11.60 16.97
C SER A 841 -6.51 -11.41 18.26
N ALA A 842 -6.92 -12.52 18.90
CA ALA A 842 -7.70 -12.53 20.13
C ALA A 842 -6.95 -11.91 21.32
N GLU A 843 -5.63 -12.12 21.37
CA GLU A 843 -4.76 -11.60 22.43
C GLU A 843 -4.21 -10.23 22.09
N SER A 844 -4.24 -9.85 20.80
CA SER A 844 -3.83 -8.52 20.31
C SER A 844 -4.95 -7.52 20.61
N ALA A 845 -6.14 -8.02 20.98
CA ALA A 845 -7.32 -7.23 21.33
C ALA A 845 -7.30 -6.83 22.81
N VAL A 846 -6.43 -7.49 23.61
CA VAL A 846 -6.24 -7.26 25.05
C VAL A 846 -5.40 -6.00 25.28
N ASP A 847 -5.90 -5.12 26.19
CA ASP A 847 -5.22 -3.88 26.59
C ASP A 847 -4.07 -4.24 27.52
N LEU A 848 -2.83 -4.12 27.03
CA LEU A 848 -1.64 -4.47 27.81
C LEU A 848 -1.34 -3.51 28.98
N THR A 849 -1.97 -2.32 28.99
CA THR A 849 -1.77 -1.33 30.06
C THR A 849 -2.65 -1.66 31.29
N THR A 850 -3.63 -2.57 31.12
CA THR A 850 -4.58 -2.93 32.18
C THR A 850 -4.21 -4.16 33.01
N LEU A 851 -2.96 -4.67 32.88
CA LEU A 851 -2.51 -5.84 33.62
C LEU A 851 -2.61 -5.62 35.12
N LYS A 852 -3.39 -6.47 35.79
CA LYS A 852 -3.55 -6.33 37.23
C LYS A 852 -2.75 -7.39 37.99
N ASP A 853 -2.56 -8.59 37.41
CA ASP A 853 -1.84 -9.65 38.11
C ASP A 853 -1.13 -10.65 37.21
N VAL A 854 0.01 -11.18 37.68
CA VAL A 854 0.75 -12.26 37.03
C VAL A 854 1.00 -13.32 38.08
N THR A 855 0.69 -14.59 37.74
CA THR A 855 0.86 -15.74 38.64
C THR A 855 1.52 -16.88 37.89
N TYR A 856 2.40 -17.62 38.58
CA TYR A 856 3.03 -18.82 38.03
C TYR A 856 2.59 -19.99 38.89
N ILE A 857 2.09 -21.05 38.26
CA ILE A 857 1.64 -22.26 38.96
C ILE A 857 2.72 -23.33 38.81
N ALA A 858 3.49 -23.55 39.89
CA ALA A 858 4.63 -24.46 39.99
C ALA A 858 4.40 -25.86 39.41
N GLU A 859 3.29 -26.51 39.81
CA GLU A 859 2.91 -27.87 39.42
C GLU A 859 2.60 -28.05 37.93
N SER A 860 2.00 -27.01 37.30
CA SER A 860 1.64 -27.04 35.88
C SER A 860 2.65 -26.35 34.97
N GLY A 861 3.47 -25.48 35.56
CA GLY A 861 4.49 -24.69 34.84
C GLY A 861 3.90 -23.63 33.94
N LEU A 862 2.69 -23.13 34.31
CA LEU A 862 1.94 -22.14 33.53
C LEU A 862 1.84 -20.82 34.22
N TRP A 863 1.96 -19.76 33.43
CA TRP A 863 1.83 -18.38 33.85
C TRP A 863 0.41 -17.93 33.51
N PHE A 864 -0.20 -17.13 34.39
CA PHE A 864 -1.54 -16.58 34.19
C PHE A 864 -1.50 -15.07 34.33
N TYR A 865 -1.85 -14.37 33.24
CA TYR A 865 -1.86 -12.90 33.16
C TYR A 865 -3.28 -12.38 33.24
N THR A 866 -3.59 -11.70 34.36
CA THR A 866 -4.92 -11.13 34.59
C THR A 866 -4.95 -9.68 34.18
N PHE A 867 -5.93 -9.34 33.34
CA PHE A 867 -6.14 -7.99 32.82
C PHE A 867 -7.48 -7.45 33.30
N ASP A 868 -7.46 -6.29 33.93
CA ASP A 868 -8.64 -5.64 34.49
C ASP A 868 -8.97 -4.38 33.70
N ASN A 869 -10.17 -4.31 33.07
CA ASN A 869 -10.65 -3.15 32.30
C ASN A 869 -10.83 -1.88 33.14
N GLY A 870 -10.98 -2.03 34.46
CA GLY A 870 -11.11 -0.94 35.41
C GLY A 870 -9.83 -0.14 35.59
N GLU A 871 -8.71 -0.70 35.12
CA GLU A 871 -7.39 -0.09 35.15
C GLU A 871 -7.19 0.93 34.01
N LYS A 872 -8.20 1.08 33.12
CA LYS A 872 -8.20 2.05 32.01
C LYS A 872 -8.44 3.47 32.54
N PRO A 873 -7.97 4.56 31.86
CA PRO A 873 -8.28 5.92 32.34
C PRO A 873 -9.78 6.23 32.25
N THR A 874 -10.28 7.17 33.06
CA THR A 874 -11.72 7.52 33.06
C THR A 874 -12.16 8.26 31.80
N TYR A 875 -11.30 9.14 31.27
CA TYR A 875 -11.56 9.93 30.06
C TYR A 875 -10.38 9.86 29.09
N ASP A 876 -10.68 9.92 27.78
CA ASP A 876 -9.67 9.88 26.71
C ASP A 876 -9.01 11.26 26.48
N GLY A 877 -8.15 11.35 25.48
CA GLY A 877 -7.46 12.59 25.09
C GLY A 877 -8.39 13.70 24.67
N LYS A 878 -9.54 13.34 24.09
CA LYS A 878 -10.57 14.27 23.64
C LYS A 878 -11.64 14.51 24.73
N GLN A 879 -11.28 14.18 26.00
CA GLN A 879 -12.07 14.32 27.23
C GLN A 879 -13.49 13.69 27.15
N GLN A 880 -13.57 12.52 26.52
CA GLN A 880 -14.80 11.73 26.37
C GLN A 880 -14.66 10.52 27.28
N GLN A 881 -15.77 10.07 27.89
CA GLN A 881 -15.81 8.90 28.78
C GLN A 881 -15.27 7.68 28.05
N VAL A 882 -14.40 6.91 28.72
CA VAL A 882 -13.79 5.73 28.10
C VAL A 882 -14.77 4.56 28.07
N LYS A 883 -14.90 3.95 26.88
CA LYS A 883 -15.74 2.79 26.59
C LYS A 883 -15.08 1.52 27.18
N ASN A 884 -15.92 0.64 27.73
CA ASN A 884 -15.58 -0.65 28.35
C ASN A 884 -14.48 -0.57 29.41
N ARG A 885 -14.82 0.06 30.56
CA ARG A 885 -13.95 0.16 31.73
C ARG A 885 -14.46 -0.91 32.72
N LYS A 886 -15.28 -1.82 32.20
CA LYS A 886 -15.90 -2.93 32.89
C LYS A 886 -15.45 -4.23 32.24
N GLY A 887 -15.11 -5.20 33.07
CA GLY A 887 -14.68 -6.49 32.59
C GLY A 887 -13.26 -6.87 32.94
N TYR A 888 -12.84 -8.01 32.43
CA TYR A 888 -11.52 -8.60 32.64
C TYR A 888 -11.23 -9.63 31.55
N ALA A 889 -9.96 -10.00 31.41
CA ALA A 889 -9.51 -11.01 30.46
C ALA A 889 -8.28 -11.69 31.07
N VAL A 890 -8.08 -12.99 30.76
CA VAL A 890 -6.94 -13.74 31.28
C VAL A 890 -6.19 -14.46 30.15
N ILE A 891 -4.86 -14.29 30.13
CA ILE A 891 -3.96 -14.94 29.17
C ILE A 891 -3.14 -16.03 29.88
N THR A 892 -3.00 -17.18 29.25
CA THR A 892 -2.19 -18.28 29.76
C THR A 892 -0.91 -18.36 28.93
N VAL A 893 0.25 -18.46 29.61
CA VAL A 893 1.52 -18.60 28.92
C VAL A 893 2.10 -20.00 29.23
N SER A 894 2.40 -20.77 28.19
CA SER A 894 2.94 -22.12 28.32
C SER A 894 4.28 -22.25 27.60
N ARG A 895 5.11 -23.21 28.04
CA ARG A 895 6.41 -23.47 27.43
C ARG A 895 6.24 -24.28 26.14
N THR A 896 7.09 -24.02 25.14
CA THR A 896 7.12 -24.74 23.85
C THR A 896 8.57 -25.00 23.45
N GLY A 897 8.80 -26.06 22.68
CA GLY A 897 10.12 -26.44 22.18
C GLY A 897 10.91 -27.36 23.07
N ILE A 898 12.10 -27.77 22.60
CA ILE A 898 13.05 -28.65 23.30
C ILE A 898 13.64 -27.85 24.47
N GLU A 899 13.74 -28.50 25.64
CA GLU A 899 14.26 -27.89 26.87
C GLU A 899 15.71 -28.32 27.16
N PHE A 900 16.44 -27.53 27.96
CA PHE A 900 17.83 -27.78 28.36
C PHE A 900 17.92 -29.05 29.22
N ASN A 901 18.81 -29.99 28.83
CA ASN A 901 19.02 -31.29 29.47
C ASN A 901 17.71 -32.12 29.55
N GLU A 902 16.84 -32.00 28.52
CA GLU A 902 15.55 -32.74 28.40
C GLU A 902 15.80 -34.26 28.44
N ASP A 903 16.93 -34.70 27.86
CA ASP A 903 17.42 -36.08 27.87
C ASP A 903 18.94 -36.10 28.18
N ALA A 904 19.53 -37.31 28.34
CA ALA A 904 20.94 -37.52 28.68
C ALA A 904 21.95 -36.80 27.75
N ASN A 905 21.78 -36.90 26.41
CA ASN A 905 22.69 -36.31 25.41
C ASN A 905 22.40 -34.85 25.04
N THR A 906 21.32 -34.23 25.61
CA THR A 906 21.00 -32.82 25.32
C THR A 906 22.05 -31.90 25.96
N THR A 907 23.12 -31.63 25.19
CA THR A 907 24.25 -30.80 25.58
C THR A 907 23.94 -29.36 25.17
N THR A 908 24.17 -29.02 23.89
CA THR A 908 23.90 -27.70 23.32
C THR A 908 22.52 -27.67 22.66
N LEU A 909 21.87 -26.48 22.68
CA LEU A 909 20.57 -26.30 22.06
C LEU A 909 20.71 -25.39 20.86
N SER A 910 20.18 -25.82 19.70
CA SER A 910 20.24 -25.07 18.43
C SER A 910 19.18 -23.99 18.36
N GLN A 911 17.96 -24.29 18.85
CA GLN A 911 16.82 -23.37 18.88
C GLN A 911 16.56 -22.86 20.29
N ALA A 912 16.09 -21.60 20.39
CA ALA A 912 15.77 -20.98 21.68
C ALA A 912 14.44 -21.53 22.21
N PRO A 913 14.37 -22.06 23.46
CA PRO A 913 13.06 -22.53 23.98
C PRO A 913 12.07 -21.37 24.04
N ALA A 914 10.90 -21.55 23.43
CA ALA A 914 9.89 -20.51 23.31
C ALA A 914 8.69 -20.65 24.26
N ALA A 915 7.84 -19.61 24.28
CA ALA A 915 6.63 -19.52 25.06
C ALA A 915 5.42 -19.39 24.12
N LEU A 916 4.21 -19.61 24.64
CA LEU A 916 2.97 -19.52 23.87
C LEU A 916 1.92 -18.83 24.72
N ALA A 917 1.42 -17.67 24.25
CA ALA A 917 0.42 -16.88 24.94
C ALA A 917 -0.94 -17.01 24.27
N VAL A 918 -1.97 -17.35 25.05
CA VAL A 918 -3.35 -17.52 24.56
C VAL A 918 -4.39 -17.03 25.57
N GLN A 919 -5.49 -16.44 25.05
CA GLN A 919 -6.65 -16.02 25.82
C GLN A 919 -7.29 -17.35 26.23
N ASN A 920 -7.24 -17.67 27.52
CA ASN A 920 -7.63 -18.97 28.07
C ASN A 920 -9.13 -19.28 28.21
N GLY A 921 -10.01 -18.30 28.05
CA GLY A 921 -11.44 -18.52 28.20
C GLY A 921 -12.07 -17.78 29.37
N ILE A 922 -11.24 -17.27 30.29
CA ILE A 922 -11.73 -16.47 31.42
C ILE A 922 -11.73 -15.03 30.93
N ALA A 923 -12.90 -14.56 30.53
CA ALA A 923 -13.11 -13.21 30.02
C ALA A 923 -14.54 -12.77 30.26
N SER A 924 -14.73 -11.44 30.36
CA SER A 924 -16.00 -10.76 30.55
C SER A 924 -15.83 -9.28 30.20
N SER A 925 -16.93 -8.63 29.88
CA SER A 925 -16.96 -7.21 29.54
C SER A 925 -18.07 -6.54 30.36
N GLN A 926 -18.71 -7.28 31.27
CA GLN A 926 -19.79 -6.73 32.05
C GLN A 926 -19.53 -6.65 33.56
N ASP A 927 -18.38 -7.16 34.05
CA ASP A 927 -18.21 -7.15 35.50
C ASP A 927 -16.86 -6.67 36.02
N ASP A 928 -16.83 -6.24 37.29
CA ASP A 928 -15.60 -5.79 37.95
C ASP A 928 -15.00 -6.93 38.74
N LEU A 929 -13.76 -7.29 38.40
CA LEU A 929 -13.06 -8.41 39.00
C LEU A 929 -12.44 -8.13 40.38
N THR A 930 -12.75 -9.00 41.36
CA THR A 930 -12.17 -8.97 42.72
C THR A 930 -10.84 -9.73 42.69
N GLY A 931 -10.83 -10.81 41.91
CA GLY A 931 -9.67 -11.67 41.72
C GLY A 931 -10.03 -13.07 41.30
N ILE A 932 -9.01 -13.89 41.08
CA ILE A 932 -9.13 -15.29 40.67
C ILE A 932 -8.38 -16.19 41.67
N LEU A 933 -9.07 -17.22 42.18
CA LEU A 933 -8.49 -18.16 43.14
C LEU A 933 -8.19 -19.50 42.47
N PRO A 934 -6.92 -19.97 42.44
CA PRO A 934 -6.64 -21.30 41.89
C PRO A 934 -7.01 -22.37 42.93
N LEU A 935 -8.29 -22.78 42.93
CA LEU A 935 -8.87 -23.75 43.86
C LEU A 935 -8.18 -25.11 43.83
N SER A 936 -7.69 -25.52 42.64
CA SER A 936 -6.96 -26.77 42.38
C SER A 936 -6.33 -26.73 40.99
N ASP A 937 -5.63 -27.81 40.62
CA ASP A 937 -5.01 -27.98 39.31
C ASP A 937 -6.10 -28.03 38.22
N GLU A 938 -7.29 -28.53 38.59
CA GLU A 938 -8.46 -28.71 37.73
C GLU A 938 -9.46 -27.55 37.76
N PHE A 939 -9.56 -26.81 38.87
CA PHE A 939 -10.57 -25.73 38.96
C PHE A 939 -10.06 -24.39 39.48
N SER A 940 -10.71 -23.32 39.02
CA SER A 940 -10.42 -21.95 39.42
C SER A 940 -11.70 -21.17 39.63
N ALA A 941 -11.70 -20.25 40.61
CA ALA A 941 -12.85 -19.41 40.94
C ALA A 941 -12.57 -17.96 40.57
N VAL A 942 -13.55 -17.30 39.97
CA VAL A 942 -13.46 -15.92 39.49
C VAL A 942 -14.47 -15.05 40.28
N ILE A 943 -13.94 -14.25 41.22
CA ILE A 943 -14.72 -13.35 42.09
C ILE A 943 -15.01 -12.04 41.36
N THR A 944 -16.27 -11.61 41.42
CA THR A 944 -16.79 -10.45 40.71
C THR A 944 -17.67 -9.55 41.59
N LYS A 945 -17.66 -8.24 41.28
CA LYS A 945 -18.44 -7.17 41.90
C LYS A 945 -19.33 -6.52 40.83
N ASP A 946 -20.45 -5.95 41.27
CA ASP A 946 -21.44 -5.24 40.47
C ASP A 946 -22.18 -4.32 41.46
N GLN A 947 -22.54 -4.92 42.61
CA GLN A 947 -23.24 -4.41 43.80
C GLN A 947 -23.31 -5.63 44.77
N THR A 948 -22.82 -6.81 44.30
CA THR A 948 -22.79 -8.11 44.99
C THR A 948 -21.99 -8.04 46.31
N TRP A 949 -22.75 -8.19 47.43
CA TRP A 949 -22.27 -8.13 48.82
C TRP A 949 -21.31 -9.27 49.16
N THR A 950 -21.68 -10.51 48.80
CA THR A 950 -20.84 -11.71 48.99
C THR A 950 -19.81 -11.86 47.86
N GLY A 951 -20.05 -11.19 46.73
CA GLY A 951 -19.21 -11.24 45.53
C GLY A 951 -19.62 -12.42 44.66
N LYS A 952 -19.99 -12.15 43.40
CA LYS A 952 -20.42 -13.18 42.44
C LYS A 952 -19.24 -14.09 42.10
N VAL A 953 -19.39 -15.41 42.36
CA VAL A 953 -18.33 -16.40 42.13
C VAL A 953 -18.66 -17.32 40.95
N ASP A 954 -17.74 -17.38 39.98
CA ASP A 954 -17.82 -18.21 38.78
C ASP A 954 -16.76 -19.32 38.87
N ILE A 955 -17.15 -20.58 38.59
CA ILE A 955 -16.24 -21.72 38.60
C ILE A 955 -15.88 -22.10 37.16
N TYR A 956 -14.59 -22.28 36.89
CA TYR A 956 -14.06 -22.67 35.60
C TYR A 956 -13.23 -23.96 35.70
N LYS A 957 -13.32 -24.83 34.69
CA LYS A 957 -12.56 -26.07 34.64
C LYS A 957 -11.29 -25.86 33.83
N ASN A 958 -10.13 -26.06 34.50
CA ASN A 958 -8.76 -25.92 34.00
C ASN A 958 -8.30 -27.18 33.26
N THR A 959 -8.13 -27.05 31.94
CA THR A 959 -7.70 -28.12 31.06
C THR A 959 -6.35 -27.73 30.46
N ASN A 960 -5.28 -27.90 31.27
CA ASN A 960 -3.87 -27.59 30.97
C ASN A 960 -3.66 -26.11 30.57
N GLY A 961 -4.39 -25.21 31.25
CA GLY A 961 -4.33 -23.77 31.00
C GLY A 961 -5.50 -23.22 30.24
N LEU A 962 -6.37 -24.10 29.67
CA LEU A 962 -7.58 -23.71 28.94
C LEU A 962 -8.78 -23.82 29.89
N PHE A 963 -9.66 -22.80 29.90
CA PHE A 963 -10.79 -22.74 30.81
C PHE A 963 -12.16 -22.74 30.18
N GLU A 964 -13.10 -23.40 30.86
CA GLU A 964 -14.50 -23.49 30.47
C GLU A 964 -15.35 -23.41 31.71
N LYS A 965 -16.34 -22.49 31.71
CA LYS A 965 -17.25 -22.24 32.83
C LYS A 965 -18.11 -23.47 33.17
N ASP A 966 -18.18 -23.80 34.47
CA ASP A 966 -19.00 -24.91 34.96
C ASP A 966 -20.28 -24.29 35.51
N ASP A 967 -21.34 -24.28 34.69
CA ASP A 967 -22.66 -23.71 35.00
C ASP A 967 -23.28 -24.31 36.25
N GLN A 968 -23.13 -25.64 36.44
CA GLN A 968 -23.65 -26.40 37.59
C GLN A 968 -23.09 -25.90 38.92
N LEU A 969 -21.75 -25.80 39.03
CA LEU A 969 -21.05 -25.35 40.23
C LEU A 969 -21.12 -23.84 40.40
N SER A 970 -21.08 -23.07 39.29
CA SER A 970 -21.15 -21.60 39.33
C SER A 970 -22.49 -21.15 39.89
N GLU A 971 -23.60 -21.79 39.48
CA GLU A 971 -24.93 -21.48 39.99
C GLU A 971 -25.03 -21.93 41.45
N ASN A 972 -24.55 -23.16 41.74
CA ASN A 972 -24.53 -23.81 43.06
C ASN A 972 -23.84 -22.95 44.13
N VAL A 973 -22.67 -22.40 43.81
CA VAL A 973 -21.88 -21.54 44.70
C VAL A 973 -22.54 -20.14 44.83
N LYS A 974 -23.35 -19.72 43.83
CA LYS A 974 -24.04 -18.43 43.80
C LYS A 974 -25.34 -18.44 44.61
N ARG A 975 -26.31 -19.32 44.23
CA ARG A 975 -27.62 -19.42 44.87
C ARG A 975 -27.54 -19.50 46.41
N ARG A 976 -27.73 -18.32 47.04
CA ARG A 976 -27.78 -18.00 48.47
C ARG A 976 -27.05 -19.00 49.38
N SER B 1 7.10 25.36 -51.67
CA SER B 1 6.70 26.26 -52.76
C SER B 1 5.46 27.07 -52.40
N LEU B 2 5.33 28.26 -52.98
CA LEU B 2 4.17 29.14 -52.78
C LEU B 2 2.95 28.57 -53.50
N ALA B 3 3.18 27.93 -54.66
CA ALA B 3 2.14 27.28 -55.47
C ALA B 3 1.48 26.09 -54.71
N ASN B 4 2.15 25.59 -53.66
CA ASN B 4 1.67 24.49 -52.80
C ASN B 4 0.43 24.92 -52.01
N THR B 5 -0.40 23.94 -51.61
CA THR B 5 -1.62 24.13 -50.84
C THR B 5 -1.78 23.04 -49.79
N TYR B 6 -2.39 23.38 -48.65
N TYR B 6 -2.39 23.38 -48.64
CA TYR B 6 -2.62 22.46 -47.54
CA TYR B 6 -2.63 22.41 -47.55
C TYR B 6 -4.13 22.34 -47.31
C TYR B 6 -4.13 22.33 -47.33
N LEU B 7 -4.66 21.10 -47.29
CA LEU B 7 -6.09 20.83 -47.11
C LEU B 7 -6.49 20.77 -45.65
N LEU B 8 -7.46 21.59 -45.25
CA LEU B 8 -7.99 21.61 -43.88
C LEU B 8 -9.49 21.34 -43.84
N GLN B 9 -9.95 20.60 -42.81
CA GLN B 9 -11.36 20.25 -42.62
C GLN B 9 -12.12 21.09 -41.59
N ASP B 10 -13.38 21.37 -41.91
CA ASP B 10 -14.37 22.07 -41.10
C ASP B 10 -15.69 21.41 -41.53
N HIS B 11 -16.20 20.48 -40.69
N HIS B 11 -16.17 20.45 -40.72
CA HIS B 11 -17.41 19.68 -40.91
CA HIS B 11 -17.37 19.63 -40.91
C HIS B 11 -17.29 18.82 -42.19
C HIS B 11 -17.28 18.80 -42.21
N ASN B 12 -18.01 19.19 -43.27
CA ASN B 12 -18.02 18.46 -44.55
C ASN B 12 -17.21 19.12 -45.65
N THR B 13 -16.53 20.22 -45.31
CA THR B 13 -15.73 21.01 -46.26
C THR B 13 -14.23 20.83 -46.04
N LEU B 14 -13.50 20.63 -47.16
CA LEU B 14 -12.04 20.50 -47.23
C LEU B 14 -11.55 21.72 -48.00
N THR B 15 -10.94 22.68 -47.28
CA THR B 15 -10.52 23.95 -47.87
C THR B 15 -8.99 24.02 -48.14
N PRO B 16 -8.57 24.49 -49.33
CA PRO B 16 -7.13 24.61 -49.60
C PRO B 16 -6.57 25.93 -49.06
N TYR B 17 -5.55 25.84 -48.21
CA TYR B 17 -4.89 27.00 -47.63
C TYR B 17 -3.53 27.22 -48.29
N THR B 18 -3.19 28.47 -48.58
CA THR B 18 -1.91 28.83 -49.19
C THR B 18 -0.83 29.00 -48.11
N PRO B 19 0.50 29.00 -48.44
CA PRO B 19 1.50 29.25 -47.39
C PRO B 19 1.50 30.71 -46.89
N PHE B 20 0.52 31.51 -47.32
CA PHE B 20 0.25 32.87 -46.87
C PHE B 20 -0.76 32.81 -45.71
N THR B 21 -1.21 31.58 -45.36
CA THR B 21 -2.16 31.19 -44.28
C THR B 21 -3.64 31.52 -44.64
N THR B 22 -3.91 31.92 -45.88
CA THR B 22 -5.26 32.27 -46.33
C THR B 22 -5.88 31.20 -47.24
N PRO B 23 -7.21 30.94 -47.13
CA PRO B 23 -7.82 29.95 -48.03
C PRO B 23 -7.84 30.44 -49.47
N LEU B 24 -7.54 29.53 -50.41
CA LEU B 24 -7.49 29.82 -51.83
C LEU B 24 -8.91 29.95 -52.41
N ASN B 25 -9.84 29.12 -51.94
CA ASN B 25 -11.26 29.12 -52.32
C ASN B 25 -12.12 28.64 -51.14
N GLY B 26 -13.44 28.74 -51.26
CA GLY B 26 -14.36 28.36 -50.20
C GLY B 26 -14.36 26.91 -49.75
N GLY B 27 -13.53 26.09 -50.40
CA GLY B 27 -13.38 24.67 -50.08
C GLY B 27 -14.38 23.77 -50.74
N LEU B 28 -14.13 22.46 -50.67
CA LEU B 28 -15.00 21.46 -51.27
C LEU B 28 -15.97 20.88 -50.25
N ASP B 29 -17.31 21.09 -50.46
CA ASP B 29 -18.34 20.50 -49.60
C ASP B 29 -18.57 19.12 -50.19
N VAL B 30 -17.88 18.15 -49.61
CA VAL B 30 -17.84 16.74 -49.96
C VAL B 30 -19.25 16.15 -50.15
N VAL B 31 -20.20 16.45 -49.24
CA VAL B 31 -21.58 15.96 -49.27
C VAL B 31 -22.38 16.60 -50.42
N ARG B 32 -22.29 17.93 -50.57
CA ARG B 32 -22.96 18.71 -51.61
C ARG B 32 -22.45 18.33 -53.01
N ALA B 33 -21.11 18.16 -53.15
CA ALA B 33 -20.44 17.81 -54.41
C ALA B 33 -20.74 16.40 -54.88
N ALA B 34 -20.95 15.47 -53.94
CA ALA B 34 -21.23 14.07 -54.25
C ALA B 34 -22.72 13.83 -54.54
N HIS B 35 -23.54 14.89 -54.47
CA HIS B 35 -24.99 14.89 -54.69
C HIS B 35 -25.67 14.00 -53.65
N LEU B 36 -25.26 14.16 -52.38
CA LEU B 36 -25.76 13.40 -51.26
C LEU B 36 -26.67 14.21 -50.36
N HIS B 37 -27.55 13.51 -49.64
CA HIS B 37 -28.53 14.04 -48.71
C HIS B 37 -27.84 14.84 -47.57
N PRO B 38 -28.46 15.96 -47.09
CA PRO B 38 -27.84 16.76 -46.01
C PRO B 38 -27.46 16.01 -44.73
N SER B 39 -28.07 14.85 -44.44
CA SER B 39 -27.77 14.05 -43.25
C SER B 39 -26.38 13.42 -43.28
N TYR B 40 -25.75 13.37 -44.47
CA TYR B 40 -24.41 12.82 -44.63
C TYR B 40 -23.38 13.70 -43.95
N GLU B 41 -22.41 13.05 -43.31
CA GLU B 41 -21.36 13.67 -42.54
C GLU B 41 -20.00 13.07 -42.95
N LEU B 42 -19.00 13.94 -43.22
CA LEU B 42 -17.64 13.53 -43.56
C LEU B 42 -16.95 12.98 -42.30
N VAL B 43 -16.51 11.71 -42.36
CA VAL B 43 -15.88 11.00 -41.24
C VAL B 43 -14.37 10.94 -41.39
N ASP B 44 -13.86 10.68 -42.60
CA ASP B 44 -12.44 10.55 -42.88
C ASP B 44 -12.21 10.84 -44.34
N TRP B 45 -10.99 11.23 -44.68
CA TRP B 45 -10.59 11.57 -46.05
C TRP B 45 -9.07 11.43 -46.18
N LYS B 46 -8.60 11.10 -47.39
CA LYS B 46 -7.18 10.95 -47.67
C LYS B 46 -6.88 11.50 -49.05
N ARG B 47 -5.77 12.24 -49.18
CA ARG B 47 -5.30 12.76 -50.46
C ARG B 47 -4.43 11.62 -51.03
N VAL B 48 -4.72 11.17 -52.25
CA VAL B 48 -3.99 10.07 -52.90
C VAL B 48 -3.17 10.63 -54.06
N GLY B 49 -1.87 10.68 -53.87
CA GLY B 49 -0.96 11.22 -54.87
C GLY B 49 -1.22 12.71 -55.01
N ASP B 50 -1.34 13.17 -56.26
CA ASP B 50 -1.56 14.58 -56.58
C ASP B 50 -2.87 14.85 -57.35
N THR B 51 -3.50 13.82 -57.95
CA THR B 51 -4.73 13.98 -58.73
C THR B 51 -5.97 13.34 -58.09
N LYS B 52 -5.83 12.74 -56.89
CA LYS B 52 -6.93 12.04 -56.24
C LYS B 52 -7.19 12.43 -54.78
N LEU B 53 -8.47 12.42 -54.40
CA LEU B 53 -8.96 12.68 -53.05
C LEU B 53 -10.09 11.70 -52.77
N VAL B 54 -9.90 10.88 -51.74
CA VAL B 54 -10.84 9.85 -51.30
C VAL B 54 -11.50 10.32 -49.99
N ALA B 55 -12.84 10.23 -49.90
CA ALA B 55 -13.58 10.64 -48.69
C ALA B 55 -14.52 9.51 -48.20
N LEU B 56 -14.88 9.55 -46.92
CA LEU B 56 -15.79 8.60 -46.27
C LEU B 56 -16.92 9.38 -45.62
N VAL B 57 -18.16 9.05 -46.01
CA VAL B 57 -19.35 9.72 -45.49
C VAL B 57 -20.40 8.75 -44.96
N ARG B 58 -21.10 9.13 -43.89
CA ARG B 58 -22.17 8.33 -43.29
C ARG B 58 -23.35 9.22 -42.91
N SER B 59 -24.54 8.63 -42.78
CA SER B 59 -25.75 9.38 -42.40
C SER B 59 -26.36 8.84 -41.13
N ALA B 60 -26.86 9.72 -40.25
CA ALA B 60 -27.53 9.35 -39.00
C ALA B 60 -28.94 8.79 -39.27
N LEU B 61 -29.33 8.74 -40.54
CA LEU B 61 -30.62 8.22 -40.95
C LEU B 61 -30.54 6.76 -41.39
N VAL B 62 -29.32 6.12 -41.36
CA VAL B 62 -29.16 4.70 -41.72
C VAL B 62 -29.93 3.87 -40.73
N ARG B 63 -30.64 2.85 -41.22
CA ARG B 63 -31.35 1.92 -40.36
C ARG B 63 -31.08 0.49 -40.83
N VAL B 64 -30.61 -0.37 -39.94
CA VAL B 64 -30.25 -1.75 -40.27
C VAL B 64 -31.15 -2.74 -39.50
N LYS B 65 -31.60 -3.81 -40.17
CA LYS B 65 -32.41 -4.86 -39.55
C LYS B 65 -31.79 -6.24 -39.75
N PHE B 66 -32.03 -7.14 -38.77
CA PHE B 66 -31.54 -8.51 -38.79
C PHE B 66 -32.74 -9.43 -38.68
N GLN B 67 -32.94 -10.28 -39.68
CA GLN B 67 -34.07 -11.19 -39.67
C GLN B 67 -33.74 -12.44 -38.87
N ASP B 68 -34.31 -12.54 -37.66
CA ASP B 68 -34.14 -13.69 -36.78
C ASP B 68 -35.25 -14.76 -36.97
N THR B 69 -34.93 -16.02 -36.59
CA THR B 69 -35.74 -17.26 -36.68
C THR B 69 -35.90 -17.72 -38.17
N THR B 70 -36.98 -18.49 -38.47
CA THR B 70 -37.36 -19.09 -39.77
C THR B 70 -36.31 -20.12 -40.22
N ASN B 76 -35.93 -18.60 -49.96
CA ASN B 76 -34.98 -18.90 -51.04
C ASN B 76 -33.65 -19.50 -50.53
N THR B 77 -33.35 -19.33 -49.22
CA THR B 77 -32.15 -19.79 -48.50
C THR B 77 -30.86 -19.33 -49.23
N ASN B 78 -30.85 -18.04 -49.65
CA ASN B 78 -29.77 -17.37 -50.37
C ASN B 78 -29.81 -15.86 -50.03
N GLN B 79 -30.85 -15.44 -49.29
CA GLN B 79 -31.09 -14.05 -48.90
C GLN B 79 -30.34 -13.69 -47.62
N ASN B 80 -29.73 -12.49 -47.61
CA ASN B 80 -28.96 -11.97 -46.47
C ASN B 80 -29.91 -11.61 -45.33
N ALA B 81 -29.60 -12.08 -44.11
CA ALA B 81 -30.37 -11.82 -42.90
C ALA B 81 -30.25 -10.36 -42.50
N LEU B 82 -29.13 -9.75 -42.92
CA LEU B 82 -28.78 -8.35 -42.72
C LEU B 82 -29.25 -7.55 -43.94
N SER B 83 -29.98 -6.45 -43.69
CA SER B 83 -30.49 -5.55 -44.73
C SER B 83 -30.75 -4.15 -44.17
N PHE B 84 -30.86 -3.17 -45.07
CA PHE B 84 -31.16 -1.80 -44.66
C PHE B 84 -32.68 -1.66 -44.54
N ASP B 85 -33.15 -1.10 -43.42
CA ASP B 85 -34.56 -0.85 -43.13
C ASP B 85 -34.98 0.53 -43.66
N THR B 86 -35.31 0.57 -44.96
CA THR B 86 -35.74 1.76 -45.71
C THR B 86 -36.98 2.42 -45.07
N GLN B 87 -37.90 1.60 -44.54
CA GLN B 87 -39.12 2.05 -43.86
C GLN B 87 -38.83 2.83 -42.58
N GLU B 88 -37.87 2.35 -41.77
CA GLU B 88 -37.44 3.00 -40.53
C GLU B 88 -36.65 4.28 -40.83
N SER B 89 -35.83 4.26 -41.91
CA SER B 89 -35.03 5.39 -42.36
C SER B 89 -35.93 6.55 -42.80
N GLN B 90 -37.06 6.22 -43.47
CA GLN B 90 -38.08 7.17 -43.90
C GLN B 90 -38.85 7.68 -42.68
N LYS B 91 -39.05 6.81 -41.67
CA LYS B 91 -39.74 7.12 -40.42
C LYS B 91 -38.90 8.13 -39.61
N ALA B 92 -37.58 7.90 -39.56
CA ALA B 92 -36.61 8.75 -38.86
C ALA B 92 -36.45 10.12 -39.51
N LEU B 93 -36.65 10.20 -40.86
CA LEU B 93 -36.56 11.44 -41.64
C LEU B 93 -37.63 12.42 -41.17
N ASN B 94 -38.85 11.92 -40.90
CA ASN B 94 -40.00 12.65 -40.39
C ASN B 94 -39.79 13.24 -38.97
N GLY B 95 -38.70 12.83 -38.31
CA GLY B 95 -38.31 13.28 -36.98
C GLY B 95 -37.86 14.73 -36.92
N ASN B 107 -37.32 11.08 -52.32
CA ASN B 107 -36.97 9.79 -52.93
C ASN B 107 -36.44 8.77 -51.94
N SER B 108 -36.92 7.52 -52.07
CA SER B 108 -36.56 6.36 -51.25
C SER B 108 -35.05 6.07 -51.31
N GLN B 109 -34.44 5.79 -50.13
CA GLN B 109 -33.00 5.48 -49.98
C GLN B 109 -32.67 4.87 -48.62
N ASP B 110 -31.63 4.01 -48.60
CA ASP B 110 -31.15 3.28 -47.42
C ASP B 110 -30.20 4.08 -46.51
N PHE B 111 -29.67 5.23 -47.02
CA PHE B 111 -28.71 6.11 -46.35
C PHE B 111 -27.43 5.39 -45.95
N ALA B 112 -26.98 4.43 -46.78
CA ALA B 112 -25.76 3.66 -46.58
C ALA B 112 -24.53 4.57 -46.65
N SER B 113 -23.43 4.14 -46.03
CA SER B 113 -22.19 4.89 -46.06
C SER B 113 -21.53 4.78 -47.42
N TYR B 114 -20.80 5.83 -47.82
CA TYR B 114 -20.12 5.85 -49.10
C TYR B 114 -18.67 6.26 -48.99
N VAL B 115 -17.87 5.74 -49.93
CA VAL B 115 -16.50 6.11 -50.15
C VAL B 115 -16.61 6.94 -51.43
N LEU B 116 -16.21 8.22 -51.35
CA LEU B 116 -16.28 9.15 -52.49
C LEU B 116 -14.92 9.36 -53.10
N ILE B 117 -14.86 9.35 -54.43
CA ILE B 117 -13.63 9.56 -55.20
C ILE B 117 -13.76 10.88 -55.95
N PHE B 118 -12.72 11.71 -55.82
CA PHE B 118 -12.62 13.02 -56.45
C PHE B 118 -11.36 13.09 -57.28
N LYS B 119 -11.40 13.82 -58.40
CA LYS B 119 -10.25 14.02 -59.27
C LYS B 119 -9.86 15.49 -59.19
N ALA B 120 -8.55 15.80 -59.24
CA ALA B 120 -8.06 17.16 -59.18
C ALA B 120 -8.47 17.93 -60.42
N ALA B 121 -8.79 19.22 -60.23
CA ALA B 121 -9.20 20.13 -61.29
C ALA B 121 -8.41 21.45 -61.15
N PRO B 122 -8.32 22.32 -62.20
CA PRO B 122 -7.53 23.55 -62.05
C PRO B 122 -7.97 24.50 -60.93
N ARG B 123 -7.07 25.44 -60.55
CA ARG B 123 -7.26 26.45 -59.48
C ARG B 123 -7.47 25.78 -58.09
N ALA B 124 -6.81 24.61 -57.89
CA ALA B 124 -6.82 23.77 -56.69
C ALA B 124 -8.26 23.38 -56.27
N THR B 125 -9.00 22.85 -57.23
CA THR B 125 -10.39 22.42 -57.04
C THR B 125 -10.51 20.92 -57.25
N TRP B 126 -11.65 20.33 -56.86
CA TRP B 126 -11.92 18.91 -56.98
C TRP B 126 -13.24 18.67 -57.67
N VAL B 127 -13.24 17.70 -58.60
CA VAL B 127 -14.41 17.26 -59.37
C VAL B 127 -14.79 15.89 -58.86
N PHE B 128 -16.11 15.64 -58.65
CA PHE B 128 -16.60 14.35 -58.17
C PHE B 128 -16.51 13.31 -59.29
N GLU B 129 -15.88 12.16 -59.01
CA GLU B 129 -15.73 11.07 -59.98
C GLU B 129 -16.82 10.04 -59.78
N ARG B 130 -16.80 9.34 -58.63
CA ARG B 130 -17.75 8.27 -58.30
C ARG B 130 -17.86 7.99 -56.81
N LYS B 131 -18.90 7.21 -56.44
CA LYS B 131 -19.15 6.76 -55.06
C LYS B 131 -19.30 5.25 -54.99
N ILE B 132 -18.70 4.63 -53.97
CA ILE B 132 -18.75 3.17 -53.73
C ILE B 132 -19.53 2.93 -52.45
N LYS B 133 -20.67 2.23 -52.56
CA LYS B 133 -21.55 1.89 -51.45
C LYS B 133 -20.91 0.84 -50.54
N LEU B 134 -21.03 1.03 -49.23
CA LEU B 134 -20.48 0.10 -48.27
C LEU B 134 -21.61 -0.79 -47.81
N ALA B 135 -21.82 -1.88 -48.56
CA ALA B 135 -22.87 -2.85 -48.32
C ALA B 135 -22.63 -3.66 -47.06
N LEU B 136 -23.73 -4.03 -46.37
CA LEU B 136 -23.76 -4.86 -45.17
C LEU B 136 -23.01 -6.18 -45.41
N PRO B 137 -22.33 -6.79 -44.39
CA PRO B 137 -21.68 -8.09 -44.62
C PRO B 137 -22.72 -9.18 -44.93
N TYR B 138 -22.31 -10.32 -45.50
CA TYR B 138 -23.27 -11.36 -45.83
C TYR B 138 -23.39 -12.42 -44.73
N VAL B 139 -24.64 -12.78 -44.41
CA VAL B 139 -25.01 -13.83 -43.48
C VAL B 139 -26.35 -14.44 -43.96
N LYS B 140 -26.30 -15.72 -44.38
CA LYS B 140 -27.47 -16.42 -44.93
C LYS B 140 -28.52 -16.75 -43.90
N GLN B 141 -29.79 -16.38 -44.22
CA GLN B 141 -30.96 -16.66 -43.38
C GLN B 141 -31.23 -18.17 -43.50
N GLU B 142 -31.12 -18.88 -42.38
CA GLU B 142 -31.24 -20.33 -42.34
C GLU B 142 -32.69 -20.85 -42.47
N GLY B 153 -22.59 -31.69 -40.78
CA GLY B 153 -22.46 -30.57 -39.86
C GLY B 153 -21.54 -29.48 -40.36
N LYS B 154 -22.00 -28.21 -40.27
CA LYS B 154 -21.24 -27.02 -40.68
C LYS B 154 -21.58 -25.79 -39.82
N GLY B 155 -20.54 -25.07 -39.40
CA GLY B 155 -20.63 -23.89 -38.54
C GLY B 155 -21.52 -22.78 -39.08
N SER B 156 -22.34 -22.21 -38.19
CA SER B 156 -23.30 -21.16 -38.58
C SER B 156 -23.11 -19.84 -37.86
N LEU B 157 -22.70 -18.81 -38.62
CA LEU B 157 -22.54 -17.46 -38.12
C LEU B 157 -23.94 -16.89 -37.79
N TYR B 158 -24.95 -17.27 -38.59
CA TYR B 158 -26.34 -16.87 -38.38
C TYR B 158 -26.82 -17.24 -36.98
N LYS B 159 -26.52 -18.49 -36.55
CA LYS B 159 -26.90 -19.01 -35.22
C LYS B 159 -26.28 -18.19 -34.11
N THR B 160 -25.01 -17.76 -34.28
CA THR B 160 -24.27 -16.94 -33.32
C THR B 160 -24.93 -15.57 -33.18
N LEU B 161 -25.28 -14.96 -34.34
CA LEU B 161 -25.87 -13.62 -34.39
C LEU B 161 -27.26 -13.55 -33.77
N GLN B 162 -28.01 -14.67 -33.81
CA GLN B 162 -29.33 -14.78 -33.22
C GLN B 162 -29.28 -14.62 -31.71
N ASP B 163 -28.22 -15.14 -31.08
CA ASP B 163 -28.03 -15.09 -29.64
C ASP B 163 -26.97 -14.10 -29.17
N LEU B 164 -26.27 -13.45 -30.11
CA LEU B 164 -25.21 -12.49 -29.78
C LEU B 164 -25.69 -11.31 -28.94
N LEU B 165 -24.93 -11.04 -27.88
CA LEU B 165 -25.12 -9.94 -26.93
C LEU B 165 -23.97 -8.98 -27.07
N VAL B 166 -24.26 -7.69 -27.21
CA VAL B 166 -23.23 -6.64 -27.33
C VAL B 166 -23.43 -5.65 -26.17
N GLU B 167 -22.34 -5.34 -25.45
CA GLU B 167 -22.36 -4.39 -24.35
C GLU B 167 -22.56 -2.97 -24.88
N GLN B 168 -23.31 -2.13 -24.12
CA GLN B 168 -23.50 -0.72 -24.47
C GLN B 168 -22.12 -0.04 -24.49
N PRO B 169 -21.85 0.91 -25.41
CA PRO B 169 -20.50 1.49 -25.48
C PRO B 169 -20.03 2.17 -24.20
N VAL B 170 -18.73 2.07 -23.91
CA VAL B 170 -18.10 2.69 -22.76
C VAL B 170 -17.90 4.17 -23.14
N THR B 171 -18.47 5.08 -22.35
CA THR B 171 -18.35 6.51 -22.62
C THR B 171 -17.21 7.10 -21.79
N PRO B 172 -16.70 8.32 -22.10
CA PRO B 172 -15.65 8.92 -21.26
C PRO B 172 -16.09 9.20 -19.81
N TYR B 173 -17.40 9.05 -19.52
CA TYR B 173 -17.98 9.29 -18.19
C TYR B 173 -18.34 7.99 -17.45
N THR B 174 -17.98 6.83 -18.02
CA THR B 174 -18.23 5.52 -17.41
C THR B 174 -17.26 5.35 -16.24
N PRO B 175 -17.77 5.29 -14.98
CA PRO B 175 -16.85 5.12 -13.84
C PRO B 175 -16.40 3.68 -13.64
N ASN B 176 -15.29 3.48 -12.89
CA ASN B 176 -14.73 2.16 -12.57
C ASN B 176 -15.77 1.18 -12.00
N ALA B 177 -16.62 1.62 -11.04
CA ALA B 177 -17.68 0.81 -10.43
C ALA B 177 -18.77 0.42 -11.46
N GLY B 178 -18.94 1.26 -12.47
CA GLY B 178 -19.85 1.02 -13.59
C GLY B 178 -19.40 -0.18 -14.40
N LEU B 179 -18.08 -0.41 -14.49
CA LEU B 179 -17.54 -1.58 -15.21
C LEU B 179 -17.58 -2.86 -14.38
N ALA B 180 -17.60 -2.73 -13.03
CA ALA B 180 -17.61 -3.83 -12.07
C ALA B 180 -18.88 -4.68 -12.06
N ARG B 181 -18.74 -5.98 -12.33
N ARG B 181 -18.71 -6.00 -12.28
CA ARG B 181 -19.85 -6.96 -12.31
CA ARG B 181 -19.79 -6.98 -12.27
C ARG B 181 -19.59 -8.01 -11.26
C ARG B 181 -19.56 -7.98 -11.18
N VAL B 182 -20.64 -8.42 -10.51
CA VAL B 182 -20.54 -9.43 -9.45
C VAL B 182 -19.92 -10.72 -10.01
N ASN B 183 -18.88 -11.21 -9.32
CA ASN B 183 -18.15 -12.42 -9.68
C ASN B 183 -19.04 -13.62 -9.92
N GLY B 184 -18.66 -14.40 -10.93
CA GLY B 184 -19.32 -15.65 -11.25
C GLY B 184 -18.96 -16.72 -10.24
N VAL B 185 -19.57 -17.89 -10.39
CA VAL B 185 -19.37 -19.04 -9.53
C VAL B 185 -17.93 -19.63 -9.65
N ALA B 186 -17.36 -20.16 -8.56
CA ALA B 186 -16.02 -20.76 -8.54
C ALA B 186 -16.02 -22.06 -9.35
N GLN B 187 -14.86 -22.47 -9.92
CA GLN B 187 -14.84 -23.68 -10.76
C GLN B 187 -15.01 -25.01 -9.97
N ASP B 188 -14.87 -24.99 -8.63
CA ASP B 188 -15.13 -26.21 -7.85
C ASP B 188 -16.63 -26.48 -7.71
N THR B 189 -17.46 -25.40 -7.65
CA THR B 189 -18.92 -25.47 -7.57
C THR B 189 -19.47 -25.95 -8.92
N VAL B 190 -18.89 -25.46 -10.02
CA VAL B 190 -19.30 -25.81 -11.39
C VAL B 190 -19.20 -27.32 -11.64
N HIS B 191 -18.07 -27.94 -11.26
CA HIS B 191 -17.81 -29.35 -11.54
C HIS B 191 -18.23 -30.32 -10.43
N PHE B 192 -18.34 -29.85 -9.19
CA PHE B 192 -18.70 -30.73 -8.09
C PHE B 192 -20.07 -30.46 -7.47
N GLY B 193 -20.64 -29.30 -7.76
CA GLY B 193 -21.94 -28.90 -7.22
C GLY B 193 -21.87 -28.40 -5.79
N SER B 194 -22.78 -27.49 -5.43
CA SER B 194 -22.87 -26.90 -4.08
C SER B 194 -22.90 -27.97 -2.99
N GLY B 195 -21.97 -27.86 -2.04
CA GLY B 195 -21.84 -28.80 -0.92
C GLY B 195 -20.83 -29.92 -1.10
N GLN B 196 -20.49 -30.25 -2.36
CA GLN B 196 -19.55 -31.33 -2.68
C GLN B 196 -18.19 -30.81 -3.19
N GLU B 197 -17.94 -29.50 -3.02
CA GLU B 197 -16.70 -28.84 -3.46
C GLU B 197 -15.44 -29.38 -2.79
N SER B 198 -15.57 -29.92 -1.56
CA SER B 198 -14.49 -30.48 -0.74
C SER B 198 -13.77 -31.69 -1.38
N SER B 199 -14.38 -32.33 -2.39
CA SER B 199 -13.82 -33.49 -3.08
C SER B 199 -12.96 -33.11 -4.30
N TRP B 200 -12.58 -31.82 -4.41
CA TRP B 200 -11.76 -31.25 -5.48
C TRP B 200 -10.41 -31.96 -5.62
N ASN B 201 -9.57 -31.93 -4.56
CA ASN B 201 -8.24 -32.53 -4.51
C ASN B 201 -8.15 -34.00 -4.94
N SER B 202 -9.17 -34.80 -4.61
CA SER B 202 -9.20 -36.23 -4.90
C SER B 202 -9.83 -36.60 -6.25
N GLN B 203 -10.71 -35.75 -6.80
CA GLN B 203 -11.41 -36.05 -8.05
C GLN B 203 -11.11 -35.11 -9.22
N ARG B 204 -10.28 -34.05 -9.01
CA ARG B 204 -9.88 -33.10 -10.06
C ARG B 204 -9.26 -33.80 -11.28
N SER B 205 -8.45 -34.84 -11.02
CA SER B 205 -7.74 -35.68 -11.99
C SER B 205 -8.68 -36.29 -13.04
N GLN B 206 -9.83 -36.87 -12.61
CA GLN B 206 -10.81 -37.49 -13.51
C GLN B 206 -11.86 -36.49 -14.06
N LYS B 207 -11.60 -35.17 -13.89
CA LYS B 207 -12.48 -34.10 -14.37
C LYS B 207 -11.76 -33.18 -15.37
N GLY B 208 -10.52 -33.54 -15.73
CA GLY B 208 -9.69 -32.79 -16.67
C GLY B 208 -9.06 -31.57 -16.03
N LEU B 209 -8.85 -31.64 -14.70
CA LEU B 209 -8.29 -30.58 -13.86
C LEU B 209 -7.15 -31.12 -12.99
N LYS B 210 -6.38 -32.10 -13.50
CA LYS B 210 -5.23 -32.70 -12.79
C LYS B 210 -4.27 -31.59 -12.35
N ASN B 211 -3.92 -31.62 -11.06
CA ASN B 211 -3.00 -30.69 -10.37
C ASN B 211 -3.42 -29.23 -10.45
N ASN B 212 -4.70 -28.94 -10.76
CA ASN B 212 -5.18 -27.56 -10.80
C ASN B 212 -5.29 -27.07 -9.35
N PRO B 213 -4.52 -26.03 -8.98
CA PRO B 213 -4.53 -25.57 -7.58
C PRO B 213 -5.57 -24.48 -7.27
N GLY B 214 -6.43 -24.15 -8.23
CA GLY B 214 -7.42 -23.08 -8.04
C GLY B 214 -8.87 -23.51 -8.06
N PRO B 215 -9.37 -24.21 -7.01
CA PRO B 215 -10.81 -24.59 -7.00
C PRO B 215 -11.73 -23.38 -6.89
N LYS B 216 -11.23 -22.29 -6.27
CA LYS B 216 -11.98 -21.05 -6.05
C LYS B 216 -11.84 -20.04 -7.20
N ALA B 217 -11.15 -20.42 -8.31
CA ALA B 217 -10.97 -19.55 -9.48
C ALA B 217 -12.34 -19.26 -10.13
N VAL B 218 -12.65 -17.96 -10.27
CA VAL B 218 -13.92 -17.45 -10.80
C VAL B 218 -14.06 -17.75 -12.30
N THR B 219 -15.21 -18.35 -12.66
CA THR B 219 -15.58 -18.77 -14.02
C THR B 219 -16.13 -17.66 -14.90
N GLY B 220 -16.42 -16.50 -14.32
CA GLY B 220 -16.95 -15.37 -15.09
C GLY B 220 -17.58 -14.27 -14.26
N PHE B 221 -18.63 -13.65 -14.82
CA PHE B 221 -19.32 -12.55 -14.17
C PHE B 221 -20.83 -12.60 -14.41
N LYS B 222 -21.60 -12.21 -13.38
CA LYS B 222 -23.06 -12.17 -13.39
C LYS B 222 -23.60 -11.16 -14.42
N LEU B 223 -24.60 -11.57 -15.22
CA LEU B 223 -25.22 -10.74 -16.27
C LEU B 223 -26.61 -10.20 -15.91
N ASP B 224 -27.08 -10.48 -14.66
CA ASP B 224 -28.40 -10.06 -14.16
C ASP B 224 -28.53 -8.55 -13.88
N LYS B 225 -27.41 -7.90 -13.53
CA LYS B 225 -27.32 -6.48 -13.21
C LYS B 225 -26.23 -5.81 -14.03
N GLY B 226 -26.23 -4.48 -14.03
CA GLY B 226 -25.20 -3.68 -14.68
C GLY B 226 -25.51 -3.14 -16.06
N ARG B 227 -24.42 -2.66 -16.73
CA ARG B 227 -24.42 -2.09 -18.09
C ARG B 227 -25.15 -3.02 -19.05
N ALA B 228 -25.95 -2.44 -19.94
CA ALA B 228 -26.75 -3.22 -20.88
C ALA B 228 -25.94 -4.05 -21.88
N TYR B 229 -26.41 -5.27 -22.09
CA TYR B 229 -25.97 -6.22 -23.08
C TYR B 229 -27.21 -6.41 -23.92
N ARG B 230 -27.12 -6.16 -25.21
CA ARG B 230 -28.31 -6.26 -26.04
C ARG B 230 -28.10 -7.11 -27.28
N LYS B 231 -29.21 -7.68 -27.79
CA LYS B 231 -29.24 -8.46 -29.02
C LYS B 231 -29.22 -7.46 -30.20
N LEU B 232 -28.87 -7.96 -31.39
CA LEU B 232 -28.74 -7.19 -32.62
C LEU B 232 -29.94 -6.25 -32.92
N ASN B 233 -31.17 -6.74 -32.73
CA ASN B 233 -32.40 -5.98 -32.97
C ASN B 233 -32.90 -5.20 -31.73
N GLU B 234 -32.21 -5.38 -30.59
CA GLU B 234 -32.53 -4.66 -29.36
C GLU B 234 -31.78 -3.33 -29.38
N SER B 235 -32.14 -2.41 -28.49
CA SER B 235 -31.47 -1.12 -28.40
C SER B 235 -30.78 -0.94 -27.07
N TRP B 236 -29.62 -0.28 -27.07
CA TRP B 236 -28.90 0.06 -25.85
C TRP B 236 -29.60 1.26 -25.22
N PRO B 237 -29.63 1.40 -23.87
CA PRO B 237 -30.21 2.62 -23.31
C PRO B 237 -29.17 3.75 -23.30
N VAL B 238 -29.64 5.00 -23.22
CA VAL B 238 -28.76 6.17 -23.15
C VAL B 238 -28.15 6.23 -21.74
N TYR B 239 -28.87 5.64 -20.77
CA TYR B 239 -28.51 5.55 -19.36
C TYR B 239 -27.58 4.38 -19.10
N GLU B 240 -26.65 4.57 -18.14
CA GLU B 240 -25.69 3.57 -17.70
C GLU B 240 -25.47 3.69 -16.19
N PRO B 241 -25.32 2.56 -15.44
CA PRO B 241 -25.18 2.66 -13.99
C PRO B 241 -23.85 3.18 -13.46
N LEU B 242 -23.88 3.78 -12.26
CA LEU B 242 -22.70 4.30 -11.56
C LEU B 242 -21.93 3.14 -10.96
N ASP B 243 -22.66 2.09 -10.53
CA ASP B 243 -22.13 0.86 -9.94
C ASP B 243 -22.92 -0.31 -10.52
N SER B 244 -22.27 -1.14 -11.36
CA SER B 244 -22.90 -2.30 -12.00
C SER B 244 -23.07 -3.51 -11.06
N THR B 245 -22.55 -3.40 -9.85
CA THR B 245 -22.66 -4.40 -8.78
C THR B 245 -23.99 -4.15 -8.03
N LYS B 246 -24.55 -2.93 -8.18
CA LYS B 246 -25.77 -2.49 -7.50
C LYS B 246 -26.94 -2.17 -8.42
N GLU B 247 -26.70 -1.45 -9.53
CA GLU B 247 -27.75 -1.05 -10.45
C GLU B 247 -27.57 -1.60 -11.87
N GLY B 248 -28.56 -1.35 -12.73
CA GLY B 248 -28.60 -1.85 -14.10
C GLY B 248 -29.30 -3.20 -14.18
N LYS B 249 -29.63 -3.64 -15.40
CA LYS B 249 -30.31 -4.92 -15.62
C LYS B 249 -29.50 -5.91 -16.47
N GLY B 250 -28.27 -5.52 -16.84
CA GLY B 250 -27.38 -6.34 -17.65
C GLY B 250 -28.00 -6.75 -18.96
N LYS B 251 -28.14 -8.07 -19.18
CA LYS B 251 -28.72 -8.62 -20.40
C LYS B 251 -30.24 -8.65 -20.37
N ASP B 252 -30.84 -8.48 -19.18
CA ASP B 252 -32.28 -8.52 -18.96
C ASP B 252 -33.00 -7.30 -19.53
N GLU B 253 -33.22 -7.33 -20.87
CA GLU B 253 -33.91 -6.29 -21.65
C GLU B 253 -35.37 -6.15 -21.21
N SER B 254 -36.06 -7.28 -20.90
CA SER B 254 -37.45 -7.31 -20.48
C SER B 254 -37.67 -6.49 -19.20
N SER B 255 -36.83 -6.72 -18.15
CA SER B 255 -36.89 -5.98 -16.89
C SER B 255 -36.62 -4.49 -17.10
N TRP B 256 -35.70 -4.16 -18.05
CA TRP B 256 -35.39 -2.78 -18.39
C TRP B 256 -36.64 -2.11 -19.00
N LYS B 257 -37.16 -2.69 -20.08
CA LYS B 257 -38.35 -2.23 -20.82
C LYS B 257 -39.59 -2.07 -19.91
N ASN B 258 -39.86 -3.08 -19.08
CA ASN B 258 -41.03 -3.12 -18.20
C ASN B 258 -40.98 -2.18 -16.99
N SER B 259 -39.78 -1.96 -16.39
CA SER B 259 -39.71 -1.13 -15.19
C SER B 259 -38.49 -0.20 -15.08
N GLU B 260 -37.27 -0.77 -15.07
CA GLU B 260 -36.01 -0.07 -14.87
C GLU B 260 -35.73 1.10 -15.83
N LYS B 261 -36.41 1.15 -17.00
CA LYS B 261 -36.29 2.25 -17.96
C LYS B 261 -36.80 3.53 -17.28
N THR B 262 -38.05 3.51 -16.74
CA THR B 262 -38.69 4.64 -16.05
C THR B 262 -37.89 5.07 -14.82
N THR B 263 -37.26 4.10 -14.11
CA THR B 263 -36.42 4.35 -12.94
C THR B 263 -35.23 5.22 -13.33
N ALA B 264 -34.50 4.81 -14.40
CA ALA B 264 -33.34 5.52 -14.95
C ALA B 264 -33.73 6.88 -15.53
N GLU B 265 -34.91 6.97 -16.20
CA GLU B 265 -35.45 8.19 -16.79
C GLU B 265 -35.65 9.29 -15.74
N ASN B 266 -36.19 8.92 -14.57
CA ASN B 266 -36.45 9.83 -13.45
C ASN B 266 -35.17 10.24 -12.73
N ASP B 267 -34.24 9.27 -12.52
CA ASP B 267 -32.96 9.48 -11.84
C ASP B 267 -31.97 10.29 -12.66
N ALA B 268 -31.90 10.02 -13.98
CA ALA B 268 -30.97 10.67 -14.89
C ALA B 268 -31.64 11.34 -16.12
N PRO B 269 -32.46 12.41 -15.96
CA PRO B 269 -33.06 13.03 -17.15
C PRO B 269 -32.09 13.87 -17.97
N LEU B 270 -32.39 14.04 -19.26
CA LEU B 270 -31.61 14.85 -20.18
C LEU B 270 -31.89 16.33 -19.88
N VAL B 271 -30.95 17.24 -20.24
CA VAL B 271 -31.07 18.70 -20.04
C VAL B 271 -32.33 19.22 -20.77
N GLY B 272 -33.13 20.01 -20.06
CA GLY B 272 -34.35 20.61 -20.59
C GLY B 272 -34.25 22.11 -20.79
N THR B 350 -35.05 13.19 -7.13
CA THR B 350 -35.52 12.91 -8.48
C THR B 350 -34.34 12.90 -9.47
N ALA B 351 -33.94 14.10 -10.00
CA ALA B 351 -32.83 14.28 -10.95
C ALA B 351 -31.48 14.35 -10.20
N THR B 352 -31.28 13.39 -9.27
CA THR B 352 -30.10 13.30 -8.41
C THR B 352 -28.89 12.63 -9.04
N PHE B 353 -29.11 11.74 -10.04
CA PHE B 353 -28.05 10.97 -10.72
C PHE B 353 -27.30 10.14 -9.67
N SER B 354 -28.07 9.46 -8.81
CA SER B 354 -27.59 8.63 -7.71
C SER B 354 -27.45 7.15 -8.08
N LYS B 355 -28.09 6.73 -9.20
CA LYS B 355 -28.05 5.33 -9.65
C LYS B 355 -27.52 5.21 -11.09
N TYR B 356 -27.96 6.12 -11.99
CA TYR B 356 -27.59 6.13 -13.41
C TYR B 356 -27.08 7.47 -13.91
N LEU B 357 -26.32 7.42 -15.02
CA LEU B 357 -25.80 8.59 -15.72
C LEU B 357 -26.46 8.65 -17.09
N ASN B 358 -26.77 9.87 -17.58
CA ASN B 358 -27.33 10.08 -18.90
C ASN B 358 -26.13 10.47 -19.77
N THR B 359 -25.68 9.55 -20.63
CA THR B 359 -24.49 9.78 -21.45
C THR B 359 -24.84 9.97 -22.93
N ALA B 360 -26.02 10.57 -23.20
CA ALA B 360 -26.53 10.83 -24.54
C ALA B 360 -25.56 11.60 -25.44
N GLN B 361 -25.01 12.73 -24.92
CA GLN B 361 -24.08 13.60 -25.65
C GLN B 361 -22.72 12.98 -25.85
N ALA B 362 -22.32 12.07 -24.93
CA ALA B 362 -21.06 11.35 -25.01
C ALA B 362 -21.15 10.32 -26.15
N LEU B 363 -22.30 9.62 -26.25
CA LEU B 363 -22.58 8.62 -27.29
C LEU B 363 -22.65 9.25 -28.67
N HIS B 364 -23.41 10.36 -28.82
CA HIS B 364 -23.53 11.09 -30.08
C HIS B 364 -22.14 11.43 -30.66
N GLN B 365 -21.22 11.86 -29.77
CA GLN B 365 -19.83 12.24 -30.04
C GLN B 365 -18.97 11.05 -30.45
N MET B 366 -19.35 9.82 -30.02
CA MET B 366 -18.66 8.55 -30.33
C MET B 366 -19.11 7.96 -31.66
N GLY B 367 -20.10 8.58 -32.28
CA GLY B 367 -20.65 8.13 -33.55
C GLY B 367 -21.85 7.24 -33.40
N VAL B 368 -22.47 7.27 -32.22
CA VAL B 368 -23.67 6.48 -31.92
C VAL B 368 -24.84 7.38 -32.34
N ILE B 369 -25.82 6.82 -33.09
CA ILE B 369 -27.00 7.56 -33.54
C ILE B 369 -27.90 7.82 -32.33
N VAL B 370 -27.93 9.08 -31.87
CA VAL B 370 -28.79 9.53 -30.76
C VAL B 370 -29.83 10.48 -31.36
N PRO B 371 -31.02 9.96 -31.75
CA PRO B 371 -32.06 10.84 -32.34
C PRO B 371 -32.46 11.98 -31.41
N GLY B 372 -32.49 13.19 -31.96
CA GLY B 372 -32.80 14.40 -31.20
C GLY B 372 -31.56 15.25 -31.05
N LEU B 373 -30.41 14.59 -30.94
CA LEU B 373 -29.09 15.22 -30.82
C LEU B 373 -28.43 15.40 -32.20
N GLU B 374 -29.07 14.84 -33.25
CA GLU B 374 -28.60 14.92 -34.63
C GLU B 374 -28.97 16.26 -35.25
N LYS B 375 -28.02 16.87 -36.00
CA LYS B 375 -28.21 18.18 -36.63
C LYS B 375 -27.61 18.29 -38.04
N TRP B 376 -28.44 18.78 -39.00
CA TRP B 376 -28.09 19.00 -40.42
C TRP B 376 -29.02 20.03 -41.08
N GLY B 377 -30.33 19.85 -40.91
CA GLY B 377 -31.36 20.72 -41.48
C GLY B 377 -31.49 22.04 -40.75
N THR B 440 -39.61 8.91 -23.02
CA THR B 440 -38.94 9.44 -24.21
C THR B 440 -38.55 8.31 -25.20
N ASP B 441 -38.10 8.70 -26.42
CA ASP B 441 -37.70 7.82 -27.52
C ASP B 441 -36.46 6.95 -27.24
N ALA B 442 -36.33 5.82 -27.96
CA ALA B 442 -35.24 4.86 -27.84
C ALA B 442 -34.26 4.98 -29.01
N LEU B 443 -32.99 4.61 -28.77
CA LEU B 443 -31.93 4.66 -29.79
C LEU B 443 -32.19 3.58 -30.84
N PRO B 444 -31.67 3.72 -32.09
CA PRO B 444 -31.82 2.62 -33.07
C PRO B 444 -31.06 1.35 -32.63
N ASN B 445 -31.39 0.19 -33.27
CA ASN B 445 -30.83 -1.16 -33.06
C ASN B 445 -29.32 -1.19 -32.82
N VAL B 446 -28.82 -2.24 -32.13
CA VAL B 446 -27.39 -2.48 -31.92
C VAL B 446 -26.73 -2.67 -33.30
N ILE B 447 -27.42 -3.41 -34.22
CA ILE B 447 -26.95 -3.69 -35.57
C ILE B 447 -26.80 -2.39 -36.41
N THR B 448 -27.71 -1.41 -36.22
CA THR B 448 -27.66 -0.12 -36.90
C THR B 448 -26.43 0.67 -36.36
N GLN B 449 -26.26 0.69 -35.02
CA GLN B 449 -25.16 1.37 -34.34
C GLN B 449 -23.85 0.78 -34.75
N LEU B 450 -23.78 -0.55 -34.93
CA LEU B 450 -22.58 -1.24 -35.37
C LEU B 450 -22.27 -0.87 -36.83
N TYR B 451 -23.31 -0.70 -37.68
CA TYR B 451 -23.06 -0.30 -39.06
C TYR B 451 -22.50 1.13 -39.14
N HIS B 452 -23.21 2.09 -38.49
CA HIS B 452 -22.83 3.50 -38.43
C HIS B 452 -21.43 3.73 -37.85
N THR B 453 -21.07 3.03 -36.76
CA THR B 453 -19.74 3.15 -36.16
C THR B 453 -18.64 2.43 -36.98
N SER B 454 -18.99 1.34 -37.71
CA SER B 454 -18.02 0.59 -38.51
C SER B 454 -17.47 1.34 -39.73
N THR B 455 -18.20 2.38 -40.19
CA THR B 455 -17.79 3.19 -41.34
C THR B 455 -17.14 4.46 -40.78
N ALA B 456 -15.95 4.28 -40.18
CA ALA B 456 -15.22 5.35 -39.50
C ALA B 456 -13.86 5.76 -40.08
N GLN B 457 -13.03 4.80 -40.53
CA GLN B 457 -11.68 5.11 -41.01
C GLN B 457 -11.38 4.44 -42.34
N LEU B 458 -10.68 5.15 -43.25
CA LEU B 458 -10.33 4.57 -44.55
C LEU B 458 -8.84 4.64 -44.92
N ALA B 459 -8.48 3.91 -45.98
CA ALA B 459 -7.16 3.82 -46.58
C ALA B 459 -7.31 3.38 -48.03
N TYR B 460 -6.48 3.95 -48.92
CA TYR B 460 -6.46 3.63 -50.34
C TYR B 460 -5.15 2.96 -50.69
N LEU B 461 -5.21 1.82 -51.38
CA LEU B 461 -4.04 1.07 -51.82
C LEU B 461 -4.26 0.43 -53.20
N ASN B 462 -3.70 1.07 -54.24
CA ASN B 462 -3.74 0.60 -55.63
C ASN B 462 -5.12 0.12 -56.10
N GLY B 463 -6.06 1.06 -56.20
CA GLY B 463 -7.42 0.80 -56.64
C GLY B 463 -8.33 0.12 -55.63
N GLN B 464 -7.80 -0.16 -54.44
CA GLN B 464 -8.55 -0.80 -53.36
C GLN B 464 -8.72 0.15 -52.20
N ILE B 465 -9.94 0.20 -51.65
CA ILE B 465 -10.26 1.04 -50.51
C ILE B 465 -10.60 0.13 -49.34
N VAL B 466 -9.93 0.37 -48.20
CA VAL B 466 -10.16 -0.37 -46.97
C VAL B 466 -10.84 0.54 -45.98
N VAL B 467 -11.96 0.10 -45.39
CA VAL B 467 -12.73 0.86 -44.40
C VAL B 467 -12.82 0.03 -43.13
N MET B 468 -12.51 0.64 -41.97
CA MET B 468 -12.57 0.00 -40.65
C MET B 468 -13.34 0.87 -39.65
N GLY B 469 -13.73 0.26 -38.54
CA GLY B 469 -14.51 0.89 -37.47
C GLY B 469 -13.76 1.88 -36.62
N SER B 470 -14.45 2.45 -35.62
CA SER B 470 -13.87 3.44 -34.70
C SER B 470 -13.08 2.81 -33.57
N ASP B 471 -12.33 3.64 -32.83
CA ASP B 471 -11.54 3.23 -31.67
C ASP B 471 -12.33 3.25 -30.36
N ARG B 472 -13.55 3.81 -30.40
N ARG B 472 -13.56 3.81 -30.40
CA ARG B 472 -14.41 3.96 -29.22
CA ARG B 472 -14.42 3.97 -29.24
C ARG B 472 -15.50 2.89 -29.10
C ARG B 472 -15.48 2.87 -29.09
N VAL B 473 -15.96 2.29 -30.22
CA VAL B 473 -17.02 1.25 -30.25
C VAL B 473 -16.49 0.02 -31.00
N PRO B 474 -16.69 -1.23 -30.49
CA PRO B 474 -16.18 -2.41 -31.22
C PRO B 474 -16.88 -2.61 -32.58
N SER B 475 -16.11 -3.07 -33.56
CA SER B 475 -16.58 -3.32 -34.92
C SER B 475 -16.42 -4.79 -35.26
N LEU B 476 -17.47 -5.38 -35.85
CA LEU B 476 -17.53 -6.80 -36.19
C LEU B 476 -17.14 -7.11 -37.64
N TRP B 477 -16.97 -6.07 -38.46
CA TRP B 477 -16.64 -6.22 -39.87
C TRP B 477 -15.79 -5.06 -40.40
N TYR B 478 -15.28 -5.22 -41.63
CA TYR B 478 -14.44 -4.22 -42.30
C TYR B 478 -14.61 -4.33 -43.80
N TRP B 479 -14.29 -3.28 -44.55
CA TRP B 479 -14.43 -3.29 -46.01
C TRP B 479 -13.12 -3.32 -46.75
N VAL B 480 -13.13 -4.02 -47.90
CA VAL B 480 -12.07 -4.06 -48.91
C VAL B 480 -12.89 -3.96 -50.21
N VAL B 481 -12.94 -2.76 -50.79
CA VAL B 481 -13.73 -2.48 -51.99
C VAL B 481 -12.86 -2.00 -53.13
N GLY B 482 -13.32 -2.27 -54.36
CA GLY B 482 -12.65 -1.81 -55.56
C GLY B 482 -13.12 -0.41 -55.89
N GLU B 483 -12.21 0.43 -56.41
CA GLU B 483 -12.51 1.81 -56.83
C GLU B 483 -13.54 1.77 -57.97
N ASP B 484 -13.36 0.81 -58.88
CA ASP B 484 -14.20 0.54 -60.05
C ASP B 484 -15.62 0.04 -59.71
N GLN B 485 -15.80 -0.62 -58.54
CA GLN B 485 -17.07 -1.19 -58.08
C GLN B 485 -18.12 -0.13 -57.73
N GLU B 486 -19.40 -0.51 -57.79
CA GLU B 486 -20.54 0.35 -57.45
C GLU B 486 -20.82 0.25 -55.95
N SER B 487 -20.55 -0.93 -55.39
CA SER B 487 -20.76 -1.28 -53.99
C SER B 487 -19.84 -2.44 -53.60
N GLY B 488 -19.79 -2.73 -52.31
CA GLY B 488 -18.99 -3.82 -51.76
C GLY B 488 -19.43 -4.23 -50.37
N LYS B 489 -19.62 -5.53 -50.16
CA LYS B 489 -20.01 -6.11 -48.86
C LYS B 489 -18.80 -6.12 -47.94
N ALA B 490 -19.05 -6.05 -46.63
CA ALA B 490 -18.00 -6.09 -45.62
C ALA B 490 -17.54 -7.53 -45.37
N THR B 491 -16.31 -7.67 -44.84
CA THR B 491 -15.71 -8.94 -44.45
C THR B 491 -15.87 -9.03 -42.93
N TRP B 492 -16.33 -10.19 -42.43
CA TRP B 492 -16.48 -10.42 -40.99
C TRP B 492 -15.12 -10.58 -40.32
N TRP B 493 -14.94 -9.96 -39.14
CA TRP B 493 -13.69 -10.14 -38.38
C TRP B 493 -13.58 -11.59 -37.88
N ALA B 494 -14.74 -12.22 -37.54
CA ALA B 494 -14.85 -13.60 -37.09
C ALA B 494 -14.41 -14.60 -38.17
N LYS B 495 -14.36 -14.16 -39.44
CA LYS B 495 -13.92 -14.96 -40.59
C LYS B 495 -12.51 -14.52 -41.03
N THR B 496 -11.85 -13.62 -40.26
CA THR B 496 -10.49 -13.15 -40.52
C THR B 496 -9.58 -13.64 -39.39
N GLU B 497 -8.86 -14.73 -39.67
CA GLU B 497 -7.92 -15.35 -38.76
C GLU B 497 -6.62 -14.55 -38.79
N LEU B 498 -6.19 -14.08 -37.61
CA LEU B 498 -4.98 -13.29 -37.47
C LEU B 498 -3.91 -14.09 -36.77
N ASN B 499 -2.65 -13.67 -36.93
CA ASN B 499 -1.53 -14.29 -36.24
C ASN B 499 -1.44 -13.53 -34.92
N TRP B 500 -1.54 -14.27 -33.81
CA TRP B 500 -1.53 -13.73 -32.45
C TRP B 500 -0.11 -13.77 -31.86
N GLY B 501 0.85 -14.22 -32.66
CA GLY B 501 2.25 -14.32 -32.28
C GLY B 501 2.70 -15.77 -32.25
N THR B 502 1.95 -16.59 -31.49
CA THR B 502 2.16 -18.03 -31.34
C THR B 502 0.81 -18.72 -31.51
N ASP B 503 0.81 -20.03 -31.81
CA ASP B 503 -0.43 -20.80 -31.95
C ASP B 503 -1.13 -20.90 -30.59
N LYS B 504 -0.34 -20.92 -29.50
CA LYS B 504 -0.85 -20.95 -28.14
C LYS B 504 -1.60 -19.65 -27.83
N GLN B 505 -1.07 -18.51 -28.32
CA GLN B 505 -1.70 -17.20 -28.14
C GLN B 505 -3.08 -17.09 -28.82
N LYS B 506 -3.24 -17.78 -29.97
CA LYS B 506 -4.52 -17.83 -30.70
C LYS B 506 -5.49 -18.67 -29.87
N GLN B 507 -5.02 -19.87 -29.42
CA GLN B 507 -5.75 -20.84 -28.61
C GLN B 507 -6.35 -20.17 -27.37
N PHE B 508 -5.57 -19.29 -26.69
CA PHE B 508 -6.03 -18.56 -25.52
C PHE B 508 -7.28 -17.73 -25.81
N VAL B 509 -7.26 -16.97 -26.91
CA VAL B 509 -8.36 -16.09 -27.32
C VAL B 509 -9.57 -16.92 -27.73
N GLU B 510 -9.35 -17.91 -28.65
CA GLU B 510 -10.37 -18.79 -29.20
C GLU B 510 -11.03 -19.72 -28.19
N ASN B 511 -10.28 -20.19 -27.18
CA ASN B 511 -10.85 -21.08 -26.17
C ASN B 511 -11.84 -20.37 -25.26
N GLN B 512 -11.63 -19.07 -25.05
CA GLN B 512 -12.54 -18.29 -24.22
C GLN B 512 -13.77 -17.81 -25.00
N LEU B 513 -13.80 -18.01 -26.34
CA LEU B 513 -14.93 -17.62 -27.19
C LEU B 513 -16.21 -18.37 -26.84
N GLY B 514 -16.07 -19.58 -26.36
CA GLY B 514 -17.19 -20.42 -25.98
C GLY B 514 -16.86 -21.88 -25.83
N PHE B 515 -17.90 -22.70 -25.66
CA PHE B 515 -17.80 -24.13 -25.47
C PHE B 515 -17.94 -24.94 -26.75
N LYS B 516 -17.01 -25.88 -26.93
CA LYS B 516 -16.97 -26.79 -28.05
C LYS B 516 -16.60 -28.19 -27.52
N ASP B 517 -17.38 -29.20 -27.92
CA ASP B 517 -17.16 -30.60 -27.58
C ASP B 517 -17.78 -31.48 -28.65
N ASP B 518 -17.13 -32.63 -28.93
CA ASP B 518 -17.60 -33.59 -29.93
C ASP B 518 -19.00 -34.11 -29.61
N SER B 519 -19.32 -34.28 -28.30
CA SER B 519 -20.60 -34.76 -27.78
C SER B 519 -21.73 -33.73 -27.91
N ASN B 520 -21.38 -32.45 -28.09
CA ASN B 520 -22.39 -31.42 -28.21
C ASN B 520 -22.66 -31.04 -29.65
N SER B 521 -23.95 -31.02 -30.01
CA SER B 521 -24.44 -30.59 -31.31
C SER B 521 -25.83 -29.95 -31.13
N ASP B 522 -25.99 -29.20 -30.04
CA ASP B 522 -27.21 -28.49 -29.68
C ASP B 522 -27.19 -27.14 -30.38
N SER B 523 -28.25 -26.82 -31.13
CA SER B 523 -28.39 -25.58 -31.89
C SER B 523 -28.31 -24.30 -31.04
N LYS B 524 -28.68 -24.38 -29.75
CA LYS B 524 -28.65 -23.24 -28.83
C LYS B 524 -27.23 -22.96 -28.27
N ASN B 525 -26.27 -23.89 -28.50
CA ASN B 525 -24.85 -23.70 -28.16
C ASN B 525 -24.26 -23.03 -29.40
N SER B 526 -24.67 -21.77 -29.59
CA SER B 526 -24.40 -20.92 -30.74
C SER B 526 -23.09 -20.11 -30.70
N ASN B 527 -22.30 -20.15 -29.61
CA ASN B 527 -21.02 -19.43 -29.49
C ASN B 527 -20.07 -19.60 -30.69
N LEU B 528 -19.22 -18.60 -30.95
CA LEU B 528 -18.26 -18.57 -32.06
C LEU B 528 -17.33 -19.79 -32.17
N LYS B 529 -16.83 -20.33 -31.03
CA LYS B 529 -15.92 -21.48 -31.07
C LYS B 529 -16.60 -22.72 -31.65
N ALA B 530 -17.84 -23.00 -31.21
CA ALA B 530 -18.67 -24.13 -31.65
C ALA B 530 -18.99 -24.01 -33.14
N GLN B 531 -19.05 -22.76 -33.68
CA GLN B 531 -19.34 -22.50 -35.09
C GLN B 531 -18.09 -22.48 -35.98
N GLY B 532 -16.91 -22.65 -35.35
CA GLY B 532 -15.63 -22.66 -36.04
C GLY B 532 -15.18 -21.29 -36.50
N LEU B 533 -15.63 -20.24 -35.80
CA LEU B 533 -15.27 -18.87 -36.11
C LEU B 533 -14.24 -18.33 -35.09
N THR B 534 -13.50 -17.27 -35.47
CA THR B 534 -12.42 -16.71 -34.66
C THR B 534 -12.88 -15.39 -33.97
N GLN B 535 -11.93 -14.58 -33.47
CA GLN B 535 -12.17 -13.33 -32.78
C GLN B 535 -13.12 -12.42 -33.60
N PRO B 536 -14.28 -12.06 -33.03
CA PRO B 536 -15.28 -11.30 -33.81
C PRO B 536 -15.16 -9.78 -33.82
N ALA B 537 -14.58 -9.17 -32.79
CA ALA B 537 -14.59 -7.71 -32.67
C ALA B 537 -13.26 -7.09 -32.29
N TYR B 538 -13.09 -5.84 -32.75
CA TYR B 538 -11.90 -5.04 -32.50
C TYR B 538 -12.25 -3.57 -32.29
N LEU B 539 -11.43 -2.87 -31.48
CA LEU B 539 -11.49 -1.42 -31.21
C LEU B 539 -10.28 -0.82 -31.96
N ILE B 540 -10.51 -0.51 -33.25
CA ILE B 540 -9.53 -0.09 -34.25
C ILE B 540 -8.86 1.24 -33.92
N ALA B 541 -7.54 1.20 -33.66
CA ALA B 541 -6.73 2.40 -33.40
C ALA B 541 -6.46 3.18 -34.70
N GLY B 542 -6.54 2.48 -35.83
CA GLY B 542 -6.34 3.07 -37.14
C GLY B 542 -5.68 2.18 -38.15
N LEU B 543 -5.56 2.71 -39.38
CA LEU B 543 -4.92 2.07 -40.53
C LEU B 543 -4.22 3.08 -41.43
N ASP B 544 -3.13 2.66 -42.07
CA ASP B 544 -2.37 3.49 -42.99
C ASP B 544 -1.66 2.65 -44.05
N VAL B 545 -1.27 3.28 -45.16
CA VAL B 545 -0.54 2.61 -46.24
C VAL B 545 0.92 3.06 -46.26
N VAL B 546 1.82 2.11 -46.52
CA VAL B 546 3.27 2.30 -46.65
C VAL B 546 3.81 1.22 -47.50
N ALA B 547 4.81 1.56 -48.35
CA ALA B 547 5.54 0.63 -49.21
C ALA B 547 4.61 -0.42 -49.85
N ASP B 548 3.51 0.06 -50.49
CA ASP B 548 2.46 -0.72 -51.18
C ASP B 548 1.76 -1.76 -50.25
N HIS B 549 1.77 -1.51 -48.94
CA HIS B 549 1.17 -2.39 -47.94
C HIS B 549 0.33 -1.61 -46.95
N LEU B 550 -0.70 -2.28 -46.38
CA LEU B 550 -1.58 -1.73 -45.36
C LEU B 550 -1.07 -2.11 -43.98
N VAL B 551 -1.02 -1.13 -43.09
CA VAL B 551 -0.62 -1.31 -41.70
C VAL B 551 -1.82 -0.94 -40.83
N PHE B 552 -2.09 -1.74 -39.79
CA PHE B 552 -3.21 -1.49 -38.87
C PHE B 552 -2.83 -1.87 -37.44
N ALA B 553 -3.63 -1.37 -36.49
CA ALA B 553 -3.51 -1.63 -35.06
C ALA B 553 -4.89 -1.45 -34.44
N ALA B 554 -5.22 -2.33 -33.51
CA ALA B 554 -6.50 -2.35 -32.83
C ALA B 554 -6.37 -3.05 -31.50
N PHE B 555 -7.31 -2.80 -30.60
CA PHE B 555 -7.37 -3.52 -29.34
C PHE B 555 -8.40 -4.62 -29.57
N LYS B 556 -8.09 -5.83 -29.10
CA LYS B 556 -9.01 -6.94 -29.20
C LYS B 556 -10.14 -6.64 -28.22
N ALA B 557 -11.39 -6.59 -28.72
CA ALA B 557 -12.55 -6.35 -27.86
C ALA B 557 -12.84 -7.67 -27.13
N GLY B 558 -13.35 -7.58 -25.90
CA GLY B 558 -13.66 -8.75 -25.10
C GLY B 558 -14.77 -9.58 -25.72
N ALA B 559 -14.48 -10.85 -26.05
CA ALA B 559 -15.47 -11.74 -26.66
C ALA B 559 -15.45 -13.08 -25.94
N VAL B 560 -16.52 -13.33 -25.18
CA VAL B 560 -16.65 -14.52 -24.35
C VAL B 560 -17.98 -15.24 -24.57
N GLY B 561 -18.19 -16.32 -23.83
CA GLY B 561 -19.43 -17.09 -23.86
C GLY B 561 -20.35 -16.73 -22.72
N TYR B 562 -21.62 -17.12 -22.83
CA TYR B 562 -22.63 -16.91 -21.79
C TYR B 562 -23.65 -18.04 -21.79
N ASP B 563 -24.09 -18.47 -20.59
CA ASP B 563 -25.04 -19.58 -20.47
C ASP B 563 -26.47 -19.17 -20.80
N MET B 564 -27.06 -19.87 -21.79
CA MET B 564 -28.41 -19.68 -22.31
C MET B 564 -29.47 -20.41 -21.47
N THR B 565 -29.05 -21.18 -20.45
CA THR B 565 -29.92 -21.99 -19.60
C THR B 565 -31.09 -21.21 -18.97
N THR B 566 -32.23 -21.91 -18.83
CA THR B 566 -33.49 -21.46 -18.25
C THR B 566 -33.55 -21.98 -16.80
N ASP B 567 -32.64 -22.91 -16.44
CA ASP B 567 -32.53 -23.50 -15.11
C ASP B 567 -32.00 -22.44 -14.14
N SER B 568 -32.92 -21.84 -13.36
CA SER B 568 -32.64 -20.77 -12.39
C SER B 568 -31.62 -21.17 -11.32
N SER B 569 -31.58 -22.47 -10.98
CA SER B 569 -30.66 -23.02 -9.98
C SER B 569 -29.35 -23.55 -10.57
N ALA B 570 -29.11 -23.38 -11.89
CA ALA B 570 -27.86 -23.82 -12.53
C ALA B 570 -26.71 -22.95 -12.05
N SER B 571 -25.52 -23.57 -11.87
CA SER B 571 -24.31 -22.93 -11.36
C SER B 571 -23.96 -21.66 -12.13
N THR B 572 -23.89 -21.77 -13.47
CA THR B 572 -23.51 -20.66 -14.35
C THR B 572 -24.73 -19.98 -15.00
N TYR B 573 -25.92 -20.10 -14.37
CA TYR B 573 -27.15 -19.46 -14.86
C TYR B 573 -27.03 -17.95 -14.75
N ASN B 574 -27.41 -17.22 -15.83
CA ASN B 574 -27.41 -15.76 -15.92
C ASN B 574 -25.98 -15.17 -15.80
N GLN B 575 -24.96 -15.93 -16.23
CA GLN B 575 -23.58 -15.44 -16.14
C GLN B 575 -22.76 -15.66 -17.42
N ALA B 576 -21.75 -14.81 -17.61
CA ALA B 576 -20.80 -14.89 -18.72
C ALA B 576 -19.66 -15.80 -18.25
N LEU B 577 -19.00 -16.48 -19.19
CA LEU B 577 -17.91 -17.40 -18.86
C LEU B 577 -16.59 -16.87 -19.39
N ALA B 578 -15.82 -16.26 -18.48
CA ALA B 578 -14.53 -15.61 -18.73
C ALA B 578 -13.62 -15.80 -17.54
N TRP B 579 -12.31 -15.89 -17.78
CA TRP B 579 -11.33 -16.06 -16.71
C TRP B 579 -9.98 -15.43 -17.06
N SER B 580 -9.18 -15.15 -16.02
CA SER B 580 -7.83 -14.61 -16.12
C SER B 580 -6.89 -15.63 -16.80
N THR B 581 -6.13 -15.16 -17.81
CA THR B 581 -5.19 -16.01 -18.56
C THR B 581 -3.75 -15.60 -18.33
N THR B 582 -3.47 -14.97 -17.18
CA THR B 582 -2.13 -14.51 -16.81
C THR B 582 -1.21 -15.72 -16.61
N ALA B 583 0.00 -15.66 -17.19
CA ALA B 583 1.05 -16.69 -17.07
C ALA B 583 1.36 -16.95 -15.61
N GLY B 584 1.55 -18.22 -15.26
CA GLY B 584 1.85 -18.66 -13.90
C GLY B 584 3.11 -18.06 -13.31
N LEU B 585 3.21 -18.04 -11.97
CA LEU B 585 4.37 -17.50 -11.25
C LEU B 585 5.65 -18.28 -11.55
N ASP B 586 5.48 -19.58 -11.83
CA ASP B 586 6.52 -20.56 -12.14
C ASP B 586 6.84 -20.66 -13.65
N SER B 587 6.41 -19.69 -14.47
CA SER B 587 6.68 -19.69 -15.90
C SER B 587 8.18 -19.59 -16.16
N ASP B 588 8.65 -20.22 -17.25
CA ASP B 588 10.05 -20.15 -17.64
C ASP B 588 10.35 -18.75 -18.21
N GLY B 589 11.63 -18.37 -18.16
CA GLY B 589 12.09 -17.06 -18.61
C GLY B 589 12.01 -16.79 -20.10
N GLY B 590 11.97 -15.51 -20.44
CA GLY B 590 11.91 -15.05 -21.83
C GLY B 590 10.50 -14.74 -22.27
N TYR B 591 10.35 -13.90 -23.32
CA TYR B 591 9.05 -13.51 -23.87
C TYR B 591 8.23 -14.71 -24.32
N LYS B 592 8.84 -15.60 -25.15
CA LYS B 592 8.18 -16.77 -25.73
C LYS B 592 7.64 -17.76 -24.72
N ALA B 593 8.40 -18.03 -23.66
CA ALA B 593 7.99 -18.96 -22.61
C ALA B 593 6.81 -18.42 -21.81
N LEU B 594 6.81 -17.09 -21.55
CA LEU B 594 5.76 -16.41 -20.80
C LEU B 594 4.43 -16.42 -21.56
N VAL B 595 4.47 -16.09 -22.86
CA VAL B 595 3.25 -16.01 -23.68
C VAL B 595 2.70 -17.41 -24.02
N GLU B 596 3.57 -18.43 -24.03
CA GLU B 596 3.16 -19.82 -24.30
C GLU B 596 2.81 -20.58 -23.01
N ASN B 597 2.90 -19.93 -21.83
CA ASN B 597 2.56 -20.54 -20.55
C ASN B 597 1.09 -21.01 -20.55
N THR B 598 0.87 -22.22 -20.05
CA THR B 598 -0.40 -22.94 -20.07
C THR B 598 -1.47 -22.37 -19.07
N ALA B 599 -1.08 -21.56 -18.06
CA ALA B 599 -2.02 -21.02 -17.06
C ALA B 599 -3.24 -20.33 -17.67
N GLY B 600 -4.38 -20.99 -17.51
CA GLY B 600 -5.68 -20.52 -17.98
C GLY B 600 -6.01 -20.76 -19.43
N LEU B 601 -5.26 -21.66 -20.11
CA LEU B 601 -5.44 -21.99 -21.53
C LEU B 601 -6.85 -22.46 -21.87
N ASN B 602 -7.37 -23.43 -21.11
CA ASN B 602 -8.68 -24.02 -21.36
C ASN B 602 -9.76 -23.61 -20.35
N GLY B 603 -9.36 -23.11 -19.18
CA GLY B 603 -10.31 -22.71 -18.15
C GLY B 603 -9.67 -21.94 -17.01
N PRO B 604 -10.44 -21.59 -15.96
CA PRO B 604 -9.85 -20.80 -14.84
C PRO B 604 -8.74 -21.49 -14.06
N ILE B 605 -7.89 -20.67 -13.40
CA ILE B 605 -6.76 -21.11 -12.57
C ILE B 605 -6.36 -20.03 -11.54
N ASN B 606 -6.34 -18.77 -11.98
CA ASN B 606 -5.94 -17.62 -11.18
C ASN B 606 -6.99 -17.17 -10.19
N GLY B 607 -6.49 -16.66 -9.07
CA GLY B 607 -7.27 -16.16 -7.95
C GLY B 607 -6.31 -15.86 -6.82
N LEU B 608 -6.84 -15.54 -5.62
CA LEU B 608 -5.99 -15.23 -4.47
C LEU B 608 -5.32 -16.47 -3.89
N PHE B 609 -3.98 -16.49 -3.93
CA PHE B 609 -3.14 -17.55 -3.38
C PHE B 609 -2.29 -16.97 -2.25
N THR B 610 -2.41 -17.56 -1.05
CA THR B 610 -1.64 -17.12 0.13
C THR B 610 -0.37 -17.97 0.29
N LEU B 611 0.66 -17.68 -0.54
CA LEU B 611 1.93 -18.40 -0.50
C LEU B 611 2.88 -17.75 0.50
N LEU B 612 3.39 -18.53 1.47
CA LEU B 612 4.27 -18.13 2.58
C LEU B 612 3.54 -17.16 3.54
N ASP B 613 3.46 -15.86 3.16
CA ASP B 613 2.79 -14.76 3.88
C ASP B 613 2.58 -13.57 2.95
N THR B 614 2.86 -13.78 1.65
CA THR B 614 2.69 -12.79 0.58
C THR B 614 1.65 -13.31 -0.41
N PHE B 615 0.60 -12.51 -0.67
CA PHE B 615 -0.47 -12.91 -1.57
C PHE B 615 -0.19 -12.52 -3.02
N ALA B 616 -0.57 -13.41 -3.95
CA ALA B 616 -0.44 -13.24 -5.39
C ALA B 616 -1.78 -13.59 -6.03
N TYR B 617 -2.16 -12.87 -7.09
CA TYR B 617 -3.41 -13.14 -7.79
C TYR B 617 -3.24 -14.13 -8.96
N VAL B 618 -2.04 -14.72 -9.08
CA VAL B 618 -1.66 -15.69 -10.12
C VAL B 618 -1.31 -17.04 -9.50
N THR B 619 -1.45 -18.11 -10.29
CA THR B 619 -1.16 -19.49 -9.88
C THR B 619 0.33 -19.72 -9.62
N PRO B 620 0.70 -20.41 -8.52
CA PRO B 620 2.11 -20.69 -8.28
C PRO B 620 2.63 -21.89 -9.07
N VAL B 621 1.71 -22.70 -9.65
CA VAL B 621 2.03 -23.86 -10.49
C VAL B 621 1.25 -23.82 -11.81
N SER B 622 1.97 -24.09 -12.91
CA SER B 622 1.44 -24.09 -14.28
C SER B 622 2.30 -24.98 -15.20
N GLY B 623 1.78 -25.24 -16.40
CA GLY B 623 2.46 -26.05 -17.41
C GLY B 623 2.76 -27.48 -17.00
N MET B 624 4.05 -27.84 -17.03
CA MET B 624 4.49 -29.19 -16.66
C MET B 624 5.27 -29.18 -15.33
N LYS B 625 4.88 -28.29 -14.41
CA LYS B 625 5.50 -28.15 -13.09
C LYS B 625 4.56 -28.55 -11.94
N GLY B 626 3.56 -29.37 -12.25
CA GLY B 626 2.57 -29.86 -11.30
C GLY B 626 2.92 -31.17 -10.64
N GLY B 627 2.13 -31.52 -9.62
CA GLY B 627 2.32 -32.73 -8.83
C GLY B 627 3.40 -32.53 -7.79
N SER B 628 3.51 -33.46 -6.82
CA SER B 628 4.52 -33.39 -5.75
C SER B 628 5.95 -33.26 -6.31
N GLN B 629 6.24 -33.98 -7.42
CA GLN B 629 7.57 -33.97 -8.06
C GLN B 629 7.79 -32.80 -8.99
N ASN B 630 6.76 -31.97 -9.23
CA ASN B 630 6.78 -30.78 -10.10
C ASN B 630 7.16 -31.10 -11.56
N ASN B 631 6.67 -32.26 -12.05
CA ASN B 631 6.94 -32.75 -13.41
C ASN B 631 5.67 -33.03 -14.21
N GLU B 632 4.51 -33.12 -13.51
CA GLU B 632 3.20 -33.39 -14.10
C GLU B 632 2.53 -32.15 -14.69
N GLU B 633 1.52 -32.36 -15.55
CA GLU B 633 0.75 -31.33 -16.24
C GLU B 633 -0.28 -30.67 -15.31
N VAL B 634 -0.31 -29.32 -15.27
CA VAL B 634 -1.31 -28.58 -14.50
C VAL B 634 -2.45 -28.32 -15.48
N GLN B 635 -3.47 -29.17 -15.40
CA GLN B 635 -4.63 -29.14 -16.29
C GLN B 635 -5.64 -28.06 -15.98
N THR B 636 -6.24 -27.53 -17.06
CA THR B 636 -7.32 -26.55 -17.07
C THR B 636 -8.39 -27.10 -18.01
N THR B 637 -9.67 -26.76 -17.77
CA THR B 637 -10.80 -27.18 -18.60
C THR B 637 -11.90 -26.11 -18.58
N TYR B 638 -12.73 -26.06 -19.63
CA TYR B 638 -13.83 -25.10 -19.76
C TYR B 638 -14.88 -25.26 -18.62
N PRO B 639 -15.42 -24.13 -18.07
CA PRO B 639 -16.40 -24.24 -16.96
C PRO B 639 -17.81 -24.77 -17.32
N VAL B 640 -17.88 -26.05 -17.71
CA VAL B 640 -19.11 -26.80 -18.02
C VAL B 640 -18.93 -28.19 -17.41
N LYS B 641 -19.85 -28.59 -16.49
CA LYS B 641 -19.84 -29.89 -15.80
C LYS B 641 -19.90 -31.02 -16.82
N SER B 642 -19.05 -32.05 -16.66
CA SER B 642 -18.93 -33.21 -17.55
C SER B 642 -20.27 -33.80 -18.02
N ASP B 643 -21.24 -33.99 -17.10
CA ASP B 643 -22.56 -34.54 -17.43
C ASP B 643 -23.42 -33.58 -18.30
N GLN B 644 -23.14 -32.25 -18.24
CA GLN B 644 -23.85 -31.24 -19.00
C GLN B 644 -23.21 -30.90 -20.36
N LYS B 645 -22.08 -31.55 -20.71
CA LYS B 645 -21.33 -31.29 -21.95
C LYS B 645 -22.15 -31.52 -23.23
N ALA B 646 -22.96 -32.58 -23.28
CA ALA B 646 -23.78 -32.89 -24.46
C ALA B 646 -25.00 -31.96 -24.62
N THR B 647 -25.50 -31.41 -23.49
CA THR B 647 -26.71 -30.60 -23.43
C THR B 647 -26.44 -29.08 -23.22
N ALA B 648 -25.17 -28.67 -23.10
CA ALA B 648 -24.74 -27.28 -22.85
C ALA B 648 -25.14 -26.32 -23.97
N LYS B 649 -25.58 -25.10 -23.60
CA LYS B 649 -26.03 -24.05 -24.51
C LYS B 649 -25.27 -22.75 -24.19
N ILE B 650 -24.09 -22.57 -24.79
CA ILE B 650 -23.24 -21.39 -24.57
C ILE B 650 -23.28 -20.52 -25.84
N ALA B 651 -23.75 -19.27 -25.70
CA ALA B 651 -23.84 -18.31 -26.80
C ALA B 651 -22.70 -17.30 -26.71
N SER B 652 -22.57 -16.39 -27.69
CA SER B 652 -21.48 -15.39 -27.71
C SER B 652 -21.90 -14.04 -27.18
N LEU B 653 -20.94 -13.37 -26.52
CA LEU B 653 -21.12 -12.05 -25.92
C LEU B 653 -19.89 -11.18 -26.22
N ILE B 654 -20.12 -9.95 -26.72
CA ILE B 654 -19.08 -8.98 -27.03
C ILE B 654 -19.14 -7.79 -26.06
N ASN B 655 -17.98 -7.50 -25.42
CA ASN B 655 -17.71 -6.40 -24.51
C ASN B 655 -17.21 -5.21 -25.31
N ALA B 656 -17.68 -4.00 -24.95
CA ALA B 656 -17.31 -2.75 -25.60
C ALA B 656 -15.95 -2.20 -25.09
N SER B 657 -15.00 -3.11 -24.76
CA SER B 657 -13.69 -2.79 -24.19
C SER B 657 -12.64 -3.92 -24.41
N PRO B 658 -11.32 -3.71 -24.10
CA PRO B 658 -10.34 -4.79 -24.29
C PRO B 658 -10.36 -5.89 -23.22
N LEU B 659 -11.35 -5.86 -22.30
CA LEU B 659 -11.48 -6.86 -21.22
C LEU B 659 -12.45 -7.99 -21.52
N ASN B 660 -12.04 -9.23 -21.19
CA ASN B 660 -12.86 -10.44 -21.33
C ASN B 660 -13.76 -10.58 -20.12
N SER B 661 -13.20 -10.38 -18.91
CA SER B 661 -13.92 -10.48 -17.64
C SER B 661 -14.09 -9.13 -16.96
N TYR B 662 -15.28 -8.90 -16.42
CA TYR B 662 -15.65 -7.70 -15.68
C TYR B 662 -15.88 -8.06 -14.20
N GLY B 663 -15.44 -9.25 -13.81
CA GLY B 663 -15.59 -9.78 -12.46
C GLY B 663 -14.93 -8.86 -11.45
N ASP B 664 -15.73 -8.30 -10.54
CA ASP B 664 -15.34 -7.36 -9.49
C ASP B 664 -14.46 -8.06 -8.45
N ASP B 665 -13.18 -8.26 -8.81
CA ASP B 665 -12.18 -8.96 -8.04
C ASP B 665 -10.79 -8.35 -8.26
N GLY B 666 -9.84 -8.73 -7.41
CA GLY B 666 -8.46 -8.27 -7.48
C GLY B 666 -7.71 -8.74 -8.70
N VAL B 667 -7.93 -10.01 -9.12
CA VAL B 667 -7.23 -10.61 -10.27
C VAL B 667 -7.49 -9.80 -11.57
N THR B 668 -8.74 -9.39 -11.82
CA THR B 668 -9.14 -8.59 -12.99
C THR B 668 -8.47 -7.20 -12.95
N VAL B 669 -8.34 -6.61 -11.74
CA VAL B 669 -7.67 -5.32 -11.51
C VAL B 669 -6.17 -5.49 -11.85
N PHE B 670 -5.55 -6.57 -11.34
CA PHE B 670 -4.14 -6.90 -11.58
C PHE B 670 -3.84 -7.14 -13.05
N ASP B 671 -4.77 -7.79 -13.76
CA ASP B 671 -4.66 -8.10 -15.18
C ASP B 671 -4.82 -6.88 -16.07
N ALA B 672 -5.68 -5.94 -15.66
CA ALA B 672 -5.93 -4.74 -16.46
C ALA B 672 -4.87 -3.67 -16.23
N LEU B 673 -4.29 -3.63 -15.03
CA LEU B 673 -3.29 -2.64 -14.65
C LEU B 673 -1.84 -3.11 -14.77
N GLY B 674 -1.65 -4.38 -15.15
CA GLY B 674 -0.36 -5.01 -15.35
C GLY B 674 0.47 -5.10 -14.08
N LEU B 675 -0.15 -5.61 -13.02
CA LEU B 675 0.46 -5.68 -11.69
C LEU B 675 0.92 -7.09 -11.27
N ASN B 676 0.81 -8.06 -12.18
CA ASN B 676 1.25 -9.43 -11.92
C ASN B 676 2.72 -9.57 -12.33
N PHE B 677 3.58 -9.84 -11.35
CA PHE B 677 5.02 -10.01 -11.53
C PHE B 677 5.47 -11.26 -10.82
N ASN B 678 6.49 -11.95 -11.38
CA ASN B 678 7.04 -13.16 -10.79
C ASN B 678 7.92 -12.81 -9.57
N PHE B 679 8.14 -13.77 -8.68
CA PHE B 679 8.97 -13.57 -7.49
C PHE B 679 10.43 -13.97 -7.77
N LYS B 680 11.00 -13.37 -8.83
CA LYS B 680 12.36 -13.58 -9.32
C LYS B 680 13.15 -12.28 -9.25
N LEU B 681 14.49 -12.40 -9.02
CA LEU B 681 15.49 -11.31 -8.94
C LEU B 681 15.35 -10.40 -10.17
N ASN B 682 15.28 -11.04 -11.35
CA ASN B 682 15.08 -10.41 -12.65
C ASN B 682 13.58 -10.43 -12.86
N GLU B 683 12.92 -9.50 -12.14
CA GLU B 683 11.47 -9.34 -12.11
C GLU B 683 10.89 -9.11 -13.50
N GLU B 684 9.98 -10.02 -13.90
CA GLU B 684 9.31 -9.98 -15.19
C GLU B 684 7.81 -9.91 -14.99
N ARG B 685 7.15 -9.05 -15.79
CA ARG B 685 5.71 -8.88 -15.74
C ARG B 685 5.07 -10.06 -16.43
N LEU B 686 4.13 -10.71 -15.73
CA LEU B 686 3.41 -11.88 -16.25
C LEU B 686 2.30 -11.41 -17.18
N PRO B 687 2.32 -11.84 -18.45
CA PRO B 687 1.32 -11.32 -19.39
C PRO B 687 -0.01 -12.05 -19.39
N SER B 688 -1.07 -11.30 -19.69
CA SER B 688 -2.41 -11.84 -19.90
C SER B 688 -2.45 -12.20 -21.37
N ARG B 689 -3.23 -13.22 -21.72
CA ARG B 689 -3.32 -13.64 -23.11
C ARG B 689 -4.73 -13.37 -23.67
N THR B 690 -5.58 -12.65 -22.89
CA THR B 690 -6.97 -12.32 -23.28
C THR B 690 -7.38 -10.90 -22.93
N ASP B 691 -6.72 -10.25 -21.96
CA ASP B 691 -7.08 -8.92 -21.52
C ASP B 691 -6.06 -7.86 -21.93
N GLN B 692 -6.56 -6.67 -22.36
CA GLN B 692 -5.78 -5.50 -22.79
C GLN B 692 -4.79 -5.87 -23.92
N LEU B 693 -5.28 -6.63 -24.89
CA LEU B 693 -4.49 -7.11 -26.01
C LEU B 693 -4.51 -6.22 -27.25
N LEU B 694 -3.34 -5.66 -27.60
CA LEU B 694 -3.19 -4.88 -28.82
C LEU B 694 -2.80 -5.84 -29.94
N VAL B 695 -3.52 -5.75 -31.03
CA VAL B 695 -3.36 -6.54 -32.25
C VAL B 695 -2.87 -5.54 -33.31
N TYR B 696 -1.80 -5.89 -34.03
CA TYR B 696 -1.20 -5.04 -35.05
C TYR B 696 -0.62 -5.90 -36.18
N GLY B 697 -0.37 -5.29 -37.33
CA GLY B 697 0.20 -6.02 -38.44
C GLY B 697 0.27 -5.26 -39.75
N ILE B 698 0.97 -5.89 -40.72
CA ILE B 698 1.15 -5.44 -42.09
C ILE B 698 0.42 -6.44 -42.99
N VAL B 699 -0.35 -5.94 -43.97
CA VAL B 699 -1.13 -6.79 -44.86
C VAL B 699 -0.92 -6.37 -46.34
N ASN B 700 -0.60 -7.36 -47.20
CA ASN B 700 -0.37 -7.18 -48.63
C ASN B 700 -1.63 -7.29 -49.47
N GLU B 701 -1.54 -6.91 -50.77
CA GLU B 701 -2.63 -6.93 -51.75
C GLU B 701 -3.35 -8.27 -51.88
N SER B 702 -2.60 -9.40 -51.87
CA SER B 702 -3.21 -10.73 -51.99
C SER B 702 -4.02 -11.08 -50.73
N GLU B 703 -3.55 -10.64 -49.54
CA GLU B 703 -4.25 -10.84 -48.26
C GLU B 703 -5.52 -10.01 -48.25
N LEU B 704 -5.46 -8.79 -48.83
CA LEU B 704 -6.59 -7.89 -48.94
C LEU B 704 -7.59 -8.42 -49.95
N LYS B 705 -7.09 -9.02 -51.05
CA LYS B 705 -7.92 -9.60 -52.12
C LYS B 705 -8.72 -10.78 -51.61
N SER B 706 -8.15 -11.57 -50.68
CA SER B 706 -8.81 -12.71 -50.07
C SER B 706 -9.98 -12.25 -49.21
N ALA B 707 -9.83 -11.09 -48.52
CA ALA B 707 -10.87 -10.49 -47.69
C ALA B 707 -12.03 -9.98 -48.56
N ARG B 708 -11.72 -9.42 -49.76
CA ARG B 708 -12.73 -8.94 -50.71
C ARG B 708 -13.49 -10.13 -51.29
N GLU B 709 -12.77 -11.19 -51.67
CA GLU B 709 -13.34 -12.43 -52.22
C GLU B 709 -14.21 -13.14 -51.19
N ASN B 710 -13.75 -13.22 -49.93
CA ASN B 710 -14.49 -13.81 -48.82
C ASN B 710 -15.81 -13.04 -48.55
N ALA B 711 -15.79 -11.71 -48.73
CA ALA B 711 -16.96 -10.86 -48.54
C ALA B 711 -17.99 -11.04 -49.67
N GLN B 712 -17.51 -11.21 -50.92
CA GLN B 712 -18.33 -11.35 -52.12
C GLN B 712 -18.96 -12.73 -52.29
N SER B 713 -18.51 -13.74 -51.49
CA SER B 713 -19.01 -15.11 -51.48
C SER B 713 -20.51 -15.15 -51.14
N THR B 714 -21.35 -15.07 -52.19
CA THR B 714 -22.82 -15.01 -52.16
C THR B 714 -23.44 -16.26 -51.55
N SER B 715 -23.75 -17.28 -52.36
CA SER B 715 -24.37 -18.52 -51.86
C SER B 715 -23.32 -19.43 -51.18
N ASP B 716 -23.23 -20.70 -51.66
CA ASP B 716 -22.30 -21.75 -51.23
C ASP B 716 -22.48 -22.24 -49.78
N ASP B 717 -21.80 -23.34 -49.48
CA ASP B 717 -21.72 -23.99 -48.18
C ASP B 717 -20.43 -23.51 -47.51
N ASN B 718 -19.56 -22.79 -48.26
CA ASN B 718 -18.26 -22.28 -47.81
C ASN B 718 -18.40 -21.06 -46.82
N SER B 719 -19.45 -21.09 -45.96
CA SER B 719 -19.74 -20.09 -44.93
C SER B 719 -18.78 -20.20 -43.71
N ASN B 720 -17.77 -21.09 -43.81
CA ASN B 720 -16.77 -21.36 -42.77
C ASN B 720 -15.32 -21.22 -43.26
N THR B 721 -15.12 -20.61 -44.46
CA THR B 721 -13.79 -20.36 -45.00
C THR B 721 -13.22 -19.12 -44.29
N LYS B 722 -11.91 -19.10 -44.07
CA LYS B 722 -11.26 -18.01 -43.37
C LYS B 722 -10.29 -17.22 -44.24
N VAL B 723 -10.09 -15.94 -43.86
CA VAL B 723 -9.10 -15.06 -44.46
C VAL B 723 -7.90 -15.20 -43.51
N LYS B 724 -6.70 -15.39 -44.06
CA LYS B 724 -5.51 -15.56 -43.24
C LYS B 724 -4.50 -14.42 -43.41
N TRP B 725 -4.34 -13.60 -42.37
CA TRP B 725 -3.37 -12.50 -42.31
C TRP B 725 -2.29 -12.98 -41.35
N THR B 726 -1.20 -13.53 -41.90
CA THR B 726 -0.12 -14.14 -41.11
C THR B 726 0.95 -13.15 -40.61
N ASN B 727 1.06 -11.95 -41.22
CA ASN B 727 2.05 -10.98 -40.79
C ASN B 727 1.46 -9.99 -39.78
N THR B 728 0.90 -10.54 -38.70
CA THR B 728 0.29 -9.80 -37.61
C THR B 728 0.82 -10.37 -36.30
N ALA B 729 0.59 -9.65 -35.19
CA ALA B 729 0.97 -10.07 -33.85
C ALA B 729 0.07 -9.41 -32.81
N SER B 730 0.11 -9.95 -31.59
CA SER B 730 -0.64 -9.45 -30.46
C SER B 730 0.31 -9.18 -29.32
N HIS B 731 -0.01 -8.17 -28.53
CA HIS B 731 0.81 -7.79 -27.40
C HIS B 731 -0.05 -7.32 -26.24
N TYR B 732 0.33 -7.73 -25.05
CA TYR B 732 -0.33 -7.35 -23.82
C TYR B 732 0.07 -5.91 -23.52
N LEU B 733 -0.93 -5.02 -23.50
CA LEU B 733 -0.74 -3.60 -23.27
C LEU B 733 -1.76 -3.09 -22.23
N PRO B 734 -1.46 -3.28 -20.92
CA PRO B 734 -2.40 -2.83 -19.88
C PRO B 734 -2.37 -1.32 -19.66
N VAL B 735 -3.38 -0.75 -18.95
CA VAL B 735 -3.38 0.68 -18.59
C VAL B 735 -2.30 0.91 -17.54
N PRO B 736 -1.70 2.12 -17.44
CA PRO B 736 -0.73 2.35 -16.37
C PRO B 736 -1.42 2.19 -15.02
N TYR B 737 -0.82 1.41 -14.11
CA TYR B 737 -1.35 1.19 -12.78
C TYR B 737 -1.40 2.50 -12.00
N TYR B 738 -0.44 3.41 -12.32
CA TYR B 738 -0.31 4.71 -11.67
C TYR B 738 -1.39 5.72 -12.12
N TYR B 739 -2.32 5.29 -13.00
CA TYR B 739 -3.47 6.09 -13.43
C TYR B 739 -4.57 5.92 -12.38
N SER B 740 -4.38 4.96 -11.47
CA SER B 740 -5.26 4.65 -10.34
C SER B 740 -4.62 5.15 -9.06
N ALA B 741 -5.41 5.82 -8.22
CA ALA B 741 -4.96 6.38 -6.95
C ALA B 741 -4.59 5.31 -5.95
N ASN B 742 -5.40 4.25 -5.83
CA ASN B 742 -5.22 3.16 -4.86
C ASN B 742 -4.83 1.83 -5.53
N PHE B 743 -3.85 1.85 -6.46
CA PHE B 743 -3.41 0.62 -7.13
C PHE B 743 -2.83 -0.39 -6.11
N PRO B 744 -3.27 -1.66 -6.15
CA PRO B 744 -2.77 -2.64 -5.17
C PRO B 744 -1.39 -3.21 -5.49
N GLU B 745 -0.81 -3.98 -4.55
CA GLU B 745 0.51 -4.61 -4.68
C GLU B 745 0.51 -6.08 -4.22
N ALA B 746 1.47 -6.88 -4.73
CA ALA B 746 1.62 -8.30 -4.41
C ALA B 746 2.96 -8.62 -3.74
N ALA B 752 5.27 -7.69 3.20
CA ALA B 752 4.18 -8.53 2.70
C ALA B 752 2.85 -8.13 3.34
N GLU B 753 1.88 -7.67 2.51
CA GLU B 753 0.54 -7.24 2.96
C GLU B 753 -0.36 -8.42 3.35
N GLN B 754 -1.51 -8.10 3.98
CA GLN B 754 -2.49 -9.14 4.38
C GLN B 754 -3.78 -8.52 4.95
N ARG B 755 -4.45 -7.61 4.25
CA ARG B 755 -5.70 -7.03 4.82
C ARG B 755 -6.54 -6.26 3.78
N ASN B 756 -7.85 -6.20 4.00
CA ASN B 756 -8.86 -5.55 3.12
C ASN B 756 -9.05 -6.31 1.80
N GLY B 757 -8.75 -5.65 0.67
CA GLY B 757 -8.88 -6.24 -0.68
C GLY B 757 -9.34 -5.20 -1.70
N VAL B 758 -8.59 -5.04 -2.80
CA VAL B 758 -8.98 -4.06 -3.82
C VAL B 758 -9.58 -4.77 -5.04
N LYS B 759 -10.80 -4.36 -5.42
CA LYS B 759 -11.56 -4.85 -6.57
C LYS B 759 -11.91 -3.69 -7.51
N ILE B 760 -12.57 -3.96 -8.67
CA ILE B 760 -12.92 -2.93 -9.68
C ILE B 760 -13.76 -1.78 -9.06
N SER B 761 -14.84 -2.10 -8.34
CA SER B 761 -15.74 -1.13 -7.70
C SER B 761 -15.09 -0.24 -6.62
N THR B 762 -13.94 -0.67 -6.04
CA THR B 762 -13.21 0.10 -5.01
C THR B 762 -12.02 0.85 -5.62
N LEU B 763 -11.65 0.52 -6.89
CA LEU B 763 -10.56 1.17 -7.64
C LEU B 763 -10.94 2.62 -7.92
N GLU B 764 -10.05 3.54 -7.54
CA GLU B 764 -10.18 5.00 -7.65
C GLU B 764 -9.37 5.51 -8.83
N SER B 765 -10.02 6.21 -9.78
CA SER B 765 -9.31 6.76 -10.93
C SER B 765 -8.75 8.14 -10.65
N GLN B 766 -7.47 8.35 -11.02
CA GLN B 766 -6.79 9.65 -10.93
C GLN B 766 -6.30 10.10 -12.32
N ALA B 767 -6.82 9.42 -13.37
CA ALA B 767 -6.52 9.68 -14.78
C ALA B 767 -7.08 11.04 -15.22
N THR B 768 -6.33 11.75 -16.08
CA THR B 768 -6.71 13.06 -16.62
C THR B 768 -6.65 13.06 -18.15
N ASP B 769 -6.70 11.86 -18.76
CA ASP B 769 -6.59 11.67 -20.20
C ASP B 769 -7.94 11.55 -20.94
N GLY B 770 -8.99 12.06 -20.30
CA GLY B 770 -10.33 12.10 -20.86
C GLY B 770 -11.25 10.96 -20.51
N PHE B 771 -10.87 10.11 -19.53
CA PHE B 771 -11.69 8.96 -19.13
C PHE B 771 -11.91 8.96 -17.62
N ALA B 772 -13.17 8.76 -17.18
CA ALA B 772 -13.54 8.67 -15.77
C ALA B 772 -13.04 7.35 -15.17
N ASN B 773 -12.75 6.34 -16.01
CA ASN B 773 -12.22 5.03 -15.60
C ASN B 773 -10.69 5.00 -15.73
N SER B 774 -10.03 4.12 -14.96
CA SER B 774 -8.57 3.90 -14.99
C SER B 774 -8.32 2.38 -15.16
N LEU B 775 -9.26 1.71 -15.85
CA LEU B 775 -9.31 0.27 -16.01
C LEU B 775 -9.11 -0.19 -17.46
N LEU B 776 -9.71 0.54 -18.42
CA LEU B 776 -9.71 0.15 -19.82
C LEU B 776 -8.72 0.91 -20.65
N ASN B 777 -7.94 0.17 -21.46
CA ASN B 777 -6.98 0.80 -22.35
C ASN B 777 -7.66 1.25 -23.64
N PHE B 778 -7.09 2.25 -24.29
CA PHE B 778 -7.62 2.84 -25.51
C PHE B 778 -6.46 3.19 -26.43
N GLY B 779 -6.65 2.97 -27.72
CA GLY B 779 -5.64 3.24 -28.74
C GLY B 779 -6.21 4.07 -29.86
N THR B 780 -5.45 5.10 -30.29
CA THR B 780 -5.89 6.02 -31.33
C THR B 780 -4.71 6.56 -32.16
N GLY B 781 -5.04 7.03 -33.35
CA GLY B 781 -4.13 7.71 -34.26
C GLY B 781 -3.00 6.89 -34.86
N LEU B 782 -3.33 5.75 -35.49
CA LEU B 782 -2.27 4.99 -36.14
C LEU B 782 -1.81 5.74 -37.40
N LYS B 783 -0.51 6.00 -37.50
CA LYS B 783 0.09 6.67 -38.64
C LYS B 783 1.42 6.05 -38.95
N ALA B 784 1.59 5.65 -40.21
CA ALA B 784 2.84 5.07 -40.69
C ALA B 784 3.75 6.19 -41.18
N GLY B 785 5.03 5.89 -41.29
CA GLY B 785 6.02 6.84 -41.77
C GLY B 785 7.32 6.21 -42.21
N VAL B 786 7.82 6.62 -43.40
CA VAL B 786 9.10 6.15 -43.94
C VAL B 786 10.21 7.03 -43.36
N ASP B 787 11.17 6.40 -42.65
CA ASP B 787 12.30 7.07 -42.02
C ASP B 787 13.13 7.83 -43.07
N PRO B 788 13.32 9.16 -42.91
CA PRO B 788 14.09 9.92 -43.93
C PRO B 788 15.59 9.63 -43.93
N ALA B 789 16.13 9.17 -42.78
CA ALA B 789 17.55 8.87 -42.58
C ALA B 789 18.04 7.80 -43.56
N PRO B 790 19.23 7.97 -44.18
CA PRO B 790 19.71 6.96 -45.15
C PRO B 790 20.12 5.64 -44.50
N VAL B 791 19.81 4.52 -45.17
CA VAL B 791 20.17 3.18 -44.71
C VAL B 791 21.37 2.63 -45.52
N ALA B 792 21.94 1.50 -45.06
CA ALA B 792 23.10 0.83 -45.66
C ALA B 792 22.85 0.44 -47.12
N ARG B 793 23.96 0.29 -47.89
CA ARG B 793 23.96 -0.09 -49.31
C ARG B 793 23.22 -1.41 -49.54
N GLY B 794 22.25 -1.39 -50.44
CA GLY B 794 21.45 -2.56 -50.82
C GLY B 794 20.27 -2.89 -49.92
N HIS B 795 19.84 -1.94 -49.07
CA HIS B 795 18.72 -2.13 -48.17
C HIS B 795 17.65 -1.06 -48.40
N LYS B 796 16.37 -1.47 -48.34
CA LYS B 796 15.20 -0.60 -48.54
C LYS B 796 15.06 0.39 -47.38
N PRO B 797 14.48 1.61 -47.59
CA PRO B 797 14.33 2.56 -46.46
C PRO B 797 13.32 2.06 -45.42
N ASN B 798 13.69 2.16 -44.12
CA ASN B 798 12.89 1.72 -42.98
C ASN B 798 11.60 2.50 -42.82
N TYR B 799 10.60 1.84 -42.23
CA TYR B 799 9.31 2.45 -41.94
C TYR B 799 8.70 1.87 -40.67
N SER B 800 7.98 2.73 -39.96
CA SER B 800 7.33 2.39 -38.71
C SER B 800 5.99 3.04 -38.64
N ALA B 801 5.11 2.50 -37.80
CA ALA B 801 3.80 3.09 -37.54
C ALA B 801 3.75 3.41 -36.08
N VAL B 802 3.16 4.54 -35.73
CA VAL B 802 3.03 4.89 -34.33
C VAL B 802 1.57 5.12 -33.98
N LEU B 803 1.23 4.97 -32.71
CA LEU B 803 -0.10 5.21 -32.18
C LEU B 803 -0.02 5.60 -30.71
N LEU B 804 -1.02 6.34 -30.25
CA LEU B 804 -1.11 6.78 -28.87
C LEU B 804 -2.08 5.90 -28.12
N VAL B 805 -1.67 5.46 -26.93
CA VAL B 805 -2.44 4.65 -25.99
C VAL B 805 -2.45 5.34 -24.63
N ARG B 806 -3.26 4.85 -23.68
CA ARG B 806 -3.30 5.45 -22.35
C ARG B 806 -1.95 5.24 -21.65
N GLY B 807 -1.30 6.36 -21.34
CA GLY B 807 -0.02 6.35 -20.64
C GLY B 807 1.25 6.47 -21.47
N GLY B 808 1.16 6.24 -22.78
CA GLY B 808 2.33 6.32 -23.63
C GLY B 808 2.12 6.12 -25.12
N VAL B 809 3.25 6.12 -25.86
CA VAL B 809 3.28 5.95 -27.30
C VAL B 809 3.78 4.53 -27.66
N VAL B 810 3.14 3.92 -28.65
CA VAL B 810 3.53 2.59 -29.12
C VAL B 810 4.01 2.71 -30.57
N ARG B 811 5.21 2.17 -30.81
CA ARG B 811 5.86 2.14 -32.11
C ARG B 811 5.85 0.72 -32.64
N LEU B 812 5.49 0.58 -33.92
CA LEU B 812 5.43 -0.71 -34.61
C LEU B 812 6.48 -0.71 -35.71
N ASN B 813 7.44 -1.65 -35.60
CA ASN B 813 8.58 -1.76 -36.51
C ASN B 813 8.44 -2.89 -37.51
N PHE B 814 8.87 -2.62 -38.76
CA PHE B 814 8.79 -3.56 -39.88
C PHE B 814 10.11 -3.72 -40.62
N ASN B 815 10.29 -4.86 -41.29
CA ASN B 815 11.45 -5.17 -42.12
C ASN B 815 11.14 -4.65 -43.54
N PRO B 816 11.83 -3.59 -44.02
CA PRO B 816 11.48 -3.05 -45.36
C PRO B 816 11.93 -3.90 -46.55
N ASP B 817 12.87 -4.84 -46.34
CA ASP B 817 13.38 -5.71 -47.38
C ASP B 817 12.43 -6.88 -47.68
N THR B 818 11.51 -7.21 -46.73
CA THR B 818 10.54 -8.31 -46.86
C THR B 818 9.08 -7.85 -46.71
N ASP B 819 8.86 -6.63 -46.17
CA ASP B 819 7.56 -6.03 -45.90
C ASP B 819 6.75 -6.90 -44.93
N LYS B 820 7.44 -7.30 -43.86
CA LYS B 820 6.95 -8.15 -42.76
C LYS B 820 7.30 -7.46 -41.42
N LEU B 821 6.80 -8.02 -40.30
CA LEU B 821 7.06 -7.51 -38.96
C LEU B 821 8.55 -7.69 -38.62
N LEU B 822 9.18 -6.70 -37.95
CA LEU B 822 10.60 -6.77 -37.59
C LEU B 822 10.85 -7.83 -36.50
N ASP B 823 11.66 -8.85 -36.84
CA ASP B 823 11.99 -9.96 -35.93
C ASP B 823 13.51 -10.14 -35.79
N SER B 824 13.98 -10.50 -34.58
CA SER B 824 15.41 -10.75 -34.29
C SER B 824 15.74 -12.25 -34.37
N THR B 825 17.04 -12.61 -34.31
CA THR B 825 17.55 -13.99 -34.37
C THR B 825 16.91 -14.89 -33.29
N ASP B 826 16.91 -14.44 -32.01
CA ASP B 826 16.33 -15.21 -30.91
C ASP B 826 14.94 -14.73 -30.54
N LYS B 827 14.05 -15.68 -30.23
CA LYS B 827 12.68 -15.42 -29.84
C LYS B 827 12.53 -15.36 -28.30
N ASN B 828 13.64 -15.59 -27.57
CA ASN B 828 13.74 -15.51 -26.10
C ASN B 828 13.61 -14.03 -25.70
N SER B 829 14.27 -13.14 -26.46
CA SER B 829 14.23 -11.68 -26.26
C SER B 829 12.87 -11.13 -26.71
N GLU B 830 12.45 -9.99 -26.11
CA GLU B 830 11.17 -9.34 -26.39
C GLU B 830 11.02 -8.99 -27.88
N PRO B 831 9.79 -9.03 -28.46
CA PRO B 831 9.66 -8.72 -29.89
C PRO B 831 10.14 -7.31 -30.22
N ILE B 832 10.99 -7.20 -31.27
CA ILE B 832 11.55 -5.92 -31.70
C ILE B 832 10.55 -5.15 -32.62
N SER B 833 9.40 -5.78 -32.95
CA SER B 833 8.31 -5.24 -33.77
C SER B 833 7.37 -4.33 -32.96
N PHE B 834 7.39 -4.47 -31.63
CA PHE B 834 6.55 -3.70 -30.70
C PHE B 834 7.40 -2.98 -29.67
N SER B 835 7.05 -1.72 -29.40
CA SER B 835 7.69 -0.87 -28.40
C SER B 835 6.66 0.06 -27.75
N TYR B 836 6.68 0.18 -26.43
CA TYR B 836 5.81 1.08 -25.68
C TYR B 836 6.69 1.96 -24.79
N THR B 837 6.60 3.28 -24.99
CA THR B 837 7.36 4.24 -24.19
C THR B 837 6.37 5.11 -23.42
N PRO B 838 6.38 5.08 -22.07
CA PRO B 838 5.41 5.90 -21.31
C PRO B 838 5.66 7.39 -21.48
N PHE B 839 4.60 8.17 -21.68
CA PHE B 839 4.77 9.61 -21.80
C PHE B 839 4.66 10.32 -20.43
N GLY B 840 5.14 11.56 -20.35
CA GLY B 840 5.14 12.36 -19.14
C GLY B 840 3.77 12.82 -18.65
N SER B 841 3.77 13.51 -17.50
CA SER B 841 2.57 14.05 -16.86
C SER B 841 1.83 15.08 -17.73
N ALA B 842 2.60 15.89 -18.50
CA ALA B 842 2.09 16.92 -19.40
C ALA B 842 1.24 16.34 -20.54
N GLU B 843 1.63 15.16 -21.04
CA GLU B 843 0.94 14.47 -22.14
C GLU B 843 -0.15 13.54 -21.63
N SER B 844 -0.09 13.17 -20.33
CA SER B 844 -1.09 12.35 -19.64
C SER B 844 -2.31 13.23 -19.31
N ALA B 845 -2.15 14.56 -19.42
CA ALA B 845 -3.17 15.57 -19.18
C ALA B 845 -4.03 15.81 -20.44
N VAL B 846 -3.54 15.33 -21.60
CA VAL B 846 -4.18 15.45 -22.92
C VAL B 846 -5.33 14.43 -23.04
N ASP B 847 -6.52 14.89 -23.48
CA ASP B 847 -7.71 14.08 -23.72
C ASP B 847 -7.48 13.31 -25.02
N LEU B 848 -7.25 11.99 -24.91
CA LEU B 848 -6.99 11.14 -26.06
C LEU B 848 -8.21 10.91 -26.97
N THR B 849 -9.43 11.23 -26.48
CA THR B 849 -10.67 11.06 -27.25
C THR B 849 -10.90 12.25 -28.20
N THR B 850 -10.15 13.35 -28.01
CA THR B 850 -10.32 14.58 -28.78
C THR B 850 -9.38 14.72 -29.98
N LEU B 851 -8.66 13.63 -30.36
CA LEU B 851 -7.74 13.67 -31.50
C LEU B 851 -8.45 14.08 -32.79
N LYS B 852 -8.00 15.17 -33.40
CA LYS B 852 -8.59 15.73 -34.62
C LYS B 852 -7.89 15.27 -35.87
N ASP B 853 -6.54 15.18 -35.83
CA ASP B 853 -5.71 14.86 -36.99
C ASP B 853 -4.33 14.33 -36.57
N VAL B 854 -3.74 13.50 -37.44
CA VAL B 854 -2.38 12.95 -37.30
C VAL B 854 -1.69 13.22 -38.63
N THR B 855 -0.46 13.75 -38.56
CA THR B 855 0.35 14.09 -39.73
C THR B 855 1.76 13.57 -39.56
N TYR B 856 2.37 13.09 -40.65
CA TYR B 856 3.75 12.65 -40.67
C TYR B 856 4.49 13.56 -41.65
N ILE B 857 5.62 14.14 -41.21
CA ILE B 857 6.44 15.02 -42.05
C ILE B 857 7.66 14.25 -42.53
N ALA B 858 7.62 13.85 -43.82
CA ALA B 858 8.62 13.02 -44.49
C ALA B 858 10.06 13.43 -44.29
N GLU B 859 10.38 14.74 -44.50
CA GLU B 859 11.72 15.32 -44.39
C GLU B 859 12.30 15.31 -42.99
N SER B 860 11.46 15.47 -41.95
CA SER B 860 11.91 15.47 -40.55
C SER B 860 11.72 14.12 -39.84
N GLY B 861 10.84 13.28 -40.38
CA GLY B 861 10.50 11.97 -39.82
C GLY B 861 9.71 12.04 -38.54
N LEU B 862 8.95 13.15 -38.36
CA LEU B 862 8.18 13.42 -37.16
C LEU B 862 6.69 13.35 -37.39
N TRP B 863 5.99 12.78 -36.41
CA TRP B 863 4.54 12.66 -36.37
C TRP B 863 4.02 13.82 -35.50
N PHE B 864 2.88 14.41 -35.89
CA PHE B 864 2.24 15.51 -35.17
C PHE B 864 0.78 15.16 -34.90
N TYR B 865 0.43 15.00 -33.61
CA TYR B 865 -0.91 14.64 -33.15
C TYR B 865 -1.63 15.89 -32.67
N THR B 866 -2.67 16.33 -33.43
CA THR B 866 -3.46 17.53 -33.16
C THR B 866 -4.76 17.16 -32.43
N PHE B 867 -4.92 17.65 -31.18
CA PHE B 867 -6.06 17.41 -30.29
C PHE B 867 -6.92 18.66 -30.20
N ASP B 868 -8.23 18.53 -30.50
CA ASP B 868 -9.20 19.62 -30.48
C ASP B 868 -10.23 19.47 -29.33
N ASN B 869 -10.20 20.39 -28.35
CA ASN B 869 -11.11 20.40 -27.20
C ASN B 869 -12.60 20.47 -27.58
N GLY B 870 -12.89 20.93 -28.80
CA GLY B 870 -14.24 21.02 -29.34
C GLY B 870 -14.85 19.67 -29.66
N GLU B 871 -13.98 18.63 -29.70
CA GLU B 871 -14.35 17.24 -29.95
C GLU B 871 -14.91 16.57 -28.67
N LYS B 872 -14.92 17.27 -27.52
CA LYS B 872 -15.48 16.80 -26.24
C LYS B 872 -17.01 16.81 -26.28
N PRO B 873 -17.74 15.96 -25.50
CA PRO B 873 -19.21 16.03 -25.50
C PRO B 873 -19.70 17.35 -24.90
N THR B 874 -20.92 17.78 -25.24
CA THR B 874 -21.48 19.05 -24.73
C THR B 874 -21.84 18.99 -23.23
N TYR B 875 -22.33 17.84 -22.77
CA TYR B 875 -22.72 17.61 -21.36
C TYR B 875 -22.15 16.30 -20.84
N ASP B 876 -21.83 16.26 -19.54
CA ASP B 876 -21.28 15.07 -18.88
C ASP B 876 -22.40 14.06 -18.48
N GLY B 877 -22.02 12.98 -17.79
CA GLY B 877 -22.94 11.94 -17.33
C GLY B 877 -23.99 12.45 -16.36
N LYS B 878 -23.65 13.49 -15.58
CA LYS B 878 -24.53 14.12 -14.61
C LYS B 878 -25.28 15.33 -15.24
N GLN B 879 -25.31 15.38 -16.59
CA GLN B 879 -25.97 16.38 -17.45
C GLN B 879 -25.59 17.84 -17.12
N GLN B 880 -24.30 18.05 -16.82
CA GLN B 880 -23.72 19.35 -16.53
C GLN B 880 -22.87 19.74 -17.73
N GLN B 881 -22.83 21.04 -18.08
CA GLN B 881 -22.04 21.57 -19.20
C GLN B 881 -20.56 21.19 -19.03
N VAL B 882 -19.93 20.72 -20.12
CA VAL B 882 -18.54 20.29 -20.05
C VAL B 882 -17.59 21.50 -20.07
N LYS B 883 -16.67 21.52 -19.09
CA LYS B 883 -15.65 22.54 -18.91
C LYS B 883 -14.54 22.35 -19.96
N ASN B 884 -14.02 23.47 -20.47
CA ASN B 884 -12.96 23.59 -21.48
C ASN B 884 -13.20 22.77 -22.75
N ARG B 885 -14.21 23.19 -23.53
CA ARG B 885 -14.54 22.61 -24.84
C ARG B 885 -13.94 23.55 -25.90
N LYS B 886 -13.06 24.43 -25.43
CA LYS B 886 -12.35 25.45 -26.19
C LYS B 886 -10.86 25.18 -26.06
N GLY B 887 -10.17 25.28 -27.18
CA GLY B 887 -8.73 25.07 -27.18
C GLY B 887 -8.27 23.89 -28.01
N TYR B 888 -6.97 23.64 -27.94
CA TYR B 888 -6.28 22.59 -28.67
C TYR B 888 -4.94 22.29 -28.01
N ALA B 889 -4.35 21.13 -28.34
CA ALA B 889 -3.03 20.71 -27.87
C ALA B 889 -2.38 19.87 -28.95
N VAL B 890 -1.04 19.91 -29.06
CA VAL B 890 -0.32 19.16 -30.10
C VAL B 890 0.84 18.35 -29.50
N ILE B 891 0.90 17.06 -29.84
CA ILE B 891 1.97 16.16 -29.41
C ILE B 891 2.88 15.83 -30.61
N THR B 892 4.19 15.83 -30.39
CA THR B 892 5.18 15.45 -31.40
C THR B 892 5.73 14.08 -31.05
N VAL B 893 5.76 13.17 -32.03
CA VAL B 893 6.33 11.84 -31.84
C VAL B 893 7.60 11.71 -32.68
N SER B 894 8.72 11.35 -32.02
CA SER B 894 10.02 11.20 -32.68
C SER B 894 10.58 9.81 -32.48
N ARG B 895 11.44 9.36 -33.39
CA ARG B 895 12.10 8.05 -33.30
C ARG B 895 13.26 8.11 -32.30
N THR B 896 13.48 7.01 -31.56
CA THR B 896 14.59 6.85 -30.60
C THR B 896 15.19 5.45 -30.75
N GLY B 897 16.47 5.33 -30.41
CA GLY B 897 17.20 4.06 -30.45
C GLY B 897 17.87 3.75 -31.77
N ILE B 898 18.60 2.61 -31.81
CA ILE B 898 19.32 2.10 -32.97
C ILE B 898 18.28 1.64 -34.01
N GLU B 899 18.51 2.00 -35.29
CA GLU B 899 17.62 1.65 -36.39
C GLU B 899 18.17 0.48 -37.22
N PHE B 900 17.28 -0.21 -37.96
CA PHE B 900 17.61 -1.35 -38.82
C PHE B 900 18.51 -0.92 -39.98
N ASN B 901 19.66 -1.60 -40.16
CA ASN B 901 20.68 -1.31 -41.17
C ASN B 901 21.22 0.15 -41.07
N GLU B 902 21.30 0.71 -39.84
CA GLU B 902 21.79 2.06 -39.54
C GLU B 902 23.24 2.22 -40.07
N ASP B 903 24.02 1.13 -39.96
CA ASP B 903 25.39 1.03 -40.41
C ASP B 903 25.52 -0.17 -41.37
N ALA B 904 26.71 -0.34 -41.96
CA ALA B 904 27.00 -1.41 -42.91
C ALA B 904 26.90 -2.82 -42.29
N ASN B 905 27.24 -2.94 -40.99
CA ASN B 905 27.23 -4.23 -40.29
C ASN B 905 26.04 -4.40 -39.31
N THR B 906 24.98 -3.57 -39.44
CA THR B 906 23.80 -3.66 -38.59
C THR B 906 22.89 -4.80 -39.08
N THR B 907 23.20 -6.04 -38.63
CA THR B 907 22.46 -7.25 -38.97
C THR B 907 21.15 -7.34 -38.15
N THR B 908 21.18 -8.10 -37.01
CA THR B 908 20.03 -8.28 -36.10
C THR B 908 20.05 -7.24 -34.98
N LEU B 909 18.86 -6.83 -34.54
CA LEU B 909 18.70 -5.83 -33.49
C LEU B 909 18.29 -6.48 -32.17
N SER B 910 19.01 -6.14 -31.08
CA SER B 910 18.77 -6.67 -29.74
C SER B 910 17.61 -5.98 -29.03
N GLN B 911 17.51 -4.64 -29.20
CA GLN B 911 16.48 -3.80 -28.62
C GLN B 911 15.49 -3.33 -29.68
N ALA B 912 14.20 -3.18 -29.30
CA ALA B 912 13.14 -2.72 -30.20
C ALA B 912 13.29 -1.21 -30.43
N PRO B 913 13.35 -0.71 -31.69
CA PRO B 913 13.42 0.75 -31.90
C PRO B 913 12.15 1.41 -31.33
N ALA B 914 12.35 2.42 -30.48
CA ALA B 914 11.26 3.09 -29.77
C ALA B 914 10.89 4.48 -30.31
N ALA B 915 9.79 5.02 -29.78
CA ALA B 915 9.25 6.33 -30.11
C ALA B 915 9.25 7.21 -28.85
N LEU B 916 9.09 8.53 -29.03
CA LEU B 916 9.07 9.48 -27.93
C LEU B 916 7.98 10.52 -28.19
N ALA B 917 6.98 10.59 -27.30
CA ALA B 917 5.85 11.51 -27.40
C ALA B 917 5.99 12.65 -26.42
N VAL B 918 5.88 13.90 -26.92
CA VAL B 918 5.99 15.12 -26.10
C VAL B 918 5.04 16.22 -26.56
N GLN B 919 4.48 16.98 -25.60
CA GLN B 919 3.64 18.15 -25.85
C GLN B 919 4.64 19.20 -26.38
N ASN B 920 4.52 19.57 -27.66
CA ASN B 920 5.50 20.43 -28.35
C ASN B 920 5.46 21.94 -28.07
N GLY B 921 4.45 22.42 -27.36
CA GLY B 921 4.35 23.84 -27.07
C GLY B 921 3.24 24.54 -27.83
N ILE B 922 2.58 23.82 -28.76
CA ILE B 922 1.42 24.34 -29.48
C ILE B 922 0.23 23.88 -28.66
N ALA B 923 -0.28 24.78 -27.82
CA ALA B 923 -1.42 24.53 -26.96
C ALA B 923 -2.12 25.84 -26.65
N SER B 924 -3.43 25.75 -26.37
CA SER B 924 -4.31 26.85 -26.00
C SER B 924 -5.56 26.27 -25.36
N SER B 925 -6.26 27.10 -24.60
CA SER B 925 -7.49 26.74 -23.91
C SER B 925 -8.54 27.81 -24.19
N GLN B 926 -8.19 28.78 -25.04
CA GLN B 926 -8.96 29.98 -25.34
C GLN B 926 -9.71 30.02 -26.68
N ASP B 927 -9.15 29.44 -27.77
CA ASP B 927 -9.78 29.54 -29.08
C ASP B 927 -10.18 28.22 -29.72
N ASP B 928 -11.08 28.28 -30.74
CA ASP B 928 -11.56 27.13 -31.52
C ASP B 928 -10.69 26.93 -32.76
N LEU B 929 -9.88 25.86 -32.74
CA LEU B 929 -8.93 25.51 -33.79
C LEU B 929 -9.55 25.23 -35.14
N THR B 930 -8.95 25.82 -36.19
CA THR B 930 -9.31 25.58 -37.59
C THR B 930 -8.33 24.53 -38.11
N GLY B 931 -7.06 24.66 -37.75
CA GLY B 931 -6.02 23.73 -38.19
C GLY B 931 -4.61 24.30 -38.13
N ILE B 932 -3.61 23.45 -38.43
CA ILE B 932 -2.19 23.78 -38.41
C ILE B 932 -1.53 23.55 -39.78
N LEU B 933 -0.86 24.58 -40.32
CA LEU B 933 -0.17 24.51 -41.60
C LEU B 933 1.34 24.40 -41.42
N PRO B 934 2.00 23.33 -41.90
CA PRO B 934 3.46 23.27 -41.79
C PRO B 934 4.09 24.11 -42.89
N LEU B 935 4.25 25.43 -42.62
CA LEU B 935 4.78 26.43 -43.55
C LEU B 935 6.17 26.11 -44.07
N SER B 936 7.00 25.47 -43.23
CA SER B 936 8.37 25.05 -43.52
C SER B 936 8.88 24.13 -42.41
N ASP B 937 10.13 23.65 -42.56
CA ASP B 937 10.81 22.81 -41.58
C ASP B 937 11.05 23.62 -40.30
N GLU B 938 11.18 24.96 -40.44
CA GLU B 938 11.44 25.93 -39.37
C GLU B 938 10.19 26.59 -38.77
N PHE B 939 9.08 26.70 -39.53
CA PHE B 939 7.87 27.38 -39.05
C PHE B 939 6.55 26.67 -39.32
N SER B 940 5.57 26.90 -38.44
CA SER B 940 4.22 26.37 -38.55
C SER B 940 3.19 27.43 -38.16
N ALA B 941 2.03 27.42 -38.81
CA ALA B 941 0.94 28.36 -38.57
C ALA B 941 -0.24 27.67 -37.95
N VAL B 942 -0.88 28.32 -36.97
CA VAL B 942 -2.08 27.81 -36.31
C VAL B 942 -3.24 28.77 -36.60
N ILE B 943 -4.25 28.27 -37.30
CA ILE B 943 -5.43 29.06 -37.64
C ILE B 943 -6.50 28.78 -36.57
N THR B 944 -7.03 29.85 -35.98
CA THR B 944 -8.05 29.74 -34.93
C THR B 944 -9.29 30.60 -35.23
N LYS B 945 -10.33 30.42 -34.39
CA LYS B 945 -11.61 31.11 -34.46
C LYS B 945 -11.95 31.68 -33.08
N ASP B 946 -12.47 32.91 -33.06
CA ASP B 946 -12.88 33.64 -31.86
C ASP B 946 -13.91 34.70 -32.29
N GLN B 947 -13.44 35.68 -33.07
CA GLN B 947 -14.20 36.77 -33.69
C GLN B 947 -13.54 36.97 -35.08
N THR B 948 -13.53 35.86 -35.86
CA THR B 948 -12.88 35.74 -37.17
C THR B 948 -13.85 35.41 -38.31
N TRP B 949 -13.45 35.76 -39.55
CA TRP B 949 -14.22 35.49 -40.77
C TRP B 949 -13.40 34.67 -41.80
N THR B 950 -12.06 34.67 -41.66
CA THR B 950 -11.09 33.89 -42.46
C THR B 950 -10.18 33.08 -41.52
N GLY B 951 -10.00 33.59 -40.29
CA GLY B 951 -9.22 32.96 -39.22
C GLY B 951 -8.09 33.82 -38.66
N LYS B 952 -7.84 33.70 -37.34
CA LYS B 952 -6.73 34.39 -36.66
C LYS B 952 -5.54 33.44 -36.60
N VAL B 953 -4.41 33.86 -37.19
CA VAL B 953 -3.22 33.02 -37.34
C VAL B 953 -2.16 33.28 -36.25
N ASP B 954 -1.45 32.21 -35.87
CA ASP B 954 -0.37 32.21 -34.88
C ASP B 954 0.84 31.48 -35.44
N ILE B 955 1.98 32.17 -35.50
CA ILE B 955 3.22 31.61 -36.04
C ILE B 955 4.08 31.04 -34.93
N TYR B 956 4.58 29.82 -35.11
CA TYR B 956 5.45 29.12 -34.16
C TYR B 956 6.76 28.71 -34.83
N LYS B 957 7.87 28.75 -34.07
CA LYS B 957 9.19 28.39 -34.57
C LYS B 957 9.58 26.97 -34.15
N ASN B 958 9.71 26.06 -35.14
CA ASN B 958 10.07 24.65 -35.01
C ASN B 958 11.56 24.44 -34.75
N THR B 959 11.88 23.54 -33.79
CA THR B 959 13.24 23.20 -33.39
C THR B 959 13.28 21.66 -33.20
N ASN B 960 13.28 20.92 -34.33
CA ASN B 960 13.27 19.44 -34.44
C ASN B 960 12.05 18.81 -33.72
N GLY B 961 10.90 19.50 -33.82
CA GLY B 961 9.65 19.10 -33.20
C GLY B 961 9.23 19.93 -32.00
N LEU B 962 10.09 20.89 -31.56
CA LEU B 962 9.85 21.78 -30.42
C LEU B 962 9.51 23.22 -30.86
N PHE B 963 8.30 23.70 -30.50
CA PHE B 963 7.77 25.01 -30.91
C PHE B 963 7.72 26.09 -29.83
N GLU B 964 7.79 27.35 -30.28
CA GLU B 964 7.70 28.57 -29.49
C GLU B 964 7.07 29.65 -30.37
N LYS B 965 6.04 30.33 -29.87
CA LYS B 965 5.30 31.37 -30.57
C LYS B 965 6.18 32.57 -30.94
N ASP B 966 6.07 33.04 -32.19
CA ASP B 966 6.79 34.21 -32.68
C ASP B 966 5.79 35.37 -32.65
N ASP B 967 5.84 36.19 -31.58
CA ASP B 967 4.95 37.33 -31.34
C ASP B 967 4.98 38.36 -32.47
N GLN B 968 6.18 38.61 -33.02
CA GLN B 968 6.43 39.56 -34.12
C GLN B 968 5.66 39.21 -35.38
N LEU B 969 5.81 37.95 -35.85
CA LEU B 969 5.15 37.44 -37.06
C LEU B 969 3.68 37.15 -36.82
N SER B 970 3.29 36.71 -35.60
CA SER B 970 1.89 36.42 -35.28
C SER B 970 1.04 37.68 -35.34
N GLU B 971 1.59 38.81 -34.84
CA GLU B 971 0.91 40.11 -34.87
C GLU B 971 0.97 40.69 -36.27
N ASN B 972 1.94 40.25 -37.08
CA ASN B 972 2.13 40.70 -38.46
C ASN B 972 1.07 40.16 -39.41
N VAL B 973 0.72 38.85 -39.31
CA VAL B 973 -0.31 38.23 -40.15
C VAL B 973 -1.70 38.81 -39.82
N LYS B 974 -1.92 39.18 -38.54
CA LYS B 974 -3.17 39.72 -38.02
C LYS B 974 -3.62 41.04 -38.68
N ARG B 975 -2.77 42.09 -38.73
CA ARG B 975 -3.19 43.34 -39.41
C ARG B 975 -3.07 43.20 -40.94
N ARG B 976 -4.01 42.43 -41.53
CA ARG B 976 -4.08 42.15 -42.98
C ARG B 976 -5.42 42.60 -43.57
#